data_3IY5
# 
_entry.id   3IY5 
# 
_audit_conform.dict_name       mmcif_pdbx.dic 
_audit_conform.dict_version    5.398 
_audit_conform.dict_location   http://mmcif.pdb.org/dictionaries/ascii/mmcif_pdbx.dic 
# 
loop_
_database_2.database_id 
_database_2.database_code 
_database_2.pdbx_database_accession 
_database_2.pdbx_DOI 
PDB   3IY5         pdb_00003iy5 10.2210/pdb3iy5/pdb 
RCSB  RCSB160011   ?            ?                   
WWPDB D_1000160011 ?            ?                   
# 
loop_
_pdbx_audit_revision_history.ordinal 
_pdbx_audit_revision_history.data_content_type 
_pdbx_audit_revision_history.major_revision 
_pdbx_audit_revision_history.minor_revision 
_pdbx_audit_revision_history.revision_date 
1 'Structure model' 1 0 2009-05-12 
2 'Structure model' 1 1 2011-07-13 
3 'Structure model' 1 2 2018-07-18 
4 'Structure model' 1 3 2024-11-06 
# 
_pdbx_audit_revision_details.ordinal             1 
_pdbx_audit_revision_details.revision_ordinal    1 
_pdbx_audit_revision_details.data_content_type   'Structure model' 
_pdbx_audit_revision_details.provider            repository 
_pdbx_audit_revision_details.type                'Initial release' 
_pdbx_audit_revision_details.description         ? 
_pdbx_audit_revision_details.details             ? 
# 
loop_
_pdbx_audit_revision_group.ordinal 
_pdbx_audit_revision_group.revision_ordinal 
_pdbx_audit_revision_group.data_content_type 
_pdbx_audit_revision_group.group 
1 2 'Structure model' 'Version format compliance' 
2 3 'Structure model' 'Data collection'           
3 4 'Structure model' 'Data collection'           
4 4 'Structure model' 'Database references'       
5 4 'Structure model' 'Refinement description'    
6 4 'Structure model' 'Structure summary'         
# 
loop_
_pdbx_audit_revision_category.ordinal 
_pdbx_audit_revision_category.revision_ordinal 
_pdbx_audit_revision_category.data_content_type 
_pdbx_audit_revision_category.category 
1 3 'Structure model' em_software                   
2 4 'Structure model' chem_comp_atom                
3 4 'Structure model' chem_comp_bond                
4 4 'Structure model' database_2                    
5 4 'Structure model' em_3d_fitting_list            
6 4 'Structure model' pdbx_entry_details            
7 4 'Structure model' pdbx_initial_refinement_model 
8 4 'Structure model' pdbx_modification_feature     
# 
loop_
_pdbx_audit_revision_item.ordinal 
_pdbx_audit_revision_item.revision_ordinal 
_pdbx_audit_revision_item.data_content_type 
_pdbx_audit_revision_item.item 
1 3 'Structure model' '_em_software.image_processing_id'                
2 4 'Structure model' '_database_2.pdbx_DOI'                            
3 4 'Structure model' '_database_2.pdbx_database_accession'             
4 4 'Structure model' '_em_3d_fitting_list.accession_code'              
5 4 'Structure model' '_em_3d_fitting_list.initial_refinement_model_id' 
6 4 'Structure model' '_em_3d_fitting_list.source_name'                 
7 4 'Structure model' '_em_3d_fitting_list.type'                        
# 
_pdbx_database_status.status_code                     REL 
_pdbx_database_status.entry_id                        3IY5 
_pdbx_database_status.recvd_initial_deposition_date   2009-04-09 
_pdbx_database_status.deposit_site                    RCSB 
_pdbx_database_status.process_site                    RCSB 
_pdbx_database_status.status_code_sf                  ? 
_pdbx_database_status.status_code_mr                  ? 
_pdbx_database_status.SG_entry                        ? 
_pdbx_database_status.pdb_format_compatible           Y 
_pdbx_database_status.status_code_cs                  ? 
_pdbx_database_status.methods_development_category    ? 
_pdbx_database_status.status_code_nmr_data            ? 
# 
_pdbx_database_related.db_name        EMDB 
_pdbx_database_related.db_id          EMD-5110 
_pdbx_database_related.content_type   'associated EM volume' 
_pdbx_database_related.details        
;the cryoEM reconstruction   
of the virus-Fab 16 complex
;
# 
loop_
_audit_author.name 
_audit_author.pdbx_ordinal 
'Hafenstein, S.' 1 
'Bowman, V.D.'   2 
'Sun, T.'        3 
'Nelson, C.D.'   4 
'Palermo, L.M.'  5 
'Chipman, P.R.'  6 
'Battisti, A.J.' 7 
'Parrish, C.R.'  8 
'Rossmann, M.G.' 9 
# 
_citation.id                        primary 
_citation.title                     'Structural comparison of different antibodies interacting with parvovirus capsids' 
_citation.journal_abbrev            J.Virol. 
_citation.journal_volume            83 
_citation.page_first                5556 
_citation.page_last                 5566 
_citation.year                      2009 
_citation.journal_id_ASTM           JOVIAM 
_citation.country                   US 
_citation.journal_id_ISSN           0022-538X 
_citation.journal_id_CSD            0825 
_citation.book_publisher            ? 
_citation.pdbx_database_id_PubMed   19321620 
_citation.pdbx_database_id_DOI      10.1128/JVI.02532-08 
# 
loop_
_citation_author.citation_id 
_citation_author.name 
_citation_author.ordinal 
_citation_author.identifier_ORCID 
primary 'Hafenstein, S.' 1 ? 
primary 'Bowman, V.D.'   2 ? 
primary 'Sun, T.'        3 ? 
primary 'Nelson, C.D.'   4 ? 
primary 'Palermo, L.M.'  5 ? 
primary 'Chipman, P.R.'  6 ? 
primary 'Battisti, A.J.' 7 ? 
primary 'Parrish, C.R.'  8 ? 
primary 'Rossmann, M.G.' 9 ? 
# 
loop_
_entity.id 
_entity.type 
_entity.src_method 
_entity.pdbx_description 
_entity.formula_weight 
_entity.pdbx_number_of_molecules 
_entity.pdbx_ec 
_entity.pdbx_mutation 
_entity.pdbx_fragment 
_entity.details 
1 polymer nat 'antibody fragment IGG2A (light chain)' 11631.756 1 ? ? Fab ? 
2 polymer nat 'antibody fragment IGG2A (heavy chain)' 13754.432 1 ? ? ?   ? 
# 
loop_
_entity_poly.entity_id 
_entity_poly.type 
_entity_poly.nstd_linkage 
_entity_poly.nstd_monomer 
_entity_poly.pdbx_seq_one_letter_code 
_entity_poly.pdbx_seq_one_letter_code_can 
_entity_poly.pdbx_strand_id 
_entity_poly.pdbx_target_identifier 
1 'polypeptide(L)' no no 
;DIQLTQSPAFMAASPGEKVTITCSVSSSISSSNLHWYQQKSETSPKPWIYGTSNLASGVPVRFSGSGSGTSYSLTISSME
AEDAATYYCQQWNSYPYTFGGGTKLEIK
;
;DIQLTQSPAFMAASPGEKVTITCSVSSSISSSNLHWYQQKSETSPKPWIYGTSNLASGVPVRFSGSGSGTSYSLTISSME
AEDAATYYCQQWNSYPYTFGGGTKLEIK
;
A ? 
2 'polypeptide(L)' no no 
;EVKLQESGGGLVQPGGSMKLSCVASGFTFNNYWMSWVRQSPEKGLEWVAEIRLNSDNFATHYAESVKGKFIISRDDSKSR
LYLQMNSLRAEDTGIYYCVLRPLFYYAVDYWGQGTSVTVSSA
;
;EVKLQESGGGLVQPGGSMKLSCVASGFTFNNYWMSWVRQSPEKGLEWVAEIRLNSDNFATHYAESVKGKFIISRDDSKSR
LYLQMNSLRAEDTGIYYCVLRPLFYYAVDYWGQGTSVTVSSA
;
B ? 
# 
loop_
_entity_poly_seq.entity_id 
_entity_poly_seq.num 
_entity_poly_seq.mon_id 
_entity_poly_seq.hetero 
1 1   ASP n 
1 2   ILE n 
1 3   GLN n 
1 4   LEU n 
1 5   THR n 
1 6   GLN n 
1 7   SER n 
1 8   PRO n 
1 9   ALA n 
1 10  PHE n 
1 11  MET n 
1 12  ALA n 
1 13  ALA n 
1 14  SER n 
1 15  PRO n 
1 16  GLY n 
1 17  GLU n 
1 18  LYS n 
1 19  VAL n 
1 20  THR n 
1 21  ILE n 
1 22  THR n 
1 23  CYS n 
1 24  SER n 
1 25  VAL n 
1 26  SER n 
1 27  SER n 
1 28  SER n 
1 29  ILE n 
1 30  SER n 
1 31  SER n 
1 32  SER n 
1 33  ASN n 
1 34  LEU n 
1 35  HIS n 
1 36  TRP n 
1 37  TYR n 
1 38  GLN n 
1 39  GLN n 
1 40  LYS n 
1 41  SER n 
1 42  GLU n 
1 43  THR n 
1 44  SER n 
1 45  PRO n 
1 46  LYS n 
1 47  PRO n 
1 48  TRP n 
1 49  ILE n 
1 50  TYR n 
1 51  GLY n 
1 52  THR n 
1 53  SER n 
1 54  ASN n 
1 55  LEU n 
1 56  ALA n 
1 57  SER n 
1 58  GLY n 
1 59  VAL n 
1 60  PRO n 
1 61  VAL n 
1 62  ARG n 
1 63  PHE n 
1 64  SER n 
1 65  GLY n 
1 66  SER n 
1 67  GLY n 
1 68  SER n 
1 69  GLY n 
1 70  THR n 
1 71  SER n 
1 72  TYR n 
1 73  SER n 
1 74  LEU n 
1 75  THR n 
1 76  ILE n 
1 77  SER n 
1 78  SER n 
1 79  MET n 
1 80  GLU n 
1 81  ALA n 
1 82  GLU n 
1 83  ASP n 
1 84  ALA n 
1 85  ALA n 
1 86  THR n 
1 87  TYR n 
1 88  TYR n 
1 89  CYS n 
1 90  GLN n 
1 91  GLN n 
1 92  TRP n 
1 93  ASN n 
1 94  SER n 
1 95  TYR n 
1 96  PRO n 
1 97  TYR n 
1 98  THR n 
1 99  PHE n 
1 100 GLY n 
1 101 GLY n 
1 102 GLY n 
1 103 THR n 
1 104 LYS n 
1 105 LEU n 
1 106 GLU n 
1 107 ILE n 
1 108 LYS n 
2 1   GLU n 
2 2   VAL n 
2 3   LYS n 
2 4   LEU n 
2 5   GLN n 
2 6   GLU n 
2 7   SER n 
2 8   GLY n 
2 9   GLY n 
2 10  GLY n 
2 11  LEU n 
2 12  VAL n 
2 13  GLN n 
2 14  PRO n 
2 15  GLY n 
2 16  GLY n 
2 17  SER n 
2 18  MET n 
2 19  LYS n 
2 20  LEU n 
2 21  SER n 
2 22  CYS n 
2 23  VAL n 
2 24  ALA n 
2 25  SER n 
2 26  GLY n 
2 27  PHE n 
2 28  THR n 
2 29  PHE n 
2 30  ASN n 
2 31  ASN n 
2 32  TYR n 
2 33  TRP n 
2 34  MET n 
2 35  SER n 
2 36  TRP n 
2 37  VAL n 
2 38  ARG n 
2 39  GLN n 
2 40  SER n 
2 41  PRO n 
2 42  GLU n 
2 43  LYS n 
2 44  GLY n 
2 45  LEU n 
2 46  GLU n 
2 47  TRP n 
2 48  VAL n 
2 49  ALA n 
2 50  GLU n 
2 51  ILE n 
2 52  ARG n 
2 53  LEU n 
2 54  ASN n 
2 55  SER n 
2 56  ASP n 
2 57  ASN n 
2 58  PHE n 
2 59  ALA n 
2 60  THR n 
2 61  HIS n 
2 62  TYR n 
2 63  ALA n 
2 64  GLU n 
2 65  SER n 
2 66  VAL n 
2 67  LYS n 
2 68  GLY n 
2 69  LYS n 
2 70  PHE n 
2 71  ILE n 
2 72  ILE n 
2 73  SER n 
2 74  ARG n 
2 75  ASP n 
2 76  ASP n 
2 77  SER n 
2 78  LYS n 
2 79  SER n 
2 80  ARG n 
2 81  LEU n 
2 82  TYR n 
2 83  LEU n 
2 84  GLN n 
2 85  MET n 
2 86  ASN n 
2 87  SER n 
2 88  LEU n 
2 89  ARG n 
2 90  ALA n 
2 91  GLU n 
2 92  ASP n 
2 93  THR n 
2 94  GLY n 
2 95  ILE n 
2 96  TYR n 
2 97  TYR n 
2 98  CYS n 
2 99  VAL n 
2 100 LEU n 
2 101 ARG n 
2 102 PRO n 
2 103 LEU n 
2 104 PHE n 
2 105 TYR n 
2 106 TYR n 
2 107 ALA n 
2 108 VAL n 
2 109 ASP n 
2 110 TYR n 
2 111 TRP n 
2 112 GLY n 
2 113 GLN n 
2 114 GLY n 
2 115 THR n 
2 116 SER n 
2 117 VAL n 
2 118 THR n 
2 119 VAL n 
2 120 SER n 
2 121 SER n 
2 122 ALA n 
# 
loop_
_entity_src_nat.entity_id 
_entity_src_nat.pdbx_src_id 
_entity_src_nat.pdbx_alt_source_flag 
_entity_src_nat.pdbx_beg_seq_num 
_entity_src_nat.pdbx_end_seq_num 
_entity_src_nat.common_name 
_entity_src_nat.pdbx_organism_scientific 
_entity_src_nat.pdbx_ncbi_taxonomy_id 
_entity_src_nat.genus 
_entity_src_nat.species 
_entity_src_nat.strain 
_entity_src_nat.tissue 
_entity_src_nat.tissue_fraction 
_entity_src_nat.pdbx_secretion 
_entity_src_nat.pdbx_fragment 
_entity_src_nat.pdbx_variant 
_entity_src_nat.pdbx_cell_line 
_entity_src_nat.pdbx_atcc 
_entity_src_nat.pdbx_cellular_location 
_entity_src_nat.pdbx_organ 
_entity_src_nat.pdbx_organelle 
_entity_src_nat.pdbx_cell 
_entity_src_nat.pdbx_plasmid_name 
_entity_src_nat.pdbx_plasmid_details 
_entity_src_nat.details 
1 1 sample ? ? ? 'Mus musculus' 10090 ? ? ? ? ? ? ? ? ? ? ? ? ? ? ? ? ? 
2 1 sample ? ? ? 'Mus musculus' 10090 ? ? ? ? ? ? ? ? ? ? ? ? ? ? ? ? ? 
# 
loop_
_chem_comp.id 
_chem_comp.type 
_chem_comp.mon_nstd_flag 
_chem_comp.name 
_chem_comp.pdbx_synonyms 
_chem_comp.formula 
_chem_comp.formula_weight 
ALA 'L-peptide linking' y ALANINE         ? 'C3 H7 N O2'     89.093  
ARG 'L-peptide linking' y ARGININE        ? 'C6 H15 N4 O2 1' 175.209 
ASN 'L-peptide linking' y ASPARAGINE      ? 'C4 H8 N2 O3'    132.118 
ASP 'L-peptide linking' y 'ASPARTIC ACID' ? 'C4 H7 N O4'     133.103 
CYS 'L-peptide linking' y CYSTEINE        ? 'C3 H7 N O2 S'   121.158 
GLN 'L-peptide linking' y GLUTAMINE       ? 'C5 H10 N2 O3'   146.144 
GLU 'L-peptide linking' y 'GLUTAMIC ACID' ? 'C5 H9 N O4'     147.129 
GLY 'peptide linking'   y GLYCINE         ? 'C2 H5 N O2'     75.067  
HIS 'L-peptide linking' y HISTIDINE       ? 'C6 H10 N3 O2 1' 156.162 
ILE 'L-peptide linking' y ISOLEUCINE      ? 'C6 H13 N O2'    131.173 
LEU 'L-peptide linking' y LEUCINE         ? 'C6 H13 N O2'    131.173 
LYS 'L-peptide linking' y LYSINE          ? 'C6 H15 N2 O2 1' 147.195 
MET 'L-peptide linking' y METHIONINE      ? 'C5 H11 N O2 S'  149.211 
PHE 'L-peptide linking' y PHENYLALANINE   ? 'C9 H11 N O2'    165.189 
PRO 'L-peptide linking' y PROLINE         ? 'C5 H9 N O2'     115.130 
SER 'L-peptide linking' y SERINE          ? 'C3 H7 N O3'     105.093 
THR 'L-peptide linking' y THREONINE       ? 'C4 H9 N O3'     119.119 
TRP 'L-peptide linking' y TRYPTOPHAN      ? 'C11 H12 N2 O2'  204.225 
TYR 'L-peptide linking' y TYROSINE        ? 'C9 H11 N O3'    181.189 
VAL 'L-peptide linking' y VALINE          ? 'C5 H11 N O2'    117.146 
# 
loop_
_pdbx_poly_seq_scheme.asym_id 
_pdbx_poly_seq_scheme.entity_id 
_pdbx_poly_seq_scheme.seq_id 
_pdbx_poly_seq_scheme.mon_id 
_pdbx_poly_seq_scheme.ndb_seq_num 
_pdbx_poly_seq_scheme.pdb_seq_num 
_pdbx_poly_seq_scheme.auth_seq_num 
_pdbx_poly_seq_scheme.pdb_mon_id 
_pdbx_poly_seq_scheme.auth_mon_id 
_pdbx_poly_seq_scheme.pdb_strand_id 
_pdbx_poly_seq_scheme.pdb_ins_code 
_pdbx_poly_seq_scheme.hetero 
A 1 1   ASP 1   1   1   ASP ASP A . n 
A 1 2   ILE 2   2   2   ILE ILE A . n 
A 1 3   GLN 3   3   3   GLN GLN A . n 
A 1 4   LEU 4   4   4   LEU LEU A . n 
A 1 5   THR 5   5   5   THR THR A . n 
A 1 6   GLN 6   6   6   GLN GLN A . n 
A 1 7   SER 7   7   7   SER SER A . n 
A 1 8   PRO 8   8   8   PRO PRO A . n 
A 1 9   ALA 9   9   9   ALA ALA A . n 
A 1 10  PHE 10  10  10  PHE PHE A . n 
A 1 11  MET 11  11  11  MET MET A . n 
A 1 12  ALA 12  12  12  ALA ALA A . n 
A 1 13  ALA 13  13  13  ALA ALA A . n 
A 1 14  SER 14  14  14  SER SER A . n 
A 1 15  PRO 15  15  15  PRO PRO A . n 
A 1 16  GLY 16  16  16  GLY GLY A . n 
A 1 17  GLU 17  17  17  GLU GLU A . n 
A 1 18  LYS 18  18  18  LYS LYS A . n 
A 1 19  VAL 19  19  19  VAL VAL A . n 
A 1 20  THR 20  20  20  THR THR A . n 
A 1 21  ILE 21  21  21  ILE ILE A . n 
A 1 22  THR 22  22  22  THR THR A . n 
A 1 23  CYS 23  23  23  CYS CYS A . n 
A 1 24  SER 24  24  24  SER SER A . n 
A 1 25  VAL 25  25  25  VAL VAL A . n 
A 1 26  SER 26  26  26  SER SER A . n 
A 1 27  SER 27  27  27  SER SER A . n 
A 1 28  SER 28  28  28  SER SER A . n 
A 1 29  ILE 29  29  29  ILE ILE A . n 
A 1 30  SER 30  30  30  SER SER A . n 
A 1 31  SER 31  31  31  SER SER A . n 
A 1 32  SER 32  32  32  SER SER A . n 
A 1 33  ASN 33  33  33  ASN ASN A . n 
A 1 34  LEU 34  34  34  LEU LEU A . n 
A 1 35  HIS 35  35  35  HIS HIS A . n 
A 1 36  TRP 36  36  36  TRP TRP A . n 
A 1 37  TYR 37  37  37  TYR TYR A . n 
A 1 38  GLN 38  38  38  GLN GLN A . n 
A 1 39  GLN 39  39  39  GLN GLN A . n 
A 1 40  LYS 40  40  40  LYS LYS A . n 
A 1 41  SER 41  41  41  SER SER A . n 
A 1 42  GLU 42  42  42  GLU GLU A . n 
A 1 43  THR 43  43  43  THR THR A . n 
A 1 44  SER 44  44  44  SER SER A . n 
A 1 45  PRO 45  45  45  PRO PRO A . n 
A 1 46  LYS 46  46  46  LYS LYS A . n 
A 1 47  PRO 47  47  47  PRO PRO A . n 
A 1 48  TRP 48  48  48  TRP TRP A . n 
A 1 49  ILE 49  49  49  ILE ILE A . n 
A 1 50  TYR 50  50  50  TYR TYR A . n 
A 1 51  GLY 51  51  51  GLY GLY A . n 
A 1 52  THR 52  52  52  THR THR A . n 
A 1 53  SER 53  53  53  SER SER A . n 
A 1 54  ASN 54  54  54  ASN ASN A . n 
A 1 55  LEU 55  55  55  LEU LEU A . n 
A 1 56  ALA 56  56  56  ALA ALA A . n 
A 1 57  SER 57  57  57  SER SER A . n 
A 1 58  GLY 58  58  58  GLY GLY A . n 
A 1 59  VAL 59  59  59  VAL VAL A . n 
A 1 60  PRO 60  60  60  PRO PRO A . n 
A 1 61  VAL 61  61  61  VAL VAL A . n 
A 1 62  ARG 62  62  62  ARG ARG A . n 
A 1 63  PHE 63  63  63  PHE PHE A . n 
A 1 64  SER 64  64  64  SER SER A . n 
A 1 65  GLY 65  65  65  GLY GLY A . n 
A 1 66  SER 66  66  66  SER SER A . n 
A 1 67  GLY 67  67  67  GLY GLY A . n 
A 1 68  SER 68  68  68  SER SER A . n 
A 1 69  GLY 69  69  69  GLY GLY A . n 
A 1 70  THR 70  70  70  THR THR A . n 
A 1 71  SER 71  71  71  SER SER A . n 
A 1 72  TYR 72  72  72  TYR TYR A . n 
A 1 73  SER 73  73  73  SER SER A . n 
A 1 74  LEU 74  74  74  LEU LEU A . n 
A 1 75  THR 75  75  75  THR THR A . n 
A 1 76  ILE 76  76  76  ILE ILE A . n 
A 1 77  SER 77  77  77  SER SER A . n 
A 1 78  SER 78  78  78  SER SER A . n 
A 1 79  MET 79  79  79  MET MET A . n 
A 1 80  GLU 80  80  80  GLU GLU A . n 
A 1 81  ALA 81  81  81  ALA ALA A . n 
A 1 82  GLU 82  82  82  GLU GLU A . n 
A 1 83  ASP 83  83  83  ASP ASP A . n 
A 1 84  ALA 84  84  84  ALA ALA A . n 
A 1 85  ALA 85  85  85  ALA ALA A . n 
A 1 86  THR 86  86  86  THR THR A . n 
A 1 87  TYR 87  87  87  TYR TYR A . n 
A 1 88  TYR 88  88  88  TYR TYR A . n 
A 1 89  CYS 89  89  89  CYS CYS A . n 
A 1 90  GLN 90  90  90  GLN GLN A . n 
A 1 91  GLN 91  91  91  GLN GLN A . n 
A 1 92  TRP 92  92  92  TRP TRP A . n 
A 1 93  ASN 93  93  93  ASN ASN A . n 
A 1 94  SER 94  94  94  SER SER A . n 
A 1 95  TYR 95  95  95  TYR TYR A . n 
A 1 96  PRO 96  96  96  PRO PRO A . n 
A 1 97  TYR 97  97  97  TYR TYR A . n 
A 1 98  THR 98  98  98  THR THR A . n 
A 1 99  PHE 99  99  99  PHE PHE A . n 
A 1 100 GLY 100 100 100 GLY GLY A . n 
A 1 101 GLY 101 101 101 GLY GLY A . n 
A 1 102 GLY 102 102 102 GLY GLY A . n 
A 1 103 THR 103 103 103 THR THR A . n 
A 1 104 LYS 104 104 104 LYS LYS A . n 
A 1 105 LEU 105 105 105 LEU LEU A . n 
A 1 106 GLU 106 106 106 GLU GLU A . n 
A 1 107 ILE 107 107 107 ILE ILE A . n 
A 1 108 LYS 108 108 108 LYS LYS A . n 
B 2 1   GLU 1   109 109 GLU GLU B . n 
B 2 2   VAL 2   110 110 VAL VAL B . n 
B 2 3   LYS 3   111 111 LYS LYS B . n 
B 2 4   LEU 4   112 112 LEU LEU B . n 
B 2 5   GLN 5   113 113 GLN GLN B . n 
B 2 6   GLU 6   114 114 GLU GLU B . n 
B 2 7   SER 7   115 115 SER SER B . n 
B 2 8   GLY 8   116 116 GLY GLY B . n 
B 2 9   GLY 9   117 117 GLY GLY B . n 
B 2 10  GLY 10  118 118 GLY GLY B . n 
B 2 11  LEU 11  119 119 LEU LEU B . n 
B 2 12  VAL 12  120 120 VAL VAL B . n 
B 2 13  GLN 13  121 121 GLN GLN B . n 
B 2 14  PRO 14  122 122 PRO PRO B . n 
B 2 15  GLY 15  123 123 GLY GLY B . n 
B 2 16  GLY 16  124 124 GLY GLY B . n 
B 2 17  SER 17  125 125 SER SER B . n 
B 2 18  MET 18  126 126 MET MET B . n 
B 2 19  LYS 19  127 127 LYS LYS B . n 
B 2 20  LEU 20  128 128 LEU LEU B . n 
B 2 21  SER 21  129 129 SER SER B . n 
B 2 22  CYS 22  130 130 CYS CYS B . n 
B 2 23  VAL 23  131 131 VAL VAL B . n 
B 2 24  ALA 24  132 132 ALA ALA B . n 
B 2 25  SER 25  133 133 SER SER B . n 
B 2 26  GLY 26  134 134 GLY GLY B . n 
B 2 27  PHE 27  135 135 PHE PHE B . n 
B 2 28  THR 28  136 136 THR THR B . n 
B 2 29  PHE 29  137 137 PHE PHE B . n 
B 2 30  ASN 30  138 138 ASN ASN B . n 
B 2 31  ASN 31  139 139 ASN ASN B . n 
B 2 32  TYR 32  140 140 TYR TYR B . n 
B 2 33  TRP 33  141 141 TRP TRP B . n 
B 2 34  MET 34  142 142 MET MET B . n 
B 2 35  SER 35  143 143 SER SER B . n 
B 2 36  TRP 36  144 144 TRP TRP B . n 
B 2 37  VAL 37  145 145 VAL VAL B . n 
B 2 38  ARG 38  146 146 ARG ARG B . n 
B 2 39  GLN 39  147 147 GLN GLN B . n 
B 2 40  SER 40  148 148 SER SER B . n 
B 2 41  PRO 41  149 149 PRO PRO B . n 
B 2 42  GLU 42  150 150 GLU GLU B . n 
B 2 43  LYS 43  151 151 LYS LYS B . n 
B 2 44  GLY 44  152 152 GLY GLY B . n 
B 2 45  LEU 45  153 153 LEU LEU B . n 
B 2 46  GLU 46  154 154 GLU GLU B . n 
B 2 47  TRP 47  155 155 TRP TRP B . n 
B 2 48  VAL 48  156 156 VAL VAL B . n 
B 2 49  ALA 49  157 157 ALA ALA B . n 
B 2 50  GLU 50  158 158 GLU GLU B . n 
B 2 51  ILE 51  159 159 ILE ILE B . n 
B 2 52  ARG 52  160 160 ARG ARG B . n 
B 2 53  LEU 53  161 161 LEU LEU B . n 
B 2 54  ASN 54  162 162 ASN ASN B . n 
B 2 55  SER 55  163 163 SER SER B . n 
B 2 56  ASP 56  164 164 ASP ASP B . n 
B 2 57  ASN 57  165 165 ASN ASN B . n 
B 2 58  PHE 58  166 166 PHE PHE B . n 
B 2 59  ALA 59  167 167 ALA ALA B . n 
B 2 60  THR 60  168 168 THR THR B . n 
B 2 61  HIS 61  169 169 HIS HIS B . n 
B 2 62  TYR 62  170 170 TYR TYR B . n 
B 2 63  ALA 63  171 171 ALA ALA B . n 
B 2 64  GLU 64  172 172 GLU GLU B . n 
B 2 65  SER 65  173 173 SER SER B . n 
B 2 66  VAL 66  174 174 VAL VAL B . n 
B 2 67  LYS 67  175 175 LYS LYS B . n 
B 2 68  GLY 68  176 176 GLY GLY B . n 
B 2 69  LYS 69  177 177 LYS LYS B . n 
B 2 70  PHE 70  178 178 PHE PHE B . n 
B 2 71  ILE 71  179 179 ILE ILE B . n 
B 2 72  ILE 72  180 180 ILE ILE B . n 
B 2 73  SER 73  181 181 SER SER B . n 
B 2 74  ARG 74  182 182 ARG ARG B . n 
B 2 75  ASP 75  183 183 ASP ASP B . n 
B 2 76  ASP 76  184 184 ASP ASP B . n 
B 2 77  SER 77  185 185 SER SER B . n 
B 2 78  LYS 78  186 186 LYS LYS B . n 
B 2 79  SER 79  187 187 SER SER B . n 
B 2 80  ARG 80  188 188 ARG ARG B . n 
B 2 81  LEU 81  189 189 LEU LEU B . n 
B 2 82  TYR 82  190 190 TYR TYR B . n 
B 2 83  LEU 83  191 191 LEU LEU B . n 
B 2 84  GLN 84  192 192 GLN GLN B . n 
B 2 85  MET 85  193 193 MET MET B . n 
B 2 86  ASN 86  194 194 ASN ASN B . n 
B 2 87  SER 87  195 195 SER SER B . n 
B 2 88  LEU 88  196 196 LEU LEU B . n 
B 2 89  ARG 89  197 197 ARG ARG B . n 
B 2 90  ALA 90  198 198 ALA ALA B . n 
B 2 91  GLU 91  199 199 GLU GLU B . n 
B 2 92  ASP 92  200 200 ASP ASP B . n 
B 2 93  THR 93  201 201 THR THR B . n 
B 2 94  GLY 94  202 202 GLY GLY B . n 
B 2 95  ILE 95  203 203 ILE ILE B . n 
B 2 96  TYR 96  204 204 TYR TYR B . n 
B 2 97  TYR 97  205 205 TYR TYR B . n 
B 2 98  CYS 98  206 206 CYS CYS B . n 
B 2 99  VAL 99  207 207 VAL VAL B . n 
B 2 100 LEU 100 208 208 LEU LEU B . n 
B 2 101 ARG 101 209 209 ARG ARG B . n 
B 2 102 PRO 102 210 210 PRO PRO B . n 
B 2 103 LEU 103 211 211 LEU LEU B . n 
B 2 104 PHE 104 212 212 PHE PHE B . n 
B 2 105 TYR 105 213 213 TYR TYR B . n 
B 2 106 TYR 106 214 214 TYR TYR B . n 
B 2 107 ALA 107 215 215 ALA ALA B . n 
B 2 108 VAL 108 216 216 VAL VAL B . n 
B 2 109 ASP 109 217 217 ASP ASP B . n 
B 2 110 TYR 110 218 218 TYR TYR B . n 
B 2 111 TRP 111 219 219 TRP TRP B . n 
B 2 112 GLY 112 220 220 GLY GLY B . n 
B 2 113 GLN 113 221 221 GLN GLN B . n 
B 2 114 GLY 114 222 222 GLY GLY B . n 
B 2 115 THR 115 223 223 THR THR B . n 
B 2 116 SER 116 224 224 SER SER B . n 
B 2 117 VAL 117 225 225 VAL VAL B . n 
B 2 118 THR 118 226 226 THR THR B . n 
B 2 119 VAL 119 227 227 VAL VAL B . n 
B 2 120 SER 120 228 228 SER SER B . n 
B 2 121 SER 121 229 229 SER SER B . n 
B 2 122 ALA 122 230 230 ALA ALA B . n 
# 
_cell.entry_id           3IY5 
_cell.length_a           1.000 
_cell.length_b           1.000 
_cell.length_c           1.000 
_cell.angle_alpha        90.00 
_cell.angle_beta         90.00 
_cell.angle_gamma        90.00 
_cell.Z_PDB              1 
_cell.pdbx_unique_axis   ? 
_cell.length_a_esd       ? 
_cell.length_b_esd       ? 
_cell.length_c_esd       ? 
_cell.angle_alpha_esd    ? 
_cell.angle_beta_esd     ? 
_cell.angle_gamma_esd    ? 
# 
_symmetry.entry_id                         3IY5 
_symmetry.space_group_name_H-M             'P 1' 
_symmetry.pdbx_full_space_group_name_H-M   ? 
_symmetry.cell_setting                     ? 
_symmetry.Int_Tables_number                1 
_symmetry.space_group_name_Hall            ? 
# 
_exptl.entry_id          3IY5 
_exptl.method            'ELECTRON MICROSCOPY' 
_exptl.crystals_number   ? 
# 
_exptl_crystal.id                    1 
_exptl_crystal.density_meas          ? 
_exptl_crystal.density_Matthews      ? 
_exptl_crystal.density_percent_sol   ? 
_exptl_crystal.description           ? 
# 
_diffrn.id                     1 
_diffrn.ambient_temp           ? 
_diffrn.ambient_temp_details   ? 
_diffrn.crystal_id             1 
# 
_diffrn_radiation.diffrn_id                        1 
_diffrn_radiation.wavelength_id                    1 
_diffrn_radiation.pdbx_monochromatic_or_laue_m_l   M 
_diffrn_radiation.monochromator                    ? 
_diffrn_radiation.pdbx_diffrn_protocol             'SINGLE WAVELENGTH' 
_diffrn_radiation.pdbx_scattering_type             ? 
# 
_diffrn_radiation_wavelength.id           1 
_diffrn_radiation_wavelength.wavelength   . 
_diffrn_radiation_wavelength.wt           1.0 
# 
_refine_hist.pdbx_refine_id                   'ELECTRON MICROSCOPY' 
_refine_hist.cycle_id                         LAST 
_refine_hist.pdbx_number_atoms_protein        1785 
_refine_hist.pdbx_number_atoms_nucleic_acid   0 
_refine_hist.pdbx_number_atoms_ligand         0 
_refine_hist.number_atoms_solvent             0 
_refine_hist.number_atoms_total               1785 
_refine_hist.d_res_high                       . 
_refine_hist.d_res_low                        . 
# 
_struct.entry_id                  3IY5 
_struct.title                     
'Variable domains of the mouse Fab (1AIF) fitted into the cryoEM reconstruction of the virus-Fab 16 complex' 
_struct.pdbx_model_details        ? 
_struct.pdbx_CASP_flag            ? 
_struct.pdbx_model_type_details   ? 
# 
_struct_keywords.entry_id        3IY5 
_struct_keywords.pdbx_keywords   'IMMUNE SYSTEM' 
_struct_keywords.text            'cryoEM, neutralizing antibody, parvovirus, canine, feline, fab footprint, IMMUNE SYSTEM' 
# 
loop_
_struct_asym.id 
_struct_asym.pdbx_blank_PDB_chainid_flag 
_struct_asym.pdbx_modified 
_struct_asym.entity_id 
_struct_asym.details 
A N N 1 ? 
B N N 2 ? 
# 
loop_
_struct_ref.id 
_struct_ref.db_name 
_struct_ref.db_code 
_struct_ref.pdbx_db_accession 
_struct_ref.entity_id 
_struct_ref.pdbx_align_begin 
_struct_ref.pdbx_seq_one_letter_code 
_struct_ref.pdbx_db_isoform 
1 PDB 3IY5 3IY5 1 ? ? ? 
2 PDB 3IY5 3IY5 2 ? ? ? 
# 
loop_
_struct_ref_seq.align_id 
_struct_ref_seq.ref_id 
_struct_ref_seq.pdbx_PDB_id_code 
_struct_ref_seq.pdbx_strand_id 
_struct_ref_seq.seq_align_beg 
_struct_ref_seq.pdbx_seq_align_beg_ins_code 
_struct_ref_seq.seq_align_end 
_struct_ref_seq.pdbx_seq_align_end_ins_code 
_struct_ref_seq.pdbx_db_accession 
_struct_ref_seq.db_align_beg 
_struct_ref_seq.pdbx_db_align_beg_ins_code 
_struct_ref_seq.db_align_end 
_struct_ref_seq.pdbx_db_align_end_ins_code 
_struct_ref_seq.pdbx_auth_seq_align_beg 
_struct_ref_seq.pdbx_auth_seq_align_end 
1 1 3IY5 A 1 ? 108 ? 3IY5 1   ? 108 ? 1   108 
2 2 3IY5 B 1 ? 122 ? 3IY5 109 ? 230 ? 109 230 
# 
_pdbx_struct_assembly.id                   1 
_pdbx_struct_assembly.details              author_defined_assembly 
_pdbx_struct_assembly.method_details       ? 
_pdbx_struct_assembly.oligomeric_details   dimeric 
_pdbx_struct_assembly.oligomeric_count     2 
# 
_pdbx_struct_assembly_gen.assembly_id       1 
_pdbx_struct_assembly_gen.oper_expression   1 
_pdbx_struct_assembly_gen.asym_id_list      A,B 
# 
_pdbx_struct_oper_list.id                   1 
_pdbx_struct_oper_list.type                 'identity operation' 
_pdbx_struct_oper_list.name                 1_555 
_pdbx_struct_oper_list.symmetry_operation   x,y,z 
_pdbx_struct_oper_list.matrix[1][1]         1.0000000000 
_pdbx_struct_oper_list.matrix[1][2]         0.0000000000 
_pdbx_struct_oper_list.matrix[1][3]         0.0000000000 
_pdbx_struct_oper_list.vector[1]            0.0000000000 
_pdbx_struct_oper_list.matrix[2][1]         0.0000000000 
_pdbx_struct_oper_list.matrix[2][2]         1.0000000000 
_pdbx_struct_oper_list.matrix[2][3]         0.0000000000 
_pdbx_struct_oper_list.vector[2]            0.0000000000 
_pdbx_struct_oper_list.matrix[3][1]         0.0000000000 
_pdbx_struct_oper_list.matrix[3][2]         0.0000000000 
_pdbx_struct_oper_list.matrix[3][3]         1.0000000000 
_pdbx_struct_oper_list.vector[3]            0.0000000000 
# 
_struct_biol.id        1 
_struct_biol.details   ? 
# 
loop_
_struct_conf.conf_type_id 
_struct_conf.id 
_struct_conf.pdbx_PDB_helix_id 
_struct_conf.beg_label_comp_id 
_struct_conf.beg_label_asym_id 
_struct_conf.beg_label_seq_id 
_struct_conf.pdbx_beg_PDB_ins_code 
_struct_conf.end_label_comp_id 
_struct_conf.end_label_asym_id 
_struct_conf.end_label_seq_id 
_struct_conf.pdbx_end_PDB_ins_code 
_struct_conf.beg_auth_comp_id 
_struct_conf.beg_auth_asym_id 
_struct_conf.beg_auth_seq_id 
_struct_conf.end_auth_comp_id 
_struct_conf.end_auth_asym_id 
_struct_conf.end_auth_seq_id 
_struct_conf.pdbx_PDB_helix_class 
_struct_conf.details 
_struct_conf.pdbx_PDB_helix_length 
HELX_P HELX_P1 1 SER A 30 ? SER A 32 ? SER A 30  SER A 32  5 ? 3 
HELX_P HELX_P2 2 ASP B 75 ? SER B 79 ? ASP B 183 SER B 187 5 ? 5 
HELX_P HELX_P3 3 ARG B 89 ? THR B 93 ? ARG B 197 THR B 201 5 ? 5 
# 
_struct_conf_type.id          HELX_P 
_struct_conf_type.criteria    ? 
_struct_conf_type.reference   ? 
# 
loop_
_struct_conn.id 
_struct_conn.conn_type_id 
_struct_conn.pdbx_leaving_atom_flag 
_struct_conn.pdbx_PDB_id 
_struct_conn.ptnr1_label_asym_id 
_struct_conn.ptnr1_label_comp_id 
_struct_conn.ptnr1_label_seq_id 
_struct_conn.ptnr1_label_atom_id 
_struct_conn.pdbx_ptnr1_label_alt_id 
_struct_conn.pdbx_ptnr1_PDB_ins_code 
_struct_conn.pdbx_ptnr1_standard_comp_id 
_struct_conn.ptnr1_symmetry 
_struct_conn.ptnr2_label_asym_id 
_struct_conn.ptnr2_label_comp_id 
_struct_conn.ptnr2_label_seq_id 
_struct_conn.ptnr2_label_atom_id 
_struct_conn.pdbx_ptnr2_label_alt_id 
_struct_conn.pdbx_ptnr2_PDB_ins_code 
_struct_conn.ptnr1_auth_asym_id 
_struct_conn.ptnr1_auth_comp_id 
_struct_conn.ptnr1_auth_seq_id 
_struct_conn.ptnr2_auth_asym_id 
_struct_conn.ptnr2_auth_comp_id 
_struct_conn.ptnr2_auth_seq_id 
_struct_conn.ptnr2_symmetry 
_struct_conn.pdbx_ptnr3_label_atom_id 
_struct_conn.pdbx_ptnr3_label_seq_id 
_struct_conn.pdbx_ptnr3_label_comp_id 
_struct_conn.pdbx_ptnr3_label_asym_id 
_struct_conn.pdbx_ptnr3_label_alt_id 
_struct_conn.pdbx_ptnr3_PDB_ins_code 
_struct_conn.details 
_struct_conn.pdbx_dist_value 
_struct_conn.pdbx_value_order 
_struct_conn.pdbx_role 
disulf1 disulf ? ? A CYS 23 SG ? ? ? 1_555 A CYS 89 SG ? ? A CYS 23  A CYS 89  1_555 ? ? ? ? ? ? ? 2.067 ? ? 
disulf2 disulf ? ? B CYS 22 SG ? ? ? 1_555 B CYS 98 SG ? ? B CYS 130 B CYS 206 1_555 ? ? ? ? ? ? ? 2.036 ? ? 
# 
_struct_conn_type.id          disulf 
_struct_conn_type.criteria    ? 
_struct_conn_type.reference   ? 
# 
loop_
_pdbx_modification_feature.ordinal 
_pdbx_modification_feature.label_comp_id 
_pdbx_modification_feature.label_asym_id 
_pdbx_modification_feature.label_seq_id 
_pdbx_modification_feature.label_alt_id 
_pdbx_modification_feature.modified_residue_label_comp_id 
_pdbx_modification_feature.modified_residue_label_asym_id 
_pdbx_modification_feature.modified_residue_label_seq_id 
_pdbx_modification_feature.modified_residue_label_alt_id 
_pdbx_modification_feature.auth_comp_id 
_pdbx_modification_feature.auth_asym_id 
_pdbx_modification_feature.auth_seq_id 
_pdbx_modification_feature.PDB_ins_code 
_pdbx_modification_feature.symmetry 
_pdbx_modification_feature.modified_residue_auth_comp_id 
_pdbx_modification_feature.modified_residue_auth_asym_id 
_pdbx_modification_feature.modified_residue_auth_seq_id 
_pdbx_modification_feature.modified_residue_PDB_ins_code 
_pdbx_modification_feature.modified_residue_symmetry 
_pdbx_modification_feature.comp_id_linking_atom 
_pdbx_modification_feature.modified_residue_id_linking_atom 
_pdbx_modification_feature.modified_residue_id 
_pdbx_modification_feature.ref_pcm_id 
_pdbx_modification_feature.ref_comp_id 
_pdbx_modification_feature.type 
_pdbx_modification_feature.category 
1 CYS A 23 ? CYS A 89 ? CYS A 23  ? 1_555 CYS A 89  ? 1_555 SG SG . . . None 'Disulfide bridge' 
2 CYS B 22 ? CYS B 98 ? CYS B 130 ? 1_555 CYS B 206 ? 1_555 SG SG . . . None 'Disulfide bridge' 
# 
loop_
_struct_mon_prot_cis.pdbx_id 
_struct_mon_prot_cis.label_comp_id 
_struct_mon_prot_cis.label_seq_id 
_struct_mon_prot_cis.label_asym_id 
_struct_mon_prot_cis.label_alt_id 
_struct_mon_prot_cis.pdbx_PDB_ins_code 
_struct_mon_prot_cis.auth_comp_id 
_struct_mon_prot_cis.auth_seq_id 
_struct_mon_prot_cis.auth_asym_id 
_struct_mon_prot_cis.pdbx_label_comp_id_2 
_struct_mon_prot_cis.pdbx_label_seq_id_2 
_struct_mon_prot_cis.pdbx_label_asym_id_2 
_struct_mon_prot_cis.pdbx_PDB_ins_code_2 
_struct_mon_prot_cis.pdbx_auth_comp_id_2 
_struct_mon_prot_cis.pdbx_auth_seq_id_2 
_struct_mon_prot_cis.pdbx_auth_asym_id_2 
_struct_mon_prot_cis.pdbx_PDB_model_num 
_struct_mon_prot_cis.pdbx_omega_angle 
1 SER 7  A . ? SER 7  A PRO 8  A ? PRO 8  A 1 -0.05 
2 TYR 95 A . ? TYR 95 A PRO 96 A ? PRO 96 A 1 -0.03 
# 
loop_
_struct_sheet.id 
_struct_sheet.type 
_struct_sheet.number_strands 
_struct_sheet.details 
A ? 3 ? 
B ? 5 ? 
C ? 2 ? 
D ? 5 ? 
E ? 5 ? 
F ? 2 ? 
# 
loop_
_struct_sheet_order.sheet_id 
_struct_sheet_order.range_id_1 
_struct_sheet_order.range_id_2 
_struct_sheet_order.offset 
_struct_sheet_order.sense 
A 1 2 ? anti-parallel 
A 2 3 ? anti-parallel 
B 1 2 ? anti-parallel 
B 2 3 ? anti-parallel 
B 3 4 ? anti-parallel 
B 4 5 ? anti-parallel 
C 1 2 ? anti-parallel 
D 1 2 ? parallel      
D 2 3 ? anti-parallel 
D 3 4 ? anti-parallel 
D 4 5 ? anti-parallel 
E 1 2 ? parallel      
E 2 3 ? anti-parallel 
E 3 4 ? anti-parallel 
E 4 5 ? anti-parallel 
F 1 2 ? anti-parallel 
# 
loop_
_struct_sheet_range.sheet_id 
_struct_sheet_range.id 
_struct_sheet_range.beg_label_comp_id 
_struct_sheet_range.beg_label_asym_id 
_struct_sheet_range.beg_label_seq_id 
_struct_sheet_range.pdbx_beg_PDB_ins_code 
_struct_sheet_range.end_label_comp_id 
_struct_sheet_range.end_label_asym_id 
_struct_sheet_range.end_label_seq_id 
_struct_sheet_range.pdbx_end_PDB_ins_code 
_struct_sheet_range.beg_auth_comp_id 
_struct_sheet_range.beg_auth_asym_id 
_struct_sheet_range.beg_auth_seq_id 
_struct_sheet_range.end_auth_comp_id 
_struct_sheet_range.end_auth_asym_id 
_struct_sheet_range.end_auth_seq_id 
A 1 VAL A 19  ? SER A 24  ? VAL A 19  SER A 24  
A 2 SER A 71  ? ILE A 76  ? SER A 71  ILE A 76  
A 3 PHE A 63  ? GLY A 67  ? PHE A 63  GLY A 67  
B 1 ASN A 54  ? LEU A 55  ? ASN A 54  LEU A 55  
B 2 LYS A 46  ? TYR A 50  ? LYS A 46  TYR A 50  
B 3 LEU A 34  ? GLN A 39  ? LEU A 34  GLN A 39  
B 4 THR A 86  ? GLN A 91  ? THR A 86  GLN A 91  
B 5 THR A 103 ? LYS A 104 ? THR A 103 LYS A 104 
C 1 LYS B 3   ? GLN B 5   ? LYS B 111 GLN B 113 
C 2 VAL B 23  ? SER B 25  ? VAL B 131 SER B 133 
D 1 GLY B 10  ? VAL B 12  ? GLY B 118 VAL B 120 
D 2 SER B 116 ? VAL B 119 ? SER B 224 VAL B 227 
D 3 GLY B 94  ? PRO B 102 ? GLY B 202 PRO B 210 
D 4 TYR B 32  ? SER B 40  ? TYR B 140 SER B 148 
D 5 GLY B 44  ? TRP B 47  ? GLY B 152 TRP B 155 
E 1 GLY B 10  ? VAL B 12  ? GLY B 118 VAL B 120 
E 2 SER B 116 ? VAL B 119 ? SER B 224 VAL B 227 
E 3 GLY B 94  ? PRO B 102 ? GLY B 202 PRO B 210 
E 4 TYR B 32  ? SER B 40  ? TYR B 140 SER B 148 
E 5 ILE B 51  ? ARG B 52  ? ILE B 159 ARG B 160 
F 1 PHE B 70  ? SER B 73  ? PHE B 178 SER B 181 
F 2 TYR B 82  ? MET B 85  ? TYR B 190 MET B 193 
# 
loop_
_pdbx_struct_sheet_hbond.sheet_id 
_pdbx_struct_sheet_hbond.range_id_1 
_pdbx_struct_sheet_hbond.range_id_2 
_pdbx_struct_sheet_hbond.range_1_label_atom_id 
_pdbx_struct_sheet_hbond.range_1_label_comp_id 
_pdbx_struct_sheet_hbond.range_1_label_asym_id 
_pdbx_struct_sheet_hbond.range_1_label_seq_id 
_pdbx_struct_sheet_hbond.range_1_PDB_ins_code 
_pdbx_struct_sheet_hbond.range_1_auth_atom_id 
_pdbx_struct_sheet_hbond.range_1_auth_comp_id 
_pdbx_struct_sheet_hbond.range_1_auth_asym_id 
_pdbx_struct_sheet_hbond.range_1_auth_seq_id 
_pdbx_struct_sheet_hbond.range_2_label_atom_id 
_pdbx_struct_sheet_hbond.range_2_label_comp_id 
_pdbx_struct_sheet_hbond.range_2_label_asym_id 
_pdbx_struct_sheet_hbond.range_2_label_seq_id 
_pdbx_struct_sheet_hbond.range_2_PDB_ins_code 
_pdbx_struct_sheet_hbond.range_2_auth_atom_id 
_pdbx_struct_sheet_hbond.range_2_auth_comp_id 
_pdbx_struct_sheet_hbond.range_2_auth_asym_id 
_pdbx_struct_sheet_hbond.range_2_auth_seq_id 
A 1 2 N CYS A 23  ? N CYS A 23  O TYR A 72  ? O TYR A 72  
A 2 3 O THR A 75  ? O THR A 75  N SER A 64  ? N SER A 64  
B 1 2 O ASN A 54  ? O ASN A 54  N TYR A 50  ? N TYR A 50  
B 2 3 O ILE A 49  ? O ILE A 49  N TRP A 36  ? N TRP A 36  
B 3 4 N TYR A 37  ? N TYR A 37  O TYR A 88  ? O TYR A 88  
B 4 5 N TYR A 87  ? N TYR A 87  O THR A 103 ? O THR A 103 
C 1 2 N GLN B 5   ? N GLN B 113 O VAL B 23  ? O VAL B 131 
D 1 2 N VAL B 12  ? N VAL B 120 O THR B 118 ? O THR B 226 
D 2 3 O VAL B 117 ? O VAL B 225 N GLY B 94  ? N GLY B 202 
D 3 4 O TYR B 97  ? O TYR B 205 N VAL B 37  ? N VAL B 145 
D 4 5 N SER B 40  ? N SER B 148 O GLY B 44  ? O GLY B 152 
E 1 2 N VAL B 12  ? N VAL B 120 O THR B 118 ? O THR B 226 
E 2 3 O VAL B 117 ? O VAL B 225 N GLY B 94  ? N GLY B 202 
E 3 4 O TYR B 97  ? O TYR B 205 N VAL B 37  ? N VAL B 145 
E 4 5 N MET B 34  ? N MET B 142 O ILE B 51  ? O ILE B 159 
F 1 2 N ILE B 71  ? N ILE B 179 O GLN B 84  ? O GLN B 192 
# 
_pdbx_entry_details.entry_id                   3IY5 
_pdbx_entry_details.compound_details           ? 
_pdbx_entry_details.source_details             ? 
_pdbx_entry_details.nonpolymer_details         ? 
_pdbx_entry_details.sequence_details           ? 
_pdbx_entry_details.has_ligand_of_interest     ? 
_pdbx_entry_details.has_protein_modification   Y 
# 
_pdbx_validate_close_contact.id               1 
_pdbx_validate_close_contact.PDB_model_num    1 
_pdbx_validate_close_contact.auth_atom_id_1   OD1 
_pdbx_validate_close_contact.auth_asym_id_1   B 
_pdbx_validate_close_contact.auth_comp_id_1   ASN 
_pdbx_validate_close_contact.auth_seq_id_1    139 
_pdbx_validate_close_contact.PDB_ins_code_1   ? 
_pdbx_validate_close_contact.label_alt_id_1   ? 
_pdbx_validate_close_contact.auth_atom_id_2   O 
_pdbx_validate_close_contact.auth_asym_id_2   B 
_pdbx_validate_close_contact.auth_comp_id_2   ASN 
_pdbx_validate_close_contact.auth_seq_id_2    162 
_pdbx_validate_close_contact.PDB_ins_code_2   ? 
_pdbx_validate_close_contact.label_alt_id_2   ? 
_pdbx_validate_close_contact.dist             2.16 
# 
_pdbx_validate_rmsd_bond.id                        1 
_pdbx_validate_rmsd_bond.PDB_model_num             1 
_pdbx_validate_rmsd_bond.auth_atom_id_1            CB 
_pdbx_validate_rmsd_bond.auth_asym_id_1            B 
_pdbx_validate_rmsd_bond.auth_comp_id_1            GLU 
_pdbx_validate_rmsd_bond.auth_seq_id_1             172 
_pdbx_validate_rmsd_bond.PDB_ins_code_1            ? 
_pdbx_validate_rmsd_bond.label_alt_id_1            ? 
_pdbx_validate_rmsd_bond.auth_atom_id_2            CG 
_pdbx_validate_rmsd_bond.auth_asym_id_2            B 
_pdbx_validate_rmsd_bond.auth_comp_id_2            GLU 
_pdbx_validate_rmsd_bond.auth_seq_id_2             172 
_pdbx_validate_rmsd_bond.PDB_ins_code_2            ? 
_pdbx_validate_rmsd_bond.label_alt_id_2            ? 
_pdbx_validate_rmsd_bond.bond_value                1.642 
_pdbx_validate_rmsd_bond.bond_target_value         1.517 
_pdbx_validate_rmsd_bond.bond_deviation            0.125 
_pdbx_validate_rmsd_bond.bond_standard_deviation   0.019 
_pdbx_validate_rmsd_bond.linker_flag               N 
# 
loop_
_pdbx_validate_rmsd_angle.id 
_pdbx_validate_rmsd_angle.PDB_model_num 
_pdbx_validate_rmsd_angle.auth_atom_id_1 
_pdbx_validate_rmsd_angle.auth_asym_id_1 
_pdbx_validate_rmsd_angle.auth_comp_id_1 
_pdbx_validate_rmsd_angle.auth_seq_id_1 
_pdbx_validate_rmsd_angle.PDB_ins_code_1 
_pdbx_validate_rmsd_angle.label_alt_id_1 
_pdbx_validate_rmsd_angle.auth_atom_id_2 
_pdbx_validate_rmsd_angle.auth_asym_id_2 
_pdbx_validate_rmsd_angle.auth_comp_id_2 
_pdbx_validate_rmsd_angle.auth_seq_id_2 
_pdbx_validate_rmsd_angle.PDB_ins_code_2 
_pdbx_validate_rmsd_angle.label_alt_id_2 
_pdbx_validate_rmsd_angle.auth_atom_id_3 
_pdbx_validate_rmsd_angle.auth_asym_id_3 
_pdbx_validate_rmsd_angle.auth_comp_id_3 
_pdbx_validate_rmsd_angle.auth_seq_id_3 
_pdbx_validate_rmsd_angle.PDB_ins_code_3 
_pdbx_validate_rmsd_angle.label_alt_id_3 
_pdbx_validate_rmsd_angle.angle_value 
_pdbx_validate_rmsd_angle.angle_target_value 
_pdbx_validate_rmsd_angle.angle_deviation 
_pdbx_validate_rmsd_angle.angle_standard_deviation 
_pdbx_validate_rmsd_angle.linker_flag 
1 1 CA A LEU 34  ? ? CB A LEU 34  ? ? CG A LEU 34  ? ? 130.67 115.30 15.37  2.30 N 
2 1 N  B THR 136 ? ? CA B THR 136 ? ? C  B THR 136 ? ? 90.55  111.00 -20.45 2.70 N 
3 1 CA B LEU 211 ? ? CB B LEU 211 ? ? CG B LEU 211 ? ? 101.24 115.30 -14.06 2.30 N 
# 
loop_
_pdbx_validate_torsion.id 
_pdbx_validate_torsion.PDB_model_num 
_pdbx_validate_torsion.auth_comp_id 
_pdbx_validate_torsion.auth_asym_id 
_pdbx_validate_torsion.auth_seq_id 
_pdbx_validate_torsion.PDB_ins_code 
_pdbx_validate_torsion.label_alt_id 
_pdbx_validate_torsion.phi 
_pdbx_validate_torsion.psi 
1  1 SER A 28  ? ? -59.07  99.34   
2  1 SER A 31  ? ? -27.98  -62.40  
3  1 SER A 32  ? ? -68.18  40.83   
4  1 ASN A 33  ? ? -159.31 25.43   
5  1 SER A 41  ? ? -22.13  136.95  
6  1 PRO A 47  ? ? -42.26  108.39  
7  1 TRP A 48  ? ? -97.09  -63.21  
8  1 SER A 57  ? ? -36.57  103.56  
9  1 SER A 68  ? ? -175.40 123.62  
10 1 SER A 77  ? ? -47.40  -81.99  
11 1 ALA A 84  ? ? -59.67  22.88   
12 1 ASN A 93  ? ? -78.95  -70.82  
13 1 LYS B 111 ? ? -165.76 98.68   
14 1 LYS B 127 ? ? -162.49 81.13   
15 1 CYS B 130 ? ? 178.43  140.59  
16 1 THR B 136 ? ? -160.35 74.32   
17 1 ASN B 138 ? ? -0.79   -64.70  
18 1 TYR B 140 ? ? -131.46 -159.75 
19 1 VAL B 156 ? ? -86.91  -70.63  
20 1 ALA B 157 ? ? -125.41 -164.92 
21 1 GLU B 158 ? ? 170.95  113.62  
22 1 ASN B 162 ? ? -18.68  -29.54  
23 1 SER B 163 ? ? 151.88  -25.84  
24 1 ASN B 165 ? ? -36.02  -74.81  
25 1 TYR B 170 ? ? -122.03 -158.50 
26 1 GLU B 172 ? ? -15.02  -54.10  
27 1 VAL B 174 ? ? -158.71 -37.19  
28 1 ARG B 182 ? ? -171.63 129.47  
29 1 SER B 187 ? ? 78.62   -3.91   
30 1 GLU B 199 ? ? -27.74  -46.77  
31 1 LEU B 211 ? ? -88.87  47.33   
32 1 ALA B 215 ? ? 178.53  -154.10 
33 1 THR B 223 ? ? -170.26 143.89  
# 
_pdbx_validate_planes.id              1 
_pdbx_validate_planes.PDB_model_num   1 
_pdbx_validate_planes.auth_comp_id    TYR 
_pdbx_validate_planes.auth_asym_id    B 
_pdbx_validate_planes.auth_seq_id     140 
_pdbx_validate_planes.PDB_ins_code    ? 
_pdbx_validate_planes.label_alt_id    ? 
_pdbx_validate_planes.rmsd            0.074 
_pdbx_validate_planes.type            'SIDE CHAIN' 
# 
_em_3d_fitting.id                1 
_em_3d_fitting.entry_id          3IY5 
_em_3d_fitting.ref_protocol      ? 
_em_3d_fitting.ref_space         REAL 
_em_3d_fitting.overall_b_value   ? 
_em_3d_fitting.target_criteria   ? 
_em_3d_fitting.details           ? 
_em_3d_fitting.method            ? 
# 
_em_3d_fitting_list.id                            1 
_em_3d_fitting_list.3d_fitting_id                 1 
_em_3d_fitting_list.pdb_entry_id                  1AIF 
_em_3d_fitting_list.pdb_chain_id                  ? 
_em_3d_fitting_list.initial_refinement_model_id   1 
_em_3d_fitting_list.chain_id                      ? 
_em_3d_fitting_list.chain_residue_range           ? 
_em_3d_fitting_list.pdb_chain_residue_range       ? 
_em_3d_fitting_list.source_name                   PDB 
_em_3d_fitting_list.type                          'experimental model' 
_em_3d_fitting_list.accession_code                1AIF 
_em_3d_fitting_list.details                       ? 
# 
_em_3d_reconstruction.entry_id                    3IY5 
_em_3d_reconstruction.id                          1 
_em_3d_reconstruction.resolution_method           'FSC 0.5 CUT-OFF' 
_em_3d_reconstruction.symmetry_type               POINT 
_em_3d_reconstruction.image_processing_id         1 
_em_3d_reconstruction.method                      'common lines' 
_em_3d_reconstruction.resolution                  18 
_em_3d_reconstruction.num_particles               2084 
_em_3d_reconstruction.nominal_pixel_size          ? 
_em_3d_reconstruction.actual_pixel_size           ? 
_em_3d_reconstruction.magnification_calibration   ? 
_em_3d_reconstruction.details                     ? 
_em_3d_reconstruction.num_class_averages          ? 
_em_3d_reconstruction.algorithm                   ? 
# 
_em_buffer.id            1 
_em_buffer.specimen_id   1 
_em_buffer.name          ? 
_em_buffer.pH            7.5 
_em_buffer.details       '10mM Tris-HCL' 
# 
loop_
_em_entity_assembly.id 
_em_entity_assembly.name 
_em_entity_assembly.type 
_em_entity_assembly.parent_id 
_em_entity_assembly.synonym 
_em_entity_assembly.details 
_em_entity_assembly.oligomeric_details 
1 'Fab fragment from MAb 15 interacting with feline panleukopenia virus (FPV)' COMPLEX 0 ?   ? ? 
2 'feline panleukopenia virus'                                                 VIRUS   1 FPV ? ? 
# 
_em_image_scans.entry_id                3IY5 
_em_image_scans.id                      1 
_em_image_scans.image_recording_id      1 
_em_image_scans.number_digital_images   48 
_em_image_scans.scanner_model           'ZEISS SCAI' 
_em_image_scans.sampling_size           7 
_em_image_scans.od_range                0.9 
_em_image_scans.quant_bit_size          ? 
_em_image_scans.details                 ? 
_em_image_scans.citation_id             ? 
# 
_em_imaging.entry_id                        3IY5 
_em_imaging.id                              1 
_em_imaging.microscope_model                'FEI/PHILIPS CM300FEG/T' 
_em_imaging.electron_source                 'TUNGSTEN HAIRPIN' 
_em_imaging.specimen_id                     1 
_em_imaging.specimen_holder_type            'side mounted nitrogen cooled' 
_em_imaging.specimen_holder_model           'GATAN LIQUID NITROGEN' 
_em_imaging.accelerating_voltage            300 
_em_imaging.illumination_mode               'FLOOD BEAM' 
_em_imaging.mode                            'BRIGHT FIELD' 
_em_imaging.nominal_defocus_min             0.4 
_em_imaging.nominal_defocus_max             4.8 
_em_imaging.tilt_angle_min                  0.0 
_em_imaging.tilt_angle_max                  0.0 
_em_imaging.nominal_magnification           45000 
_em_imaging.calibrated_magnification        47190 
_em_imaging.temperature                     93 
_em_imaging.recording_temperature_minimum   83 
_em_imaging.recording_temperature_maximum   83 
_em_imaging.detector_distance               0.0 
_em_imaging.date                            2004-06-03 
_em_imaging.electron_beam_tilt_params       ? 
_em_imaging.astigmatism                     'astigmatism was corrected at 100,000 times magnification' 
_em_imaging.details                         ? 
_em_imaging.nominal_cs                      ? 
_em_imaging.citation_id                     ? 
# 
_em_virus_entity.id                    1 
_em_virus_entity.virus_host_category   VERTEBRATES 
_em_virus_entity.entity_assembly_id    1 
_em_virus_entity.virus_type            VIRION 
_em_virus_entity.virus_isolate         STRAIN 
_em_virus_entity.empty                 NO 
_em_virus_entity.enveloped             NO 
_em_virus_entity.details               ? 
# 
_em_vitrification.entry_id              3IY5 
_em_vitrification.id                    1 
_em_vitrification.instrument            'HOMEMADE PLUNGER' 
_em_vitrification.cryogen_name          ETHANE 
_em_vitrification.humidity              ? 
_em_vitrification.temp                  120 
_em_vitrification.method                'blot before plunging' 
_em_vitrification.time_resolved_state   ? 
_em_vitrification.details               ? 
_em_vitrification.citation_id           ? 
_em_vitrification.specimen_id           1 
# 
_em_experiment.reconstruction_method   'SINGLE PARTICLE' 
_em_experiment.entry_id                3IY5 
_em_experiment.id                      1 
_em_experiment.aggregation_state       PARTICLE 
_em_experiment.entity_assembly_id      1 
# 
_em_single_particle_entity.entry_id              3IY5 
_em_single_particle_entity.id                    1 
_em_single_particle_entity.point_symmetry        I 
_em_single_particle_entity.image_processing_id   1 
# 
loop_
_chem_comp_atom.comp_id 
_chem_comp_atom.atom_id 
_chem_comp_atom.type_symbol 
_chem_comp_atom.pdbx_aromatic_flag 
_chem_comp_atom.pdbx_stereo_config 
_chem_comp_atom.pdbx_ordinal 
ALA N    N N N 1   
ALA CA   C N S 2   
ALA C    C N N 3   
ALA O    O N N 4   
ALA CB   C N N 5   
ALA OXT  O N N 6   
ALA H    H N N 7   
ALA H2   H N N 8   
ALA HA   H N N 9   
ALA HB1  H N N 10  
ALA HB2  H N N 11  
ALA HB3  H N N 12  
ALA HXT  H N N 13  
ARG N    N N N 14  
ARG CA   C N S 15  
ARG C    C N N 16  
ARG O    O N N 17  
ARG CB   C N N 18  
ARG CG   C N N 19  
ARG CD   C N N 20  
ARG NE   N N N 21  
ARG CZ   C N N 22  
ARG NH1  N N N 23  
ARG NH2  N N N 24  
ARG OXT  O N N 25  
ARG H    H N N 26  
ARG H2   H N N 27  
ARG HA   H N N 28  
ARG HB2  H N N 29  
ARG HB3  H N N 30  
ARG HG2  H N N 31  
ARG HG3  H N N 32  
ARG HD2  H N N 33  
ARG HD3  H N N 34  
ARG HE   H N N 35  
ARG HH11 H N N 36  
ARG HH12 H N N 37  
ARG HH21 H N N 38  
ARG HH22 H N N 39  
ARG HXT  H N N 40  
ASN N    N N N 41  
ASN CA   C N S 42  
ASN C    C N N 43  
ASN O    O N N 44  
ASN CB   C N N 45  
ASN CG   C N N 46  
ASN OD1  O N N 47  
ASN ND2  N N N 48  
ASN OXT  O N N 49  
ASN H    H N N 50  
ASN H2   H N N 51  
ASN HA   H N N 52  
ASN HB2  H N N 53  
ASN HB3  H N N 54  
ASN HD21 H N N 55  
ASN HD22 H N N 56  
ASN HXT  H N N 57  
ASP N    N N N 58  
ASP CA   C N S 59  
ASP C    C N N 60  
ASP O    O N N 61  
ASP CB   C N N 62  
ASP CG   C N N 63  
ASP OD1  O N N 64  
ASP OD2  O N N 65  
ASP OXT  O N N 66  
ASP H    H N N 67  
ASP H2   H N N 68  
ASP HA   H N N 69  
ASP HB2  H N N 70  
ASP HB3  H N N 71  
ASP HD2  H N N 72  
ASP HXT  H N N 73  
CYS N    N N N 74  
CYS CA   C N R 75  
CYS C    C N N 76  
CYS O    O N N 77  
CYS CB   C N N 78  
CYS SG   S N N 79  
CYS OXT  O N N 80  
CYS H    H N N 81  
CYS H2   H N N 82  
CYS HA   H N N 83  
CYS HB2  H N N 84  
CYS HB3  H N N 85  
CYS HG   H N N 86  
CYS HXT  H N N 87  
GLN N    N N N 88  
GLN CA   C N S 89  
GLN C    C N N 90  
GLN O    O N N 91  
GLN CB   C N N 92  
GLN CG   C N N 93  
GLN CD   C N N 94  
GLN OE1  O N N 95  
GLN NE2  N N N 96  
GLN OXT  O N N 97  
GLN H    H N N 98  
GLN H2   H N N 99  
GLN HA   H N N 100 
GLN HB2  H N N 101 
GLN HB3  H N N 102 
GLN HG2  H N N 103 
GLN HG3  H N N 104 
GLN HE21 H N N 105 
GLN HE22 H N N 106 
GLN HXT  H N N 107 
GLU N    N N N 108 
GLU CA   C N S 109 
GLU C    C N N 110 
GLU O    O N N 111 
GLU CB   C N N 112 
GLU CG   C N N 113 
GLU CD   C N N 114 
GLU OE1  O N N 115 
GLU OE2  O N N 116 
GLU OXT  O N N 117 
GLU H    H N N 118 
GLU H2   H N N 119 
GLU HA   H N N 120 
GLU HB2  H N N 121 
GLU HB3  H N N 122 
GLU HG2  H N N 123 
GLU HG3  H N N 124 
GLU HE2  H N N 125 
GLU HXT  H N N 126 
GLY N    N N N 127 
GLY CA   C N N 128 
GLY C    C N N 129 
GLY O    O N N 130 
GLY OXT  O N N 131 
GLY H    H N N 132 
GLY H2   H N N 133 
GLY HA2  H N N 134 
GLY HA3  H N N 135 
GLY HXT  H N N 136 
HIS N    N N N 137 
HIS CA   C N S 138 
HIS C    C N N 139 
HIS O    O N N 140 
HIS CB   C N N 141 
HIS CG   C Y N 142 
HIS ND1  N Y N 143 
HIS CD2  C Y N 144 
HIS CE1  C Y N 145 
HIS NE2  N Y N 146 
HIS OXT  O N N 147 
HIS H    H N N 148 
HIS H2   H N N 149 
HIS HA   H N N 150 
HIS HB2  H N N 151 
HIS HB3  H N N 152 
HIS HD1  H N N 153 
HIS HD2  H N N 154 
HIS HE1  H N N 155 
HIS HE2  H N N 156 
HIS HXT  H N N 157 
ILE N    N N N 158 
ILE CA   C N S 159 
ILE C    C N N 160 
ILE O    O N N 161 
ILE CB   C N S 162 
ILE CG1  C N N 163 
ILE CG2  C N N 164 
ILE CD1  C N N 165 
ILE OXT  O N N 166 
ILE H    H N N 167 
ILE H2   H N N 168 
ILE HA   H N N 169 
ILE HB   H N N 170 
ILE HG12 H N N 171 
ILE HG13 H N N 172 
ILE HG21 H N N 173 
ILE HG22 H N N 174 
ILE HG23 H N N 175 
ILE HD11 H N N 176 
ILE HD12 H N N 177 
ILE HD13 H N N 178 
ILE HXT  H N N 179 
LEU N    N N N 180 
LEU CA   C N S 181 
LEU C    C N N 182 
LEU O    O N N 183 
LEU CB   C N N 184 
LEU CG   C N N 185 
LEU CD1  C N N 186 
LEU CD2  C N N 187 
LEU OXT  O N N 188 
LEU H    H N N 189 
LEU H2   H N N 190 
LEU HA   H N N 191 
LEU HB2  H N N 192 
LEU HB3  H N N 193 
LEU HG   H N N 194 
LEU HD11 H N N 195 
LEU HD12 H N N 196 
LEU HD13 H N N 197 
LEU HD21 H N N 198 
LEU HD22 H N N 199 
LEU HD23 H N N 200 
LEU HXT  H N N 201 
LYS N    N N N 202 
LYS CA   C N S 203 
LYS C    C N N 204 
LYS O    O N N 205 
LYS CB   C N N 206 
LYS CG   C N N 207 
LYS CD   C N N 208 
LYS CE   C N N 209 
LYS NZ   N N N 210 
LYS OXT  O N N 211 
LYS H    H N N 212 
LYS H2   H N N 213 
LYS HA   H N N 214 
LYS HB2  H N N 215 
LYS HB3  H N N 216 
LYS HG2  H N N 217 
LYS HG3  H N N 218 
LYS HD2  H N N 219 
LYS HD3  H N N 220 
LYS HE2  H N N 221 
LYS HE3  H N N 222 
LYS HZ1  H N N 223 
LYS HZ2  H N N 224 
LYS HZ3  H N N 225 
LYS HXT  H N N 226 
MET N    N N N 227 
MET CA   C N S 228 
MET C    C N N 229 
MET O    O N N 230 
MET CB   C N N 231 
MET CG   C N N 232 
MET SD   S N N 233 
MET CE   C N N 234 
MET OXT  O N N 235 
MET H    H N N 236 
MET H2   H N N 237 
MET HA   H N N 238 
MET HB2  H N N 239 
MET HB3  H N N 240 
MET HG2  H N N 241 
MET HG3  H N N 242 
MET HE1  H N N 243 
MET HE2  H N N 244 
MET HE3  H N N 245 
MET HXT  H N N 246 
PHE N    N N N 247 
PHE CA   C N S 248 
PHE C    C N N 249 
PHE O    O N N 250 
PHE CB   C N N 251 
PHE CG   C Y N 252 
PHE CD1  C Y N 253 
PHE CD2  C Y N 254 
PHE CE1  C Y N 255 
PHE CE2  C Y N 256 
PHE CZ   C Y N 257 
PHE OXT  O N N 258 
PHE H    H N N 259 
PHE H2   H N N 260 
PHE HA   H N N 261 
PHE HB2  H N N 262 
PHE HB3  H N N 263 
PHE HD1  H N N 264 
PHE HD2  H N N 265 
PHE HE1  H N N 266 
PHE HE2  H N N 267 
PHE HZ   H N N 268 
PHE HXT  H N N 269 
PRO N    N N N 270 
PRO CA   C N S 271 
PRO C    C N N 272 
PRO O    O N N 273 
PRO CB   C N N 274 
PRO CG   C N N 275 
PRO CD   C N N 276 
PRO OXT  O N N 277 
PRO H    H N N 278 
PRO HA   H N N 279 
PRO HB2  H N N 280 
PRO HB3  H N N 281 
PRO HG2  H N N 282 
PRO HG3  H N N 283 
PRO HD2  H N N 284 
PRO HD3  H N N 285 
PRO HXT  H N N 286 
SER N    N N N 287 
SER CA   C N S 288 
SER C    C N N 289 
SER O    O N N 290 
SER CB   C N N 291 
SER OG   O N N 292 
SER OXT  O N N 293 
SER H    H N N 294 
SER H2   H N N 295 
SER HA   H N N 296 
SER HB2  H N N 297 
SER HB3  H N N 298 
SER HG   H N N 299 
SER HXT  H N N 300 
THR N    N N N 301 
THR CA   C N S 302 
THR C    C N N 303 
THR O    O N N 304 
THR CB   C N R 305 
THR OG1  O N N 306 
THR CG2  C N N 307 
THR OXT  O N N 308 
THR H    H N N 309 
THR H2   H N N 310 
THR HA   H N N 311 
THR HB   H N N 312 
THR HG1  H N N 313 
THR HG21 H N N 314 
THR HG22 H N N 315 
THR HG23 H N N 316 
THR HXT  H N N 317 
TRP N    N N N 318 
TRP CA   C N S 319 
TRP C    C N N 320 
TRP O    O N N 321 
TRP CB   C N N 322 
TRP CG   C Y N 323 
TRP CD1  C Y N 324 
TRP CD2  C Y N 325 
TRP NE1  N Y N 326 
TRP CE2  C Y N 327 
TRP CE3  C Y N 328 
TRP CZ2  C Y N 329 
TRP CZ3  C Y N 330 
TRP CH2  C Y N 331 
TRP OXT  O N N 332 
TRP H    H N N 333 
TRP H2   H N N 334 
TRP HA   H N N 335 
TRP HB2  H N N 336 
TRP HB3  H N N 337 
TRP HD1  H N N 338 
TRP HE1  H N N 339 
TRP HE3  H N N 340 
TRP HZ2  H N N 341 
TRP HZ3  H N N 342 
TRP HH2  H N N 343 
TRP HXT  H N N 344 
TYR N    N N N 345 
TYR CA   C N S 346 
TYR C    C N N 347 
TYR O    O N N 348 
TYR CB   C N N 349 
TYR CG   C Y N 350 
TYR CD1  C Y N 351 
TYR CD2  C Y N 352 
TYR CE1  C Y N 353 
TYR CE2  C Y N 354 
TYR CZ   C Y N 355 
TYR OH   O N N 356 
TYR OXT  O N N 357 
TYR H    H N N 358 
TYR H2   H N N 359 
TYR HA   H N N 360 
TYR HB2  H N N 361 
TYR HB3  H N N 362 
TYR HD1  H N N 363 
TYR HD2  H N N 364 
TYR HE1  H N N 365 
TYR HE2  H N N 366 
TYR HH   H N N 367 
TYR HXT  H N N 368 
VAL N    N N N 369 
VAL CA   C N S 370 
VAL C    C N N 371 
VAL O    O N N 372 
VAL CB   C N N 373 
VAL CG1  C N N 374 
VAL CG2  C N N 375 
VAL OXT  O N N 376 
VAL H    H N N 377 
VAL H2   H N N 378 
VAL HA   H N N 379 
VAL HB   H N N 380 
VAL HG11 H N N 381 
VAL HG12 H N N 382 
VAL HG13 H N N 383 
VAL HG21 H N N 384 
VAL HG22 H N N 385 
VAL HG23 H N N 386 
VAL HXT  H N N 387 
# 
loop_
_chem_comp_bond.comp_id 
_chem_comp_bond.atom_id_1 
_chem_comp_bond.atom_id_2 
_chem_comp_bond.value_order 
_chem_comp_bond.pdbx_aromatic_flag 
_chem_comp_bond.pdbx_stereo_config 
_chem_comp_bond.pdbx_ordinal 
ALA N   CA   sing N N 1   
ALA N   H    sing N N 2   
ALA N   H2   sing N N 3   
ALA CA  C    sing N N 4   
ALA CA  CB   sing N N 5   
ALA CA  HA   sing N N 6   
ALA C   O    doub N N 7   
ALA C   OXT  sing N N 8   
ALA CB  HB1  sing N N 9   
ALA CB  HB2  sing N N 10  
ALA CB  HB3  sing N N 11  
ALA OXT HXT  sing N N 12  
ARG N   CA   sing N N 13  
ARG N   H    sing N N 14  
ARG N   H2   sing N N 15  
ARG CA  C    sing N N 16  
ARG CA  CB   sing N N 17  
ARG CA  HA   sing N N 18  
ARG C   O    doub N N 19  
ARG C   OXT  sing N N 20  
ARG CB  CG   sing N N 21  
ARG CB  HB2  sing N N 22  
ARG CB  HB3  sing N N 23  
ARG CG  CD   sing N N 24  
ARG CG  HG2  sing N N 25  
ARG CG  HG3  sing N N 26  
ARG CD  NE   sing N N 27  
ARG CD  HD2  sing N N 28  
ARG CD  HD3  sing N N 29  
ARG NE  CZ   sing N N 30  
ARG NE  HE   sing N N 31  
ARG CZ  NH1  sing N N 32  
ARG CZ  NH2  doub N N 33  
ARG NH1 HH11 sing N N 34  
ARG NH1 HH12 sing N N 35  
ARG NH2 HH21 sing N N 36  
ARG NH2 HH22 sing N N 37  
ARG OXT HXT  sing N N 38  
ASN N   CA   sing N N 39  
ASN N   H    sing N N 40  
ASN N   H2   sing N N 41  
ASN CA  C    sing N N 42  
ASN CA  CB   sing N N 43  
ASN CA  HA   sing N N 44  
ASN C   O    doub N N 45  
ASN C   OXT  sing N N 46  
ASN CB  CG   sing N N 47  
ASN CB  HB2  sing N N 48  
ASN CB  HB3  sing N N 49  
ASN CG  OD1  doub N N 50  
ASN CG  ND2  sing N N 51  
ASN ND2 HD21 sing N N 52  
ASN ND2 HD22 sing N N 53  
ASN OXT HXT  sing N N 54  
ASP N   CA   sing N N 55  
ASP N   H    sing N N 56  
ASP N   H2   sing N N 57  
ASP CA  C    sing N N 58  
ASP CA  CB   sing N N 59  
ASP CA  HA   sing N N 60  
ASP C   O    doub N N 61  
ASP C   OXT  sing N N 62  
ASP CB  CG   sing N N 63  
ASP CB  HB2  sing N N 64  
ASP CB  HB3  sing N N 65  
ASP CG  OD1  doub N N 66  
ASP CG  OD2  sing N N 67  
ASP OD2 HD2  sing N N 68  
ASP OXT HXT  sing N N 69  
CYS N   CA   sing N N 70  
CYS N   H    sing N N 71  
CYS N   H2   sing N N 72  
CYS CA  C    sing N N 73  
CYS CA  CB   sing N N 74  
CYS CA  HA   sing N N 75  
CYS C   O    doub N N 76  
CYS C   OXT  sing N N 77  
CYS CB  SG   sing N N 78  
CYS CB  HB2  sing N N 79  
CYS CB  HB3  sing N N 80  
CYS SG  HG   sing N N 81  
CYS OXT HXT  sing N N 82  
GLN N   CA   sing N N 83  
GLN N   H    sing N N 84  
GLN N   H2   sing N N 85  
GLN CA  C    sing N N 86  
GLN CA  CB   sing N N 87  
GLN CA  HA   sing N N 88  
GLN C   O    doub N N 89  
GLN C   OXT  sing N N 90  
GLN CB  CG   sing N N 91  
GLN CB  HB2  sing N N 92  
GLN CB  HB3  sing N N 93  
GLN CG  CD   sing N N 94  
GLN CG  HG2  sing N N 95  
GLN CG  HG3  sing N N 96  
GLN CD  OE1  doub N N 97  
GLN CD  NE2  sing N N 98  
GLN NE2 HE21 sing N N 99  
GLN NE2 HE22 sing N N 100 
GLN OXT HXT  sing N N 101 
GLU N   CA   sing N N 102 
GLU N   H    sing N N 103 
GLU N   H2   sing N N 104 
GLU CA  C    sing N N 105 
GLU CA  CB   sing N N 106 
GLU CA  HA   sing N N 107 
GLU C   O    doub N N 108 
GLU C   OXT  sing N N 109 
GLU CB  CG   sing N N 110 
GLU CB  HB2  sing N N 111 
GLU CB  HB3  sing N N 112 
GLU CG  CD   sing N N 113 
GLU CG  HG2  sing N N 114 
GLU CG  HG3  sing N N 115 
GLU CD  OE1  doub N N 116 
GLU CD  OE2  sing N N 117 
GLU OE2 HE2  sing N N 118 
GLU OXT HXT  sing N N 119 
GLY N   CA   sing N N 120 
GLY N   H    sing N N 121 
GLY N   H2   sing N N 122 
GLY CA  C    sing N N 123 
GLY CA  HA2  sing N N 124 
GLY CA  HA3  sing N N 125 
GLY C   O    doub N N 126 
GLY C   OXT  sing N N 127 
GLY OXT HXT  sing N N 128 
HIS N   CA   sing N N 129 
HIS N   H    sing N N 130 
HIS N   H2   sing N N 131 
HIS CA  C    sing N N 132 
HIS CA  CB   sing N N 133 
HIS CA  HA   sing N N 134 
HIS C   O    doub N N 135 
HIS C   OXT  sing N N 136 
HIS CB  CG   sing N N 137 
HIS CB  HB2  sing N N 138 
HIS CB  HB3  sing N N 139 
HIS CG  ND1  sing Y N 140 
HIS CG  CD2  doub Y N 141 
HIS ND1 CE1  doub Y N 142 
HIS ND1 HD1  sing N N 143 
HIS CD2 NE2  sing Y N 144 
HIS CD2 HD2  sing N N 145 
HIS CE1 NE2  sing Y N 146 
HIS CE1 HE1  sing N N 147 
HIS NE2 HE2  sing N N 148 
HIS OXT HXT  sing N N 149 
ILE N   CA   sing N N 150 
ILE N   H    sing N N 151 
ILE N   H2   sing N N 152 
ILE CA  C    sing N N 153 
ILE CA  CB   sing N N 154 
ILE CA  HA   sing N N 155 
ILE C   O    doub N N 156 
ILE C   OXT  sing N N 157 
ILE CB  CG1  sing N N 158 
ILE CB  CG2  sing N N 159 
ILE CB  HB   sing N N 160 
ILE CG1 CD1  sing N N 161 
ILE CG1 HG12 sing N N 162 
ILE CG1 HG13 sing N N 163 
ILE CG2 HG21 sing N N 164 
ILE CG2 HG22 sing N N 165 
ILE CG2 HG23 sing N N 166 
ILE CD1 HD11 sing N N 167 
ILE CD1 HD12 sing N N 168 
ILE CD1 HD13 sing N N 169 
ILE OXT HXT  sing N N 170 
LEU N   CA   sing N N 171 
LEU N   H    sing N N 172 
LEU N   H2   sing N N 173 
LEU CA  C    sing N N 174 
LEU CA  CB   sing N N 175 
LEU CA  HA   sing N N 176 
LEU C   O    doub N N 177 
LEU C   OXT  sing N N 178 
LEU CB  CG   sing N N 179 
LEU CB  HB2  sing N N 180 
LEU CB  HB3  sing N N 181 
LEU CG  CD1  sing N N 182 
LEU CG  CD2  sing N N 183 
LEU CG  HG   sing N N 184 
LEU CD1 HD11 sing N N 185 
LEU CD1 HD12 sing N N 186 
LEU CD1 HD13 sing N N 187 
LEU CD2 HD21 sing N N 188 
LEU CD2 HD22 sing N N 189 
LEU CD2 HD23 sing N N 190 
LEU OXT HXT  sing N N 191 
LYS N   CA   sing N N 192 
LYS N   H    sing N N 193 
LYS N   H2   sing N N 194 
LYS CA  C    sing N N 195 
LYS CA  CB   sing N N 196 
LYS CA  HA   sing N N 197 
LYS C   O    doub N N 198 
LYS C   OXT  sing N N 199 
LYS CB  CG   sing N N 200 
LYS CB  HB2  sing N N 201 
LYS CB  HB3  sing N N 202 
LYS CG  CD   sing N N 203 
LYS CG  HG2  sing N N 204 
LYS CG  HG3  sing N N 205 
LYS CD  CE   sing N N 206 
LYS CD  HD2  sing N N 207 
LYS CD  HD3  sing N N 208 
LYS CE  NZ   sing N N 209 
LYS CE  HE2  sing N N 210 
LYS CE  HE3  sing N N 211 
LYS NZ  HZ1  sing N N 212 
LYS NZ  HZ2  sing N N 213 
LYS NZ  HZ3  sing N N 214 
LYS OXT HXT  sing N N 215 
MET N   CA   sing N N 216 
MET N   H    sing N N 217 
MET N   H2   sing N N 218 
MET CA  C    sing N N 219 
MET CA  CB   sing N N 220 
MET CA  HA   sing N N 221 
MET C   O    doub N N 222 
MET C   OXT  sing N N 223 
MET CB  CG   sing N N 224 
MET CB  HB2  sing N N 225 
MET CB  HB3  sing N N 226 
MET CG  SD   sing N N 227 
MET CG  HG2  sing N N 228 
MET CG  HG3  sing N N 229 
MET SD  CE   sing N N 230 
MET CE  HE1  sing N N 231 
MET CE  HE2  sing N N 232 
MET CE  HE3  sing N N 233 
MET OXT HXT  sing N N 234 
PHE N   CA   sing N N 235 
PHE N   H    sing N N 236 
PHE N   H2   sing N N 237 
PHE CA  C    sing N N 238 
PHE CA  CB   sing N N 239 
PHE CA  HA   sing N N 240 
PHE C   O    doub N N 241 
PHE C   OXT  sing N N 242 
PHE CB  CG   sing N N 243 
PHE CB  HB2  sing N N 244 
PHE CB  HB3  sing N N 245 
PHE CG  CD1  doub Y N 246 
PHE CG  CD2  sing Y N 247 
PHE CD1 CE1  sing Y N 248 
PHE CD1 HD1  sing N N 249 
PHE CD2 CE2  doub Y N 250 
PHE CD2 HD2  sing N N 251 
PHE CE1 CZ   doub Y N 252 
PHE CE1 HE1  sing N N 253 
PHE CE2 CZ   sing Y N 254 
PHE CE2 HE2  sing N N 255 
PHE CZ  HZ   sing N N 256 
PHE OXT HXT  sing N N 257 
PRO N   CA   sing N N 258 
PRO N   CD   sing N N 259 
PRO N   H    sing N N 260 
PRO CA  C    sing N N 261 
PRO CA  CB   sing N N 262 
PRO CA  HA   sing N N 263 
PRO C   O    doub N N 264 
PRO C   OXT  sing N N 265 
PRO CB  CG   sing N N 266 
PRO CB  HB2  sing N N 267 
PRO CB  HB3  sing N N 268 
PRO CG  CD   sing N N 269 
PRO CG  HG2  sing N N 270 
PRO CG  HG3  sing N N 271 
PRO CD  HD2  sing N N 272 
PRO CD  HD3  sing N N 273 
PRO OXT HXT  sing N N 274 
SER N   CA   sing N N 275 
SER N   H    sing N N 276 
SER N   H2   sing N N 277 
SER CA  C    sing N N 278 
SER CA  CB   sing N N 279 
SER CA  HA   sing N N 280 
SER C   O    doub N N 281 
SER C   OXT  sing N N 282 
SER CB  OG   sing N N 283 
SER CB  HB2  sing N N 284 
SER CB  HB3  sing N N 285 
SER OG  HG   sing N N 286 
SER OXT HXT  sing N N 287 
THR N   CA   sing N N 288 
THR N   H    sing N N 289 
THR N   H2   sing N N 290 
THR CA  C    sing N N 291 
THR CA  CB   sing N N 292 
THR CA  HA   sing N N 293 
THR C   O    doub N N 294 
THR C   OXT  sing N N 295 
THR CB  OG1  sing N N 296 
THR CB  CG2  sing N N 297 
THR CB  HB   sing N N 298 
THR OG1 HG1  sing N N 299 
THR CG2 HG21 sing N N 300 
THR CG2 HG22 sing N N 301 
THR CG2 HG23 sing N N 302 
THR OXT HXT  sing N N 303 
TRP N   CA   sing N N 304 
TRP N   H    sing N N 305 
TRP N   H2   sing N N 306 
TRP CA  C    sing N N 307 
TRP CA  CB   sing N N 308 
TRP CA  HA   sing N N 309 
TRP C   O    doub N N 310 
TRP C   OXT  sing N N 311 
TRP CB  CG   sing N N 312 
TRP CB  HB2  sing N N 313 
TRP CB  HB3  sing N N 314 
TRP CG  CD1  doub Y N 315 
TRP CG  CD2  sing Y N 316 
TRP CD1 NE1  sing Y N 317 
TRP CD1 HD1  sing N N 318 
TRP CD2 CE2  doub Y N 319 
TRP CD2 CE3  sing Y N 320 
TRP NE1 CE2  sing Y N 321 
TRP NE1 HE1  sing N N 322 
TRP CE2 CZ2  sing Y N 323 
TRP CE3 CZ3  doub Y N 324 
TRP CE3 HE3  sing N N 325 
TRP CZ2 CH2  doub Y N 326 
TRP CZ2 HZ2  sing N N 327 
TRP CZ3 CH2  sing Y N 328 
TRP CZ3 HZ3  sing N N 329 
TRP CH2 HH2  sing N N 330 
TRP OXT HXT  sing N N 331 
TYR N   CA   sing N N 332 
TYR N   H    sing N N 333 
TYR N   H2   sing N N 334 
TYR CA  C    sing N N 335 
TYR CA  CB   sing N N 336 
TYR CA  HA   sing N N 337 
TYR C   O    doub N N 338 
TYR C   OXT  sing N N 339 
TYR CB  CG   sing N N 340 
TYR CB  HB2  sing N N 341 
TYR CB  HB3  sing N N 342 
TYR CG  CD1  doub Y N 343 
TYR CG  CD2  sing Y N 344 
TYR CD1 CE1  sing Y N 345 
TYR CD1 HD1  sing N N 346 
TYR CD2 CE2  doub Y N 347 
TYR CD2 HD2  sing N N 348 
TYR CE1 CZ   doub Y N 349 
TYR CE1 HE1  sing N N 350 
TYR CE2 CZ   sing Y N 351 
TYR CE2 HE2  sing N N 352 
TYR CZ  OH   sing N N 353 
TYR OH  HH   sing N N 354 
TYR OXT HXT  sing N N 355 
VAL N   CA   sing N N 356 
VAL N   H    sing N N 357 
VAL N   H2   sing N N 358 
VAL CA  C    sing N N 359 
VAL CA  CB   sing N N 360 
VAL CA  HA   sing N N 361 
VAL C   O    doub N N 362 
VAL C   OXT  sing N N 363 
VAL CB  CG1  sing N N 364 
VAL CB  CG2  sing N N 365 
VAL CB  HB   sing N N 366 
VAL CG1 HG11 sing N N 367 
VAL CG1 HG12 sing N N 368 
VAL CG1 HG13 sing N N 369 
VAL CG2 HG21 sing N N 370 
VAL CG2 HG22 sing N N 371 
VAL CG2 HG23 sing N N 372 
VAL OXT HXT  sing N N 373 
# 
_em_ctf_correction.id        1 
_em_ctf_correction.details   robem 
_em_ctf_correction.type      . 
# 
_em_image_processing.id                   1 
_em_image_processing.image_recording_id   1 
_em_image_processing.details              ? 
# 
_em_image_recording.avg_electron_dose_per_image   37.70 
_em_image_recording.details                       ? 
_em_image_recording.id                            1 
_em_image_recording.film_or_detector_model        'KODAK SO-163 FILM' 
_em_image_recording.imaging_id                    1 
_em_image_recording.detector_mode                 ? 
_em_image_recording.average_exposure_time         ? 
_em_image_recording.num_diffraction_images        ? 
_em_image_recording.num_grids_imaged              ? 
_em_image_recording.num_real_images               ? 
# 
loop_
_em_software.id 
_em_software.name 
_em_software.version 
_em_software.category 
_em_software.details 
_em_software.image_processing_id 
1 EM3DR ? RECONSTRUCTION ? 1 
2 EMPFT ? RECONSTRUCTION ? 1 
# 
_em_specimen.experiment_id           1 
_em_specimen.id                      1 
_em_specimen.concentration           1 
_em_specimen.vitrification_applied   YES 
_em_specimen.staining_applied        NO 
_em_specimen.embedding_applied       NO 
_em_specimen.shadowing_applied       NO 
_em_specimen.details                 '10mM Tris-HCL' 
# 
_em_virus_natural_host.entity_assembly_id   1 
_em_virus_natural_host.id                   1 
_em_virus_natural_host.ncbi_tax_id          9685 
_em_virus_natural_host.organism             'Felis catus' 
_em_virus_natural_host.strain               ? 
# 
_em_virus_shell.entity_assembly_id   1 
_em_virus_shell.id                   1 
_em_virus_shell.name                 ? 
_em_virus_shell.diameter             ? 
_em_virus_shell.triangulation        1 
# 
_pdbx_initial_refinement_model.id               1 
_pdbx_initial_refinement_model.type             'experimental model' 
_pdbx_initial_refinement_model.source_name      PDB 
_pdbx_initial_refinement_model.accession_code   1AIF 
# 
_atom_sites.entry_id                    3IY5 
_atom_sites.fract_transf_matrix[1][1]   1.000000 
_atom_sites.fract_transf_matrix[1][2]   0.000000 
_atom_sites.fract_transf_matrix[1][3]   0.000000 
_atom_sites.fract_transf_matrix[2][1]   0.000000 
_atom_sites.fract_transf_matrix[2][2]   1.000000 
_atom_sites.fract_transf_matrix[2][3]   0.000000 
_atom_sites.fract_transf_matrix[3][1]   0.000000 
_atom_sites.fract_transf_matrix[3][2]   0.000000 
_atom_sites.fract_transf_matrix[3][3]   1.000000 
_atom_sites.fract_transf_vector[1]      0.00000 
_atom_sites.fract_transf_vector[2]      0.00000 
_atom_sites.fract_transf_vector[3]      0.00000 
# 
loop_
_atom_type.symbol 
C 
N 
O 
S 
# 
loop_
_atom_site.group_PDB 
_atom_site.id 
_atom_site.type_symbol 
_atom_site.label_atom_id 
_atom_site.label_alt_id 
_atom_site.label_comp_id 
_atom_site.label_asym_id 
_atom_site.label_entity_id 
_atom_site.label_seq_id 
_atom_site.pdbx_PDB_ins_code 
_atom_site.Cartn_x 
_atom_site.Cartn_y 
_atom_site.Cartn_z 
_atom_site.occupancy 
_atom_site.B_iso_or_equiv 
_atom_site.pdbx_formal_charge 
_atom_site.auth_seq_id 
_atom_site.auth_comp_id 
_atom_site.auth_asym_id 
_atom_site.auth_atom_id 
_atom_site.pdbx_PDB_model_num 
ATOM 1    N N   . ASP A 1 1   ? 8.493   15.745  1.268   1.00 89.02  ? 1   ASP A N   1 
ATOM 2    C CA  . ASP A 1 1   ? 7.624   14.927  2.185   1.00 80.08  ? 1   ASP A CA  1 
ATOM 3    C C   . ASP A 1 1   ? 6.207   15.504  2.461   1.00 75.99  ? 1   ASP A C   1 
ATOM 4    O O   . ASP A 1 1   ? 6.076   16.688  2.830   1.00 80.51  ? 1   ASP A O   1 
ATOM 5    C CB  . ASP A 1 1   ? 8.341   14.673  3.531   1.00 81.64  ? 1   ASP A CB  1 
ATOM 6    C CG  . ASP A 1 1   ? 9.254   13.463  3.499   1.00 81.25  ? 1   ASP A CG  1 
ATOM 7    O OD1 . ASP A 1 1   ? 9.070   12.556  2.650   1.00 75.46  ? 1   ASP A OD1 1 
ATOM 8    O OD2 . ASP A 1 1   ? 10.158  13.425  4.358   1.00 86.05  ? 1   ASP A OD2 1 
ATOM 9    N N   . ILE A 1 2   ? 5.203   14.621  2.328   1.00 67.89  ? 2   ILE A N   1 
ATOM 10   C CA  . ILE A 1 2   ? 3.762   14.874  2.528   1.00 61.64  ? 2   ILE A CA  1 
ATOM 11   C C   . ILE A 1 2   ? 3.245   13.898  3.653   1.00 52.85  ? 2   ILE A C   1 
ATOM 12   O O   . ILE A 1 2   ? 3.323   12.650  3.510   1.00 45.69  ? 2   ILE A O   1 
ATOM 13   C CB  . ILE A 1 2   ? 2.963   14.577  1.235   1.00 66.66  ? 2   ILE A CB  1 
ATOM 14   C CG1 . ILE A 1 2   ? 3.796   14.931  0.001   1.00 83.34  ? 2   ILE A CG1 1 
ATOM 15   C CG2 . ILE A 1 2   ? 1.670   15.388  1.221   1.00 80.26  ? 2   ILE A CG2 1 
ATOM 16   C CD1 . ILE A 1 2   ? 3.279   14.316  -1.295  1.00 97.60  ? 2   ILE A CD1 1 
ATOM 17   N N   . GLN A 1 3   ? 2.611   14.450  4.700   1.00 53.10  ? 3   GLN A N   1 
ATOM 18   C CA  . GLN A 1 3   ? 2.374   13.678  5.910   1.00 49.50  ? 3   GLN A CA  1 
ATOM 19   C C   . GLN A 1 3   ? 0.979   13.410  6.399   1.00 43.42  ? 3   GLN A C   1 
ATOM 20   O O   . GLN A 1 3   ? 0.236   14.339  6.688   1.00 46.68  ? 3   GLN A O   1 
ATOM 21   C CB  . GLN A 1 3   ? 3.124   14.349  7.047   1.00 59.49  ? 3   GLN A CB  1 
ATOM 22   C CG  . GLN A 1 3   ? 4.564   14.762  6.699   1.00 67.32  ? 3   GLN A CG  1 
ATOM 23   C CD  . GLN A 1 3   ? 4.696   16.192  6.128   1.00 73.92  ? 3   GLN A CD  1 
ATOM 24   O OE1 . GLN A 1 3   ? 4.131   16.528  5.069   1.00 72.66  ? 3   GLN A OE1 1 
ATOM 25   N NE2 . GLN A 1 3   ? 5.463   17.040  6.839   1.00 81.41  ? 3   GLN A NE2 1 
ATOM 26   N N   . LEU A 1 4   ? 0.660   12.138  6.598   1.00 37.05  ? 4   LEU A N   1 
ATOM 27   C CA  . LEU A 1 4   ? -0.582  11.764  7.264   1.00 33.67  ? 4   LEU A CA  1 
ATOM 28   C C   . LEU A 1 4   ? -0.174  11.231  8.648   1.00 38.66  ? 4   LEU A C   1 
ATOM 29   O O   . LEU A 1 4   ? 0.871   10.591  8.751   1.00 42.56  ? 4   LEU A O   1 
ATOM 30   C CB  . LEU A 1 4   ? -1.256  10.635  6.507   1.00 26.28  ? 4   LEU A CB  1 
ATOM 31   C CG  . LEU A 1 4   ? -2.059  10.778  5.230   1.00 19.72  ? 4   LEU A CG  1 
ATOM 32   C CD1 . LEU A 1 4   ? -1.215  10.803  3.966   1.00 17.80  ? 4   LEU A CD1 1 
ATOM 33   C CD2 . LEU A 1 4   ? -2.918  9.561   5.219   1.00 14.85  ? 4   LEU A CD2 1 
ATOM 34   N N   . THR A 1 5   ? -0.922  11.532  9.712   1.00 42.85  ? 5   THR A N   1 
ATOM 35   C CA  . THR A 1 5   ? -0.676  10.876  11.018  1.00 48.17  ? 5   THR A CA  1 
ATOM 36   C C   . THR A 1 5   ? -1.981  10.377  11.670  1.00 45.12  ? 5   THR A C   1 
ATOM 37   O O   . THR A 1 5   ? -3.027  11.042  11.561  1.00 45.89  ? 5   THR A O   1 
ATOM 38   C CB  . THR A 1 5   ? 0.111   11.740  12.085  1.00 59.95  ? 5   THR A CB  1 
ATOM 39   O OG1 . THR A 1 5   ? -0.551  12.969  12.332  1.00 63.38  ? 5   THR A OG1 1 
ATOM 40   C CG2 . THR A 1 5   ? 1.508   12.034  11.651  1.00 63.88  ? 5   THR A CG2 1 
ATOM 41   N N   . GLN A 1 6   ? -1.912  9.243   12.379  1.00 45.39  ? 6   GLN A N   1 
ATOM 42   C CA  . GLN A 1 6   ? -3.109  8.673   12.977  1.00 42.97  ? 6   GLN A CA  1 
ATOM 43   C C   . GLN A 1 6   ? -3.316  8.758   14.491  1.00 49.05  ? 6   GLN A C   1 
ATOM 44   O O   . GLN A 1 6   ? -2.497  8.308   15.311  1.00 54.75  ? 6   GLN A O   1 
ATOM 45   C CB  . GLN A 1 6   ? -3.306  7.256   12.468  1.00 35.89  ? 6   GLN A CB  1 
ATOM 46   C CG  . GLN A 1 6   ? -3.572  7.258   11.004  1.00 30.97  ? 6   GLN A CG  1 
ATOM 47   C CD  . GLN A 1 6   ? -3.734  5.903   10.453  1.00 26.68  ? 6   GLN A CD  1 
ATOM 48   O OE1 . GLN A 1 6   ? -3.186  5.605   9.390   1.00 23.79  ? 6   GLN A OE1 1 
ATOM 49   N NE2 . GLN A 1 6   ? -4.524  5.069   11.134  1.00 26.35  ? 6   GLN A NE2 1 
ATOM 50   N N   . SER A 1 7   ? -4.421  9.397   14.831  1.00 52.84  ? 7   SER A N   1 
ATOM 51   C CA  . SER A 1 7   ? -4.877  9.568   16.210  1.00 61.16  ? 7   SER A CA  1 
ATOM 52   C C   . SER A 1 7   ? -5.859  8.446   16.372  1.00 57.72  ? 7   SER A C   1 
ATOM 53   O O   . SER A 1 7   ? -6.927  8.478   15.768  1.00 54.82  ? 7   SER A O   1 
ATOM 54   C CB  . SER A 1 7   ? -5.674  10.895  16.416  1.00 68.89  ? 7   SER A CB  1 
ATOM 55   O OG  . SER A 1 7   ? -5.554  11.869  15.353  1.00 67.79  ? 7   SER A OG  1 
ATOM 56   N N   . PRO A 1 8   ? -5.554  7.471   17.214  1.00 58.38  ? 8   PRO A N   1 
ATOM 57   C CA  . PRO A 1 8   ? -4.372  7.306   18.039  1.00 63.95  ? 8   PRO A CA  1 
ATOM 58   C C   . PRO A 1 8   ? -3.628  6.063   17.644  1.00 58.41  ? 8   PRO A C   1 
ATOM 59   O O   . PRO A 1 8   ? -4.045  5.364   16.754  1.00 49.78  ? 8   PRO A O   1 
ATOM 60   C CB  . PRO A 1 8   ? -4.969  7.119   19.415  1.00 72.58  ? 8   PRO A CB  1 
ATOM 61   C CG  . PRO A 1 8   ? -6.304  6.487   19.147  1.00 68.71  ? 8   PRO A CG  1 
ATOM 62   C CD  . PRO A 1 8   ? -6.603  6.571   17.688  1.00 59.03  ? 8   PRO A CD  1 
ATOM 63   N N   . ALA A 1 9   ? -2.595  5.729   18.403  1.00 64.24  ? 9   ALA A N   1 
ATOM 64   C CA  . ALA A 1 9   ? -1.750  4.597   18.094  1.00 62.59  ? 9   ALA A CA  1 
ATOM 65   C C   . ALA A 1 9   ? -2.334  3.242   18.454  1.00 58.89  ? 9   ALA A C   1 
ATOM 66   O O   . ALA A 1 9   ? -2.332  2.334   17.624  1.00 51.07  ? 9   ALA A O   1 
ATOM 67   C CB  . ALA A 1 9   ? -0.411  4.779   18.750  1.00 73.49  ? 9   ALA A CB  1 
ATOM 68   N N   . PHE A 1 10  ? -2.745  3.051   19.705  1.00 64.95  ? 10  PHE A N   1 
ATOM 69   C CA  . PHE A 1 10  ? -3.304  1.756   20.120  1.00 62.74  ? 10  PHE A CA  1 
ATOM 70   C C   . PHE A 1 10  ? -4.642  1.998   20.799  1.00 64.23  ? 10  PHE A C   1 
ATOM 71   O O   . PHE A 1 10  ? -4.830  2.963   21.498  1.00 72.10  ? 10  PHE A O   1 
ATOM 72   C CB  . PHE A 1 10  ? -2.371  0.985   21.073  1.00 69.53  ? 10  PHE A CB  1 
ATOM 73   C CG  . PHE A 1 10  ? -0.882  1.223   20.826  1.00 75.11  ? 10  PHE A CG  1 
ATOM 74   C CD1 . PHE A 1 10  ? -0.191  2.247   21.493  1.00 84.28  ? 10  PHE A CD1 1 
ATOM 75   C CD2 . PHE A 1 10  ? -0.149  0.373   19.981  1.00 72.80  ? 10  PHE A CD2 1 
ATOM 76   C CE1 . PHE A 1 10  ? 1.201   2.406   21.330  1.00 90.81  ? 10  PHE A CE1 1 
ATOM 77   C CE2 . PHE A 1 10  ? 1.246   0.517   19.801  1.00 80.27  ? 10  PHE A CE2 1 
ATOM 78   C CZ  . PHE A 1 10  ? 1.915   1.524   20.477  1.00 89.09  ? 10  PHE A CZ  1 
ATOM 79   N N   . MET A 1 11  ? -5.570  1.095   20.599  1.00 60.02  ? 11  MET A N   1 
ATOM 80   C CA  . MET A 1 11  ? -6.889  1.249   21.151  1.00 65.35  ? 11  MET A CA  1 
ATOM 81   C C   . MET A 1 11  ? -7.224  0.041   21.958  1.00 66.70  ? 11  MET A C   1 
ATOM 82   O O   . MET A 1 11  ? -6.427  -0.850  22.096  1.00 63.30  ? 11  MET A O   1 
ATOM 83   C CB  . MET A 1 11  ? -7.860  1.323   20.027  1.00 58.62  ? 11  MET A CB  1 
ATOM 84   C CG  . MET A 1 11  ? -8.255  2.725   19.744  1.00 64.09  ? 11  MET A CG  1 
ATOM 85   S SD  . MET A 1 11  ? -9.224  3.355   21.026  1.00 79.58  ? 11  MET A SD  1 
ATOM 86   C CE  . MET A 1 11  ? -10.777 3.704   20.109  1.00 81.34  ? 11  MET A CE  1 
ATOM 87   N N   . ALA A 1 12  ? -8.408  0.010   22.530  1.00 72.32  ? 12  ALA A N   1 
ATOM 88   C CA  . ALA A 1 12  ? -8.826  -1.185  23.239  1.00 72.67  ? 12  ALA A CA  1 
ATOM 89   C C   . ALA A 1 12  ? -10.334 -1.121  23.173  1.00 76.17  ? 12  ALA A C   1 
ATOM 90   O O   . ALA A 1 12  ? -10.934 -0.128  23.604  1.00 85.89  ? 12  ALA A O   1 
ATOM 91   C CB  . ALA A 1 12  ? -8.348  -1.173  24.655  1.00 80.81  ? 12  ALA A CB  1 
ATOM 92   N N   . ALA A 1 13  ? -10.938 -2.140  22.573  1.00 69.20  ? 13  ALA A N   1 
ATOM 93   C CA  . ALA A 1 13  ? -12.373 -2.159  22.334  1.00 72.11  ? 13  ALA A CA  1 
ATOM 94   C C   . ALA A 1 13  ? -13.105 -3.393  22.865  1.00 72.35  ? 13  ALA A C   1 
ATOM 95   O O   . ALA A 1 13  ? -12.712 -4.510  22.599  1.00 64.12  ? 13  ALA A O   1 
ATOM 96   C CB  . ALA A 1 13  ? -12.632 -2.015  20.827  1.00 62.99  ? 13  ALA A CB  1 
ATOM 97   N N   . SER A 1 14  ? -14.179 -3.184  23.606  1.00 82.52  ? 14  SER A N   1 
ATOM 98   C CA  . SER A 1 14  ? -15.019 -4.276  24.106  1.00 84.65  ? 14  SER A CA  1 
ATOM 99   C C   . SER A 1 14  ? -15.855 -4.774  22.933  1.00 77.24  ? 14  SER A C   1 
ATOM 100  O O   . SER A 1 14  ? -16.183 -4.004  22.033  1.00 74.28  ? 14  SER A O   1 
ATOM 101  C CB  . SER A 1 14  ? -15.970 -3.737  25.192  1.00 99.32  ? 14  SER A CB  1 
ATOM 102  O OG  . SER A 1 14  ? -16.543 -2.451  24.862  1.00 104.74 ? 14  SER A OG  1 
ATOM 103  N N   . PRO A 1 15  ? -16.150 -6.072  22.868  1.00 73.32  ? 15  PRO A N   1 
ATOM 104  C CA  . PRO A 1 15  ? -16.964 -6.402  21.687  1.00 67.46  ? 15  PRO A CA  1 
ATOM 105  C C   . PRO A 1 15  ? -18.278 -5.665  21.740  1.00 75.47  ? 15  PRO A C   1 
ATOM 106  O O   . PRO A 1 15  ? -18.895 -5.592  22.787  1.00 86.14  ? 15  PRO A O   1 
ATOM 107  C CB  . PRO A 1 15  ? -17.142 -7.913  21.796  1.00 66.64  ? 15  PRO A CB  1 
ATOM 108  C CG  . PRO A 1 15  ? -15.734 -8.335  22.314  1.00 63.23  ? 15  PRO A CG  1 
ATOM 109  C CD  . PRO A 1 15  ? -15.485 -7.268  23.425  1.00 71.02  ? 15  PRO A CD  1 
ATOM 110  N N   . GLY A 1 16  ? -18.609 -4.984  20.660  1.00 71.28  ? 16  GLY A N   1 
ATOM 111  C CA  . GLY A 1 16  ? -19.879 -4.300  20.599  1.00 78.45  ? 16  GLY A CA  1 
ATOM 112  C C   . GLY A 1 16  ? -19.769 -2.804  20.728  1.00 83.44  ? 16  GLY A C   1 
ATOM 113  O O   . GLY A 1 16  ? -20.769 -2.123  20.721  1.00 90.27  ? 16  GLY A O   1 
ATOM 114  N N   . GLU A 1 17  ? -18.555 -2.287  20.811  1.00 82.16  ? 17  GLU A N   1 
ATOM 115  C CA  . GLU A 1 17  ? -18.339 -0.857  20.984  1.00 90.48  ? 17  GLU A CA  1 
ATOM 116  C C   . GLU A 1 17  ? -18.333 -0.185  19.634  1.00 84.45  ? 17  GLU A C   1 
ATOM 117  O O   . GLU A 1 17  ? -18.568 -0.852  18.651  1.00 75.05  ? 17  GLU A O   1 
ATOM 118  C CB  . GLU A 1 17  ? -17.010 -0.645  21.677  1.00 92.17  ? 17  GLU A CB  1 
ATOM 119  C CG  . GLU A 1 17  ? -16.824 0.668   22.342  1.00 104.24 ? 17  GLU A CG  1 
ATOM 120  C CD  . GLU A 1 17  ? -15.528 0.698   23.146  1.00 105.86 ? 17  GLU A CD  1 
ATOM 121  O OE1 . GLU A 1 17  ? -15.386 -0.122  24.083  1.00 106.54 ? 17  GLU A OE1 1 
ATOM 122  O OE2 . GLU A 1 17  ? -14.644 1.527   22.841  1.00 105.17 ? 17  GLU A OE2 1 
ATOM 123  N N   . LYS A 1 18  ? -18.099 1.131   19.592  1.00 92.00  ? 18  LYS A N   1 
ATOM 124  C CA  . LYS A 1 18  ? -18.004 1.902   18.346  1.00 88.53  ? 18  LYS A CA  1 
ATOM 125  C C   . LYS A 1 18  ? -16.634 2.613   18.270  1.00 87.52  ? 18  LYS A C   1 
ATOM 126  O O   . LYS A 1 18  ? -16.360 3.588   18.974  1.00 97.92  ? 18  LYS A O   1 
ATOM 127  C CB  . LYS A 1 18  ? -19.140 2.945   18.232  1.00 98.49  ? 18  LYS A CB  1 
ATOM 128  C CG  . LYS A 1 18  ? -18.892 4.014   17.144  1.00 98.57  ? 18  LYS A CG  1 
ATOM 129  C CD  . LYS A 1 18  ? -19.906 5.183   17.147  1.00 109.72 ? 18  LYS A CD  1 
ATOM 130  C CE  . LYS A 1 18  ? -19.382 6.470   17.862  1.00 118.47 ? 18  LYS A CE  1 
ATOM 131  N NZ  . LYS A 1 18  ? -20.256 7.734   17.693  1.00 125.06 ? 18  LYS A NZ  1 
ATOM 132  N N   . VAL A 1 19  ? -15.780 2.152   17.371  1.00 74.77  ? 19  VAL A N   1 
ATOM 133  C CA  . VAL A 1 19  ? -14.456 2.745   17.211  1.00 72.16  ? 19  VAL A CA  1 
ATOM 134  C C   . VAL A 1 19  ? -14.296 3.797   16.101  1.00 70.92  ? 19  VAL A C   1 
ATOM 135  O O   . VAL A 1 19  ? -14.967 3.752   15.075  1.00 68.20  ? 19  VAL A O   1 
ATOM 136  C CB  . VAL A 1 19  ? -13.478 1.651   16.965  1.00 60.84  ? 19  VAL A CB  1 
ATOM 137  C CG1 . VAL A 1 19  ? -12.114 2.230   16.614  1.00 56.95  ? 19  VAL A CG1 1 
ATOM 138  C CG2 . VAL A 1 19  ? -13.461 0.734   18.196  1.00 62.92  ? 19  VAL A CG2 1 
ATOM 139  N N   . THR A 1 20  ? -13.433 4.777   16.323  1.00 72.45  ? 20  THR A N   1 
ATOM 140  C CA  . THR A 1 20  ? -13.126 5.736   15.271  1.00 69.48  ? 20  THR A CA  1 
ATOM 141  C C   . THR A 1 20  ? -11.708 6.260   15.361  1.00 64.41  ? 20  THR A C   1 
ATOM 142  O O   . THR A 1 20  ? -11.321 6.956   16.293  1.00 69.86  ? 20  THR A O   1 
ATOM 143  C CB  . THR A 1 20  ? -14.205 6.892   15.094  1.00 79.68  ? 20  THR A CB  1 
ATOM 144  O OG1 . THR A 1 20  ? -13.574 8.176   14.965  1.00 80.80  ? 20  THR A OG1 1 
ATOM 145  C CG2 . THR A 1 20  ? -15.236 6.902   16.233  1.00 93.40  ? 20  THR A CG2 1 
ATOM 146  N N   . ILE A 1 21  ? -10.921 5.797   14.416  1.00 53.35  ? 21  ILE A N   1 
ATOM 147  C CA  . ILE A 1 21  ? -9.549  6.201   14.286  1.00 47.70  ? 21  ILE A CA  1 
ATOM 148  C C   . ILE A 1 21  ? -9.598  7.214   13.181  1.00 45.18  ? 21  ILE A C   1 
ATOM 149  O O   . ILE A 1 21  ? -10.176 6.952   12.115  1.00 43.45  ? 21  ILE A O   1 
ATOM 150  C CB  . ILE A 1 21  ? -8.683  5.085   13.799  1.00 39.69  ? 21  ILE A CB  1 
ATOM 151  C CG1 . ILE A 1 21  ? -9.405  4.390   12.665  1.00 37.07  ? 21  ILE A CG1 1 
ATOM 152  C CG2 . ILE A 1 21  ? -8.422  4.118   14.873  1.00 39.70  ? 21  ILE A CG2 1 
ATOM 153  C CD1 . ILE A 1 21  ? -8.653  3.284   12.082  1.00 30.72  ? 21  ILE A CD1 1 
ATOM 154  N N   . THR A 1 22  ? -9.034  8.383   13.461  1.00 48.98  ? 22  THR A N   1 
ATOM 155  C CA  . THR A 1 22  ? -8.996  9.506   12.541  1.00 48.80  ? 22  THR A CA  1 
ATOM 156  C C   . THR A 1 22  ? -7.680  9.443   11.710  1.00 41.75  ? 22  THR A C   1 
ATOM 157  O O   . THR A 1 22  ? -6.815  8.639   12.023  1.00 38.53  ? 22  THR A O   1 
ATOM 158  C CB  . THR A 1 22  ? -9.150  10.811  13.399  1.00 60.30  ? 22  THR A CB  1 
ATOM 159  O OG1 . THR A 1 22  ? -8.277  10.752  14.527  1.00 62.78  ? 22  THR A OG1 1 
ATOM 160  C CG2 . THR A 1 22  ? -10.508 10.867  14.000  1.00 70.41  ? 22  THR A CG2 1 
ATOM 161  N N   . CYS A 1 23  ? -7.546  10.226  10.643  1.00 40.60  ? 23  CYS A N   1 
ATOM 162  C CA  . CYS A 1 23  ? -6.334  10.274  9.816   1.00 35.37  ? 23  CYS A CA  1 
ATOM 163  C C   . CYS A 1 23  ? -6.344  11.687  9.257   1.00 38.77  ? 23  CYS A C   1 
ATOM 164  O O   . CYS A 1 23  ? -7.429  12.273  9.019   1.00 43.66  ? 23  CYS A O   1 
ATOM 165  C CB  . CYS A 1 23  ? -6.364  9.263   8.673   1.00 27.97  ? 23  CYS A CB  1 
ATOM 166  S SG  . CYS A 1 23  ? -5.077  9.441   7.374   1.00 22.35  ? 23  CYS A SG  1 
ATOM 167  N N   . SER A 1 24  ? -5.165  12.260  9.020   1.00 40.14  ? 24  SER A N   1 
ATOM 168  C CA  . SER A 1 24  ? -5.119  13.675  8.686   1.00 46.52  ? 24  SER A CA  1 
ATOM 169  C C   . SER A 1 24  ? -3.889  14.182  7.934   1.00 46.08  ? 24  SER A C   1 
ATOM 170  O O   . SER A 1 24  ? -2.746  13.972  8.352   1.00 45.37  ? 24  SER A O   1 
ATOM 171  C CB  . SER A 1 24  ? -5.296  14.428  9.987   1.00 57.38  ? 24  SER A CB  1 
ATOM 172  O OG  . SER A 1 24  ? -4.472  13.834  10.973  1.00 56.78  ? 24  SER A OG  1 
ATOM 173  N N   . VAL A 1 25  ? -4.121  14.883  6.830   1.00 47.29  ? 25  VAL A N   1 
ATOM 174  C CA  . VAL A 1 25  ? -3.024  15.279  5.964   1.00 46.78  ? 25  VAL A CA  1 
ATOM 175  C C   . VAL A 1 25  ? -2.280  16.489  6.467   1.00 57.81  ? 25  VAL A C   1 
ATOM 176  O O   . VAL A 1 25  ? -2.708  17.119  7.440   1.00 64.98  ? 25  VAL A O   1 
ATOM 177  C CB  . VAL A 1 25  ? -3.520  15.525  4.529   1.00 45.53  ? 25  VAL A CB  1 
ATOM 178  C CG1 . VAL A 1 25  ? -2.355  15.418  3.535   1.00 44.22  ? 25  VAL A CG1 1 
ATOM 179  C CG2 . VAL A 1 25  ? -4.658  14.550  4.184   1.00 38.01  ? 25  VAL A CG2 1 
ATOM 180  N N   . SER A 1 26  ? -1.138  16.782  5.846   1.00 59.39  ? 26  SER A N   1 
ATOM 181  C CA  . SER A 1 26  ? -0.389  17.960  6.216   1.00 70.02  ? 26  SER A CA  1 
ATOM 182  C C   . SER A 1 26  ? -0.858  19.094  5.364   1.00 76.89  ? 26  SER A C   1 
ATOM 183  O O   . SER A 1 26  ? -0.834  20.221  5.813   1.00 85.39  ? 26  SER A O   1 
ATOM 184  C CB  . SER A 1 26  ? 1.093   17.742  5.963   1.00 70.96  ? 26  SER A CB  1 
ATOM 185  O OG  . SER A 1 26  ? 1.265   17.174  4.678   1.00 66.95  ? 26  SER A OG  1 
ATOM 186  N N   . SER A 1 27  ? -1.269  18.809  4.131   1.00 73.29  ? 27  SER A N   1 
ATOM 187  C CA  . SER A 1 27  ? -1.719  19.854  3.195   1.00 78.79  ? 27  SER A CA  1 
ATOM 188  C C   . SER A 1 27  ? -3.076  19.382  2.722   1.00 74.35  ? 27  SER A C   1 
ATOM 189  O O   . SER A 1 27  ? -3.260  18.195  2.458   1.00 65.58  ? 27  SER A O   1 
ATOM 190  C CB  . SER A 1 27  ? -0.799  19.947  1.957   1.00 78.88  ? 27  SER A CB  1 
ATOM 191  O OG  . SER A 1 27  ? 0.582   19.994  2.240   1.00 81.87  ? 27  SER A OG  1 
ATOM 192  N N   . SER A 1 28  ? -4.008  20.284  2.502   1.00 80.24  ? 28  SER A N   1 
ATOM 193  C CA  . SER A 1 28  ? -5.362  19.875  2.124   1.00 77.38  ? 28  SER A CA  1 
ATOM 194  C C   . SER A 1 28  ? -5.453  19.030  0.809   1.00 68.10  ? 28  SER A C   1 
ATOM 195  O O   . SER A 1 28  ? -5.395  19.600  -0.268  1.00 73.21  ? 28  SER A O   1 
ATOM 196  C CB  . SER A 1 28  ? -6.239  21.160  1.989   1.00 85.51  ? 28  SER A CB  1 
ATOM 197  O OG  . SER A 1 28  ? -6.011  22.151  3.038   1.00 94.08  ? 28  SER A OG  1 
ATOM 198  N N   . ILE A 1 29  ? -5.559  17.705  0.853   1.00 59.00  ? 29  ILE A N   1 
ATOM 199  C CA  . ILE A 1 29  ? -5.722  16.999  -0.408  1.00 60.88  ? 29  ILE A CA  1 
ATOM 200  C C   . ILE A 1 29  ? -7.193  16.793  -0.463  1.00 51.80  ? 29  ILE A C   1 
ATOM 201  O O   . ILE A 1 29  ? -7.914  17.356  0.360   1.00 56.07  ? 29  ILE A O   1 
ATOM 202  C CB  . ILE A 1 29  ? -4.944  15.651  -0.485  1.00 51.56  ? 29  ILE A CB  1 
ATOM 203  C CG1 . ILE A 1 29  ? -5.528  14.600  0.486   1.00 34.15  ? 29  ILE A CG1 1 
ATOM 204  C CG2 . ILE A 1 29  ? -3.436  15.929  -0.233  1.00 76.74  ? 29  ILE A CG2 1 
ATOM 205  C CD1 . ILE A 1 29  ? -6.211  13.444  -0.161  1.00 25.00  ? 29  ILE A CD1 1 
ATOM 206  N N   . SER A 1 30  ? -7.646  15.928  -1.368  1.00 43.65  ? 30  SER A N   1 
ATOM 207  C CA  . SER A 1 30  ? -9.076  15.736  -1.552  1.00 43.93  ? 30  SER A CA  1 
ATOM 208  C C   . SER A 1 30  ? -9.579  14.363  -1.138  1.00 38.86  ? 30  SER A C   1 
ATOM 209  O O   . SER A 1 30  ? -8.961  13.344  -1.438  1.00 31.28  ? 30  SER A O   1 
ATOM 210  C CB  . SER A 1 30  ? -9.459  16.004  -3.007  1.00 46.84  ? 30  SER A CB  1 
ATOM 211  O OG  . SER A 1 30  ? -9.357  14.830  -3.804  1.00 43.17  ? 30  SER A OG  1 
ATOM 212  N N   . SER A 1 31  ? -10.704 14.378  -0.434  1.00 42.90  ? 31  SER A N   1 
ATOM 213  C CA  . SER A 1 31  ? -11.367 13.200  0.055   1.00 44.23  ? 31  SER A CA  1 
ATOM 214  C C   . SER A 1 31  ? -11.058 12.051  -0.849  1.00 49.99  ? 31  SER A C   1 
ATOM 215  O O   . SER A 1 31  ? -10.364 11.126  -0.475  1.00 38.45  ? 31  SER A O   1 
ATOM 216  C CB  . SER A 1 31  ? -12.894 13.416  0.066   1.00 51.02  ? 31  SER A CB  1 
ATOM 217  O OG  . SER A 1 31  ? -13.341 14.387  1.019   1.00 55.41  ? 31  SER A OG  1 
ATOM 218  N N   . SER A 1 32  ? -11.481 12.181  -2.096  1.00 64.97  ? 32  SER A N   1 
ATOM 219  C CA  . SER A 1 32  ? -11.395 11.091  -3.067  1.00 87.21  ? 32  SER A CA  1 
ATOM 220  C C   . SER A 1 32  ? -9.993  10.629  -3.564  1.00 79.06  ? 32  SER A C   1 
ATOM 221  O O   . SER A 1 32  ? -9.799  10.362  -4.741  1.00 89.29  ? 32  SER A O   1 
ATOM 222  C CB  . SER A 1 32  ? -12.364 11.395  -4.226  1.00 93.89  ? 32  SER A CB  1 
ATOM 223  O OG  . SER A 1 32  ? -13.665 11.766  -3.725  1.00 90.66  ? 32  SER A OG  1 
ATOM 224  N N   . ASN A 1 33  ? -9.029  10.555  -2.658  1.00 55.49  ? 33  ASN A N   1 
ATOM 225  C CA  . ASN A 1 33  ? -7.753  9.995   -2.989  1.00 73.14  ? 33  ASN A CA  1 
ATOM 226  C C   . ASN A 1 33  ? -7.052  9.569   -1.732  1.00 66.00  ? 33  ASN A C   1 
ATOM 227  O O   . ASN A 1 33  ? -5.813  9.452   -1.697  1.00 73.66  ? 33  ASN A O   1 
ATOM 228  C CB  . ASN A 1 33  ? -6.924  10.982  -3.749  1.00 61.87  ? 33  ASN A CB  1 
ATOM 229  C CG  . ASN A 1 33  ? -6.721  10.558  -5.156  1.00 81.67  ? 33  ASN A CG  1 
ATOM 230  O OD1 . ASN A 1 33  ? -7.663  10.400  -5.920  1.00 88.26  ? 33  ASN A OD1 1 
ATOM 231  N ND2 . ASN A 1 33  ? -5.488  10.353  -5.520  1.00 96.87  ? 33  ASN A ND2 1 
ATOM 232  N N   . LEU A 1 34  ? -7.872  9.283   -0.712  1.00 37.61  ? 34  LEU A N   1 
ATOM 233  C CA  . LEU A 1 34  ? -7.423  8.841   0.605   1.00 7.05   ? 34  LEU A CA  1 
ATOM 234  C C   . LEU A 1 34  ? -8.020  7.464   0.716   1.00 9.03   ? 34  LEU A C   1 
ATOM 235  O O   . LEU A 1 34  ? -9.214  7.359   0.856   1.00 12.95  ? 34  LEU A O   1 
ATOM 236  C CB  . LEU A 1 34  ? -8.021  9.755   1.699   1.00 12.65  ? 34  LEU A CB  1 
ATOM 237  C CG  . LEU A 1 34  ? -7.641  9.924   3.187   1.00 13.37  ? 34  LEU A CG  1 
ATOM 238  C CD1 . LEU A 1 34  ? -8.155  8.814   4.061   1.00 14.88  ? 34  LEU A CD1 1 
ATOM 239  C CD2 . LEU A 1 34  ? -6.163  10.066  3.344   1.00 11.34  ? 34  LEU A CD2 1 
ATOM 240  N N   . HIS A 1 35  ? -7.186  6.429   0.549   1.00 6.96   ? 35  HIS A N   1 
ATOM 241  C CA  . HIS A 1 35  ? -7.547  5.012   0.669   1.00 7.01   ? 35  HIS A CA  1 
ATOM 242  C C   . HIS A 1 35  ? -7.218  4.527   2.060   1.00 7.50   ? 35  HIS A C   1 
ATOM 243  O O   . HIS A 1 35  ? -6.272  5.011   2.660   1.00 6.26   ? 35  HIS A O   1 
ATOM 244  C CB  . HIS A 1 35  ? -6.736  4.203   -0.323  1.00 6.28   ? 35  HIS A CB  1 
ATOM 245  C CG  . HIS A 1 35  ? -7.034  4.518   -1.748  1.00 21.02  ? 35  HIS A CG  1 
ATOM 246  N ND1 . HIS A 1 35  ? -7.867  5.545   -2.125  1.00 24.05  ? 35  HIS A ND1 1 
ATOM 247  C CD2 . HIS A 1 35  ? -6.612  3.943   -2.892  1.00 43.68  ? 35  HIS A CD2 1 
ATOM 248  C CE1 . HIS A 1 35  ? -7.939  5.593   -3.440  1.00 64.31  ? 35  HIS A CE1 1 
ATOM 249  N NE2 . HIS A 1 35  ? -7.184  4.632   -3.933  1.00 83.52  ? 35  HIS A NE2 1 
ATOM 250  N N   . TRP A 1 36  ? -7.933  3.531   2.550   1.00 9.92   ? 36  TRP A N   1 
ATOM 251  C CA  . TRP A 1 36  ? -7.699  3.003   3.899   1.00 12.38  ? 36  TRP A CA  1 
ATOM 252  C C   . TRP A 1 36  ? -7.443  1.526   3.824   1.00 12.57  ? 36  TRP A C   1 
ATOM 253  O O   . TRP A 1 36  ? -8.294  0.789   3.377   1.00 13.97  ? 36  TRP A O   1 
ATOM 254  C CB  . TRP A 1 36  ? -8.949  3.181   4.765   1.00 16.47  ? 36  TRP A CB  1 
ATOM 255  C CG  . TRP A 1 36  ? -9.073  4.459   5.543   1.00 18.30  ? 36  TRP A CG  1 
ATOM 256  C CD1 . TRP A 1 36  ? -9.829  5.549   5.225   1.00 19.39  ? 36  TRP A CD1 1 
ATOM 257  C CD2 . TRP A 1 36  ? -8.511  4.725   6.827   1.00 20.30  ? 36  TRP A CD2 1 
ATOM 258  N NE1 . TRP A 1 36  ? -9.786  6.480   6.240   1.00 22.63  ? 36  TRP A NE1 1 
ATOM 259  C CE2 . TRP A 1 36  ? -8.982  5.992   7.236   1.00 23.01  ? 36  TRP A CE2 1 
ATOM 260  C CE3 . TRP A 1 36  ? -7.674  4.008   7.680   1.00 20.60  ? 36  TRP A CE3 1 
ATOM 261  C CZ2 . TRP A 1 36  ? -8.644  6.540   8.458   1.00 26.24  ? 36  TRP A CZ2 1 
ATOM 262  C CZ3 . TRP A 1 36  ? -7.342  4.554   8.885   1.00 23.01  ? 36  TRP A CZ3 1 
ATOM 263  C CH2 . TRP A 1 36  ? -7.827  5.805   9.268   1.00 25.81  ? 36  TRP A CH2 1 
ATOM 264  N N   . TYR A 1 37  ? -6.322  1.089   4.350   1.00 13.21  ? 37  TYR A N   1 
ATOM 265  C CA  . TYR A 1 37  ? -5.931  -0.318  4.294   1.00 14.78  ? 37  TYR A CA  1 
ATOM 266  C C   . TYR A 1 37  ? -6.034  -1.039  5.650   1.00 17.54  ? 37  TYR A C   1 
ATOM 267  O O   . TYR A 1 37  ? -5.878  -0.414  6.704   1.00 17.81  ? 37  TYR A O   1 
ATOM 268  C CB  . TYR A 1 37  ? -4.501  -0.382  3.755   1.00 14.29  ? 37  TYR A CB  1 
ATOM 269  C CG  . TYR A 1 37  ? -4.413  0.077   2.329   1.00 13.33  ? 37  TYR A CG  1 
ATOM 270  C CD1 . TYR A 1 37  ? -4.816  -0.747  1.311   1.00 14.82  ? 37  TYR A CD1 1 
ATOM 271  C CD2 . TYR A 1 37  ? -3.966  1.330   1.994   1.00 11.56  ? 37  TYR A CD2 1 
ATOM 272  C CE1 . TYR A 1 37  ? -4.781  -0.345  -0.001  1.00 15.29  ? 37  TYR A CE1 1 
ATOM 273  C CE2 . TYR A 1 37  ? -3.940  1.748   0.652   1.00 10.44  ? 37  TYR A CE2 1 
ATOM 274  C CZ  . TYR A 1 37  ? -4.357  0.895   -0.341  1.00 12.61  ? 37  TYR A CZ  1 
ATOM 275  O OH  . TYR A 1 37  ? -4.472  1.219   -1.681  1.00 12.36  ? 37  TYR A OH  1 
ATOM 276  N N   . GLN A 1 38  ? -6.303  -2.340  5.647   1.00 19.68  ? 38  GLN A N   1 
ATOM 277  C CA  . GLN A 1 38  ? -6.345  -3.101  6.907   1.00 22.98  ? 38  GLN A CA  1 
ATOM 278  C C   . GLN A 1 38  ? -5.367  -4.230  6.807   1.00 23.71  ? 38  GLN A C   1 
ATOM 279  O O   . GLN A 1 38  ? -5.441  -4.964  5.840   1.00 25.80  ? 38  GLN A O   1 
ATOM 280  C CB  . GLN A 1 38  ? -7.718  -3.719  7.140   1.00 27.44  ? 38  GLN A CB  1 
ATOM 281  C CG  . GLN A 1 38  ? -7.926  -4.216  8.547   1.00 29.41  ? 38  GLN A CG  1 
ATOM 282  C CD  . GLN A 1 38  ? -8.626  -5.547  8.652   1.00 35.95  ? 38  GLN A CD  1 
ATOM 283  O OE1 . GLN A 1 38  ? -8.828  -6.040  9.743   1.00 37.59  ? 38  GLN A OE1 1 
ATOM 284  N NE2 . GLN A 1 38  ? -8.942  -6.163  7.535   1.00 39.68  ? 38  GLN A NE2 1 
ATOM 285  N N   . GLN A 1 39  ? -4.483  -4.400  7.797   1.00 22.89  ? 39  GLN A N   1 
ATOM 286  C CA  . GLN A 1 39  ? -3.491  -5.510  7.795   1.00 24.85  ? 39  GLN A CA  1 
ATOM 287  C C   . GLN A 1 39  ? -3.595  -6.347  9.035   1.00 29.01  ? 39  GLN A C   1 
ATOM 288  O O   . GLN A 1 39  ? -3.435  -5.805  10.118  1.00 29.23  ? 39  GLN A O   1 
ATOM 289  C CB  . GLN A 1 39  ? -2.054  -4.997  7.718   1.00 23.75  ? 39  GLN A CB  1 
ATOM 290  C CG  . GLN A 1 39  ? -1.004  -5.946  8.299   1.00 27.74  ? 39  GLN A CG  1 
ATOM 291  C CD  . GLN A 1 39  ? 0.343   -5.841  7.605   1.00 29.36  ? 39  GLN A CD  1 
ATOM 292  O OE1 . GLN A 1 39  ? 0.503   -6.248  6.451   1.00 27.91  ? 39  GLN A OE1 1 
ATOM 293  N NE2 . GLN A 1 39  ? 1.318   -5.299  8.305   1.00 32.57  ? 39  GLN A NE2 1 
ATOM 294  N N   . LYS A 1 40  ? -3.854  -7.648  8.866   1.00 33.24  ? 40  LYS A N   1 
ATOM 295  C CA  . LYS A 1 40  ? -3.955  -8.613  9.981   1.00 38.00  ? 40  LYS A CA  1 
ATOM 296  C C   . LYS A 1 40  ? -2.686  -9.458  10.162  1.00 41.00  ? 40  LYS A C   1 
ATOM 297  O O   . LYS A 1 40  ? -2.305  -10.179 9.240   1.00 42.34  ? 40  LYS A O   1 
ATOM 298  C CB  . LYS A 1 40  ? -5.146  -9.537  9.770   1.00 43.88  ? 40  LYS A CB  1 
ATOM 299  C CG  . LYS A 1 40  ? -6.154  -9.446  10.859  1.00 45.80  ? 40  LYS A CG  1 
ATOM 300  C CD  . LYS A 1 40  ? -7.389  -10.128 10.433  1.00 50.98  ? 40  LYS A CD  1 
ATOM 301  C CE  . LYS A 1 40  ? -8.538  -9.794  11.344  1.00 50.62  ? 40  LYS A CE  1 
ATOM 302  N NZ  . LYS A 1 40  ? -9.745  -10.589 10.964  1.00 56.22  ? 40  LYS A NZ  1 
ATOM 303  N N   . SER A 1 41  ? -2.047  -9.358  11.331  1.00 43.48  ? 41  SER A N   1 
ATOM 304  C CA  . SER A 1 41  ? -0.785  -10.058 11.645  1.00 49.07  ? 41  SER A CA  1 
ATOM 305  C C   . SER A 1 41  ? -0.500  -11.297 10.798  1.00 51.23  ? 41  SER A C   1 
ATOM 306  O O   . SER A 1 41  ? -1.410  -12.107 10.523  1.00 53.21  ? 41  SER A O   1 
ATOM 307  C CB  . SER A 1 41  ? -0.769  -10.442 13.138  1.00 57.73  ? 41  SER A CB  1 
ATOM 308  O OG  . SER A 1 41  ? -1.871  -11.286 13.504  1.00 52.46  ? 41  SER A OG  1 
ATOM 309  N N   . GLU A 1 42  ? 0.742   -11.456 10.349  1.00 52.96  ? 42  GLU A N   1 
ATOM 310  C CA  . GLU A 1 42  ? 1.039   -12.647 9.527   1.00 58.10  ? 42  GLU A CA  1 
ATOM 311  C C   . GLU A 1 42  ? 0.569   -12.530 8.037   1.00 54.57  ? 42  GLU A C   1 
ATOM 312  O O   . GLU A 1 42  ? 0.694   -13.496 7.285   1.00 60.90  ? 42  GLU A O   1 
ATOM 313  C CB  . GLU A 1 42  ? 0.433   -13.945 10.171  1.00 63.76  ? 42  GLU A CB  1 
ATOM 314  C CG  . GLU A 1 42  ? 1.435   -14.978 10.825  1.00 69.46  ? 42  GLU A CG  1 
ATOM 315  C CD  . GLU A 1 42  ? 0.740   -16.167 11.581  1.00 73.24  ? 42  GLU A CD  1 
ATOM 316  O OE1 . GLU A 1 42  ? -0.486  -16.372 11.397  1.00 72.90  ? 42  GLU A OE1 1 
ATOM 317  O OE2 . GLU A 1 42  ? 1.421   -16.901 12.352  1.00 81.94  ? 42  GLU A OE2 1 
ATOM 318  N N   . THR A 1 43  ? 0.041   -11.376 7.619   1.00 45.91  ? 43  THR A N   1 
ATOM 319  C CA  . THR A 1 43  ? -0.313  -11.150 6.193   1.00 42.99  ? 43  THR A CA  1 
ATOM 320  C C   . THR A 1 43  ? -0.091  -9.706  5.693   1.00 36.29  ? 43  THR A C   1 
ATOM 321  O O   . THR A 1 43  ? 0.422   -8.863  6.454   1.00 33.95  ? 43  THR A O   1 
ATOM 322  C CB  . THR A 1 43  ? -1.775  -11.566 5.853   1.00 45.46  ? 43  THR A CB  1 
ATOM 323  O OG1 . THR A 1 43  ? -2.424  -12.109 7.005   1.00 49.17  ? 43  THR A OG1 1 
ATOM 324  C CG2 . THR A 1 43  ? -1.763  -12.587 4.726   1.00 52.94  ? 43  THR A CG2 1 
ATOM 325  N N   . SER A 1 44  ? -0.564  -9.425  4.462   1.00 33.96  ? 44  SER A N   1 
ATOM 326  C CA  . SER A 1 44  ? -0.350  -8.160  3.707   1.00 28.40  ? 44  SER A CA  1 
ATOM 327  C C   . SER A 1 44  ? -1.515  -7.162  3.647   1.00 27.32  ? 44  SER A C   1 
ATOM 328  O O   . SER A 1 44  ? -2.663  -7.538  3.539   1.00 29.80  ? 44  SER A O   1 
ATOM 329  C CB  . SER A 1 44  ? -0.015  -8.506  2.258   1.00 31.02  ? 44  SER A CB  1 
ATOM 330  O OG  . SER A 1 44  ? -1.179  -8.969  1.606   1.00 37.00  ? 44  SER A OG  1 
ATOM 331  N N   . PRO A 1 45  ? -1.205  -5.884  3.535   1.00 24.04  ? 45  PRO A N   1 
ATOM 332  C CA  . PRO A 1 45  ? -2.228  -4.854  3.472   1.00 21.72  ? 45  PRO A CA  1 
ATOM 333  C C   . PRO A 1 45  ? -3.403  -5.192  2.586   1.00 25.46  ? 45  PRO A C   1 
ATOM 334  O O   . PRO A 1 45  ? -3.257  -5.337  1.395   1.00 27.68  ? 45  PRO A O   1 
ATOM 335  C CB  . PRO A 1 45  ? -1.443  -3.660  2.981   1.00 20.31  ? 45  PRO A CB  1 
ATOM 336  C CG  . PRO A 1 45  ? -0.147  -3.806  3.784   1.00 20.93  ? 45  PRO A CG  1 
ATOM 337  C CD  . PRO A 1 45  ? 0.145   -5.292  3.574   1.00 22.30  ? 45  PRO A CD  1 
ATOM 338  N N   . LYS A 1 46  ? -4.577  -5.185  3.203   1.00 26.67  ? 46  LYS A N   1 
ATOM 339  C CA  . LYS A 1 46  ? -5.832  -5.588  2.628   1.00 32.79  ? 46  LYS A CA  1 
ATOM 340  C C   . LYS A 1 46  ? -6.716  -4.353  2.402   1.00 28.98  ? 46  LYS A C   1 
ATOM 341  O O   . LYS A 1 46  ? -7.264  -3.752  3.337   1.00 26.74  ? 46  LYS A O   1 
ATOM 342  C CB  . LYS A 1 46  ? -6.467  -6.559  3.608   1.00 37.37  ? 46  LYS A CB  1 
ATOM 343  C CG  . LYS A 1 46  ? -7.699  -7.305  3.159   1.00 47.88  ? 46  LYS A CG  1 
ATOM 344  C CD  . LYS A 1 46  ? -7.943  -8.597  4.036   1.00 54.95  ? 46  LYS A CD  1 
ATOM 345  C CE  . LYS A 1 46  ? -6.832  -9.705  3.888   1.00 57.98  ? 46  LYS A CE  1 
ATOM 346  N NZ  . LYS A 1 46  ? -7.441  -11.074 3.611   1.00 72.02  ? 46  LYS A NZ  1 
ATOM 347  N N   . PRO A 1 47  ? -6.783  -3.904  1.145   1.00 29.19  ? 47  PRO A N   1 
ATOM 348  C CA  . PRO A 1 47  ? -7.560  -2.753  0.726   1.00 25.38  ? 47  PRO A CA  1 
ATOM 349  C C   . PRO A 1 47  ? -8.881  -2.744  1.376   1.00 26.12  ? 47  PRO A C   1 
ATOM 350  O O   . PRO A 1 47  ? -9.741  -3.529  1.054   1.00 33.61  ? 47  PRO A O   1 
ATOM 351  C CB  . PRO A 1 47  ? -7.667  -2.971  -0.766  1.00 30.14  ? 47  PRO A CB  1 
ATOM 352  C CG  . PRO A 1 47  ? -6.285  -3.429  -1.088  1.00 30.43  ? 47  PRO A CG  1 
ATOM 353  C CD  . PRO A 1 47  ? -5.976  -4.413  0.024   1.00 32.36  ? 47  PRO A CD  1 
ATOM 354  N N   . TRP A 1 48  ? -9.043  -1.828  2.297   1.00 22.50  ? 48  TRP A N   1 
ATOM 355  C CA  . TRP A 1 48  ? -10.278 -1.740  3.019   1.00 24.24  ? 48  TRP A CA  1 
ATOM 356  C C   . TRP A 1 48  ? -11.201 -0.699  2.439   1.00 23.43  ? 48  TRP A C   1 
ATOM 357  O O   . TRP A 1 48  ? -12.295 -1.012  1.995   1.00 28.22  ? 48  TRP A O   1 
ATOM 358  C CB  . TRP A 1 48  ? -9.986  -1.435  4.463   1.00 23.33  ? 48  TRP A CB  1 
ATOM 359  C CG  . TRP A 1 48  ? -10.790 -2.209  5.365   1.00 28.60  ? 48  TRP A CG  1 
ATOM 360  C CD1 . TRP A 1 48  ? -11.594 -1.725  6.326   1.00 29.87  ? 48  TRP A CD1 1 
ATOM 361  C CD2 . TRP A 1 48  ? -10.922 -3.635  5.404   1.00 33.27  ? 48  TRP A CD2 1 
ATOM 362  N NE1 . TRP A 1 48  ? -12.241 -2.748  6.974   1.00 33.57  ? 48  TRP A NE1 1 
ATOM 363  C CE2 . TRP A 1 48  ? -11.847 -3.937  6.425   1.00 36.60  ? 48  TRP A CE2 1 
ATOM 364  C CE3 . TRP A 1 48  ? -10.350 -4.691  4.672   1.00 36.75  ? 48  TRP A CE3 1 
ATOM 365  C CZ2 . TRP A 1 48  ? -12.224 -5.256  6.746   1.00 42.49  ? 48  TRP A CZ2 1 
ATOM 366  C CZ3 . TRP A 1 48  ? -10.734 -6.022  5.000   1.00 45.30  ? 48  TRP A CZ3 1 
ATOM 367  C CH2 . TRP A 1 48  ? -11.661 -6.279  6.024   1.00 47.33  ? 48  TRP A CH2 1 
ATOM 368  N N   . ILE A 1 49  ? -10.788 0.556   2.467   1.00 19.24  ? 49  ILE A N   1 
ATOM 369  C CA  . ILE A 1 49  ? -11.649 1.634   1.979   1.00 21.13  ? 49  ILE A CA  1 
ATOM 370  C C   . ILE A 1 49  ? -11.047 2.507   0.862   1.00 19.34  ? 49  ILE A C   1 
ATOM 371  O O   . ILE A 1 49  ? -9.886  2.919   0.891   1.00 14.68  ? 49  ILE A O   1 
ATOM 372  C CB  . ILE A 1 49  ? -12.114 2.499   3.154   1.00 24.16  ? 49  ILE A CB  1 
ATOM 373  C CG1 . ILE A 1 49  ? -12.940 1.643   4.130   1.00 28.87  ? 49  ILE A CG1 1 
ATOM 374  C CG2 . ILE A 1 49  ? -12.915 3.656   2.655   1.00 27.85  ? 49  ILE A CG2 1 
ATOM 375  C CD1 . ILE A 1 49  ? -13.345 2.302   5.453   1.00 32.45  ? 49  ILE A CD1 1 
ATOM 376  N N   . TYR A 1 50  ? -11.805 2.676   -0.191  1.00 22.93  ? 50  TYR A N   1 
ATOM 377  C CA  . TYR A 1 50  ? -11.324 3.459   -1.295  1.00 21.66  ? 50  TYR A CA  1 
ATOM 378  C C   . TYR A 1 50  ? -12.295 4.605   -1.459  1.00 28.51  ? 50  TYR A C   1 
ATOM 379  O O   . TYR A 1 50  ? -13.467 4.470   -1.120  1.00 37.66  ? 50  TYR A O   1 
ATOM 380  C CB  . TYR A 1 50  ? -11.126 2.626   -2.588  1.00 32.99  ? 50  TYR A CB  1 
ATOM 381  C CG  . TYR A 1 50  ? -12.276 1.794   -3.164  1.00 67.15  ? 50  TYR A CG  1 
ATOM 382  C CD1 . TYR A 1 50  ? -12.552 0.498   -2.675  1.00 75.44  ? 50  TYR A CD1 1 
ATOM 383  C CD2 . TYR A 1 50  ? -13.019 2.241   -4.256  1.00 85.38  ? 50  TYR A CD2 1 
ATOM 384  C CE1 . TYR A 1 50  ? -13.561 -0.337  -3.272  1.00 92.26  ? 50  TYR A CE1 1 
ATOM 385  C CE2 . TYR A 1 50  ? -14.016 1.421   -4.867  1.00 99.65  ? 50  TYR A CE2 1 
ATOM 386  C CZ  . TYR A 1 50  ? -14.290 0.143   -4.369  1.00 100.00 ? 50  TYR A CZ  1 
ATOM 387  O OH  . TYR A 1 50  ? -15.308 -0.605  -4.950  1.00 100.00 ? 50  TYR A OH  1 
ATOM 388  N N   . GLY A 1 51  ? -11.826 5.735   -1.978  1.00 38.03  ? 51  GLY A N   1 
ATOM 389  C CA  . GLY A 1 51  ? -12.638 6.941   -1.939  1.00 54.78  ? 51  GLY A CA  1 
ATOM 390  C C   . GLY A 1 51  ? -12.417 7.387   -0.513  1.00 33.60  ? 51  GLY A C   1 
ATOM 391  O O   . GLY A 1 51  ? -11.392 7.100   0.065   1.00 24.46  ? 51  GLY A O   1 
ATOM 392  N N   . THR A 1 52  ? -13.327 8.103   0.080   1.00 39.60  ? 52  THR A N   1 
ATOM 393  C CA  . THR A 1 52  ? -13.122 8.384   1.469   1.00 37.30  ? 52  THR A CA  1 
ATOM 394  C C   . THR A 1 52  ? -14.233 7.675   2.183   1.00 42.85  ? 52  THR A C   1 
ATOM 395  O O   . THR A 1 52  ? -14.266 7.644   3.407   1.00 43.49  ? 52  THR A O   1 
ATOM 396  C CB  . THR A 1 52  ? -13.267 9.864   1.746   1.00 41.46  ? 52  THR A CB  1 
ATOM 397  O OG1 . THR A 1 52  ? -12.411 10.610  0.881   1.00 44.74  ? 52  THR A OG1 1 
ATOM 398  C CG2 . THR A 1 52  ? -12.903 10.158  3.157   1.00 40.35  ? 52  THR A CG2 1 
ATOM 399  N N   . SER A 1 53  ? -15.169 7.150   1.398   1.00 51.95  ? 53  SER A N   1 
ATOM 400  C CA  . SER A 1 53  ? -16.372 6.513   1.900   1.00 67.03  ? 53  SER A CA  1 
ATOM 401  C C   . SER A 1 53  ? -16.738 5.227   1.164   1.00 58.43  ? 53  SER A C   1 
ATOM 402  O O   . SER A 1 53  ? -17.841 4.691   1.390   1.00 60.57  ? 53  SER A O   1 
ATOM 403  C CB  . SER A 1 53  ? -17.531 7.438   1.689   1.00 90.62  ? 53  SER A CB  1 
ATOM 404  O OG  . SER A 1 53  ? -17.737 7.578   0.286   1.00 86.77  ? 53  SER A OG  1 
ATOM 405  N N   . ASN A 1 54  ? -15.920 4.782   0.204   1.00 48.46  ? 54  ASN A N   1 
ATOM 406  C CA  . ASN A 1 54  ? -16.235 3.537   -0.495  1.00 52.49  ? 54  ASN A CA  1 
ATOM 407  C C   . ASN A 1 54  ? -15.567 2.385   0.282   1.00 47.08  ? 54  ASN A C   1 
ATOM 408  O O   . ASN A 1 54  ? -14.460 2.549   0.789   1.00 36.05  ? 54  ASN A O   1 
ATOM 409  C CB  . ASN A 1 54  ? -15.768 3.549   -1.971  1.00 73.33  ? 54  ASN A CB  1 
ATOM 410  C CG  . ASN A 1 54  ? -16.661 4.388   -2.905  1.00 86.30  ? 54  ASN A CG  1 
ATOM 411  O OD1 . ASN A 1 54  ? -17.657 3.900   -3.455  1.00 91.04  ? 54  ASN A OD1 1 
ATOM 412  N ND2 . ASN A 1 54  ? -16.249 5.615   -3.159  1.00 84.94  ? 54  ASN A ND2 1 
ATOM 413  N N   . LEU A 1 55  ? -16.287 1.276   0.449   1.00 50.15  ? 55  LEU A N   1 
ATOM 414  C CA  . LEU A 1 55  ? -15.761 0.063   1.078   1.00 46.00  ? 55  LEU A CA  1 
ATOM 415  C C   . LEU A 1 55  ? -15.280 -0.819  -0.061  1.00 65.37  ? 55  LEU A C   1 
ATOM 416  O O   . LEU A 1 55  ? -15.818 -0.764  -1.159  1.00 93.95  ? 55  LEU A O   1 
ATOM 417  C CB  . LEU A 1 55  ? -16.855 -0.734  1.769   1.00 47.02  ? 55  LEU A CB  1 
ATOM 418  C CG  . LEU A 1 55  ? -17.622 -0.175  2.938   1.00 51.87  ? 55  LEU A CG  1 
ATOM 419  C CD1 . LEU A 1 55  ? -18.725 -1.135  3.327   1.00 59.16  ? 55  LEU A CD1 1 
ATOM 420  C CD2 . LEU A 1 55  ? -16.688 0.103   4.071   1.00 46.90  ? 55  LEU A CD2 1 
ATOM 421  N N   . ALA A 1 56  ? -14.281 -1.653  0.183   1.00 50.80  ? 56  ALA A N   1 
ATOM 422  C CA  . ALA A 1 56  ? -13.854 -2.591  -0.839  1.00 59.05  ? 56  ALA A CA  1 
ATOM 423  C C   . ALA A 1 56  ? -14.626 -3.939  -0.767  1.00 66.66  ? 56  ALA A C   1 
ATOM 424  O O   . ALA A 1 56  ? -15.256 -4.284  0.241   1.00 64.16  ? 56  ALA A O   1 
ATOM 425  C CB  . ALA A 1 56  ? -12.336 -2.800  -0.762  1.00 49.76  ? 56  ALA A CB  1 
ATOM 426  N N   . SER A 1 57  ? -14.605 -4.650  -1.888  1.00 74.25  ? 57  SER A N   1 
ATOM 427  C CA  . SER A 1 57  ? -15.198 -5.971  -2.009  1.00 77.19  ? 57  SER A CA  1 
ATOM 428  C C   . SER A 1 57  ? -15.014 -6.786  -0.702  1.00 70.70  ? 57  SER A C   1 
ATOM 429  O O   . SER A 1 57  ? -13.912 -7.247  -0.357  1.00 71.48  ? 57  SER A O   1 
ATOM 430  C CB  . SER A 1 57  ? -14.538 -6.696  -3.197  1.00 84.12  ? 57  SER A CB  1 
ATOM 431  O OG  . SER A 1 57  ? -15.296 -7.790  -3.709  1.00 87.42  ? 57  SER A OG  1 
ATOM 432  N N   . GLY A 1 58  ? -16.095 -6.883  0.062   1.00 68.70  ? 58  GLY A N   1 
ATOM 433  C CA  . GLY A 1 58  ? -16.102 -7.742  1.225   1.00 70.34  ? 58  GLY A CA  1 
ATOM 434  C C   . GLY A 1 58  ? -16.171 -7.019  2.542   1.00 64.54  ? 58  GLY A C   1 
ATOM 435  O O   . GLY A 1 58  ? -16.689 -7.583  3.499   1.00 65.27  ? 58  GLY A O   1 
ATOM 436  N N   . VAL A 1 59  ? -15.638 -5.797  2.610   1.00 56.55  ? 59  VAL A N   1 
ATOM 437  C CA  . VAL A 1 59  ? -15.596 -5.077  3.873   1.00 49.85  ? 59  VAL A CA  1 
ATOM 438  C C   . VAL A 1 59  ? -16.991 -5.103  4.511   1.00 59.75  ? 59  VAL A C   1 
ATOM 439  O O   . VAL A 1 59  ? -17.963 -4.735  3.865   1.00 73.94  ? 59  VAL A O   1 
ATOM 440  C CB  . VAL A 1 59  ? -15.087 -3.598  3.697   1.00 43.12  ? 59  VAL A CB  1 
ATOM 441  C CG1 . VAL A 1 59  ? -15.230 -2.841  4.958   1.00 41.78  ? 59  VAL A CG1 1 
ATOM 442  C CG2 . VAL A 1 59  ? -13.660 -3.562  3.319   1.00 39.09  ? 59  VAL A CG2 1 
ATOM 443  N N   . PRO A 1 60  ? -17.121 -5.706  5.716   1.00 55.34  ? 60  PRO A N   1 
ATOM 444  C CA  . PRO A 1 60  ? -18.452 -5.726  6.338   1.00 59.24  ? 60  PRO A CA  1 
ATOM 445  C C   . PRO A 1 60  ? -19.037 -4.312  6.389   1.00 60.20  ? 60  PRO A C   1 
ATOM 446  O O   . PRO A 1 60  ? -18.277 -3.363  6.476   1.00 55.72  ? 60  PRO A O   1 
ATOM 447  C CB  . PRO A 1 60  ? -18.172 -6.313  7.731   1.00 56.81  ? 60  PRO A CB  1 
ATOM 448  C CG  . PRO A 1 60  ? -16.626 -6.303  7.849   1.00 52.15  ? 60  PRO A CG  1 
ATOM 449  C CD  . PRO A 1 60  ? -16.173 -6.537  6.484   1.00 54.13  ? 60  PRO A CD  1 
ATOM 450  N N   . VAL A 1 61  ? -20.361 -4.187  6.237   1.00 69.45  ? 61  VAL A N   1 
ATOM 451  C CA  . VAL A 1 61  ? -21.062 -2.885  6.256   1.00 75.10  ? 61  VAL A CA  1 
ATOM 452  C C   . VAL A 1 61  ? -21.357 -2.219  7.597   1.00 72.78  ? 61  VAL A C   1 
ATOM 453  O O   . VAL A 1 61  ? -22.161 -1.299  7.662   1.00 78.48  ? 61  VAL A O   1 
ATOM 454  C CB  . VAL A 1 61  ? -22.353 -2.939  5.493   1.00 89.12  ? 61  VAL A CB  1 
ATOM 455  C CG1 . VAL A 1 61  ? -22.062 -2.786  4.044   1.00 96.30  ? 61  VAL A CG1 1 
ATOM 456  C CG2 . VAL A 1 61  ? -23.049 -4.241  5.761   1.00 90.89  ? 61  VAL A CG2 1 
ATOM 457  N N   . ARG A 1 62  ? -20.689 -2.683  8.658   1.00 68.70  ? 62  ARG A N   1 
ATOM 458  C CA  . ARG A 1 62  ? -20.771 -2.071  9.964   1.00 69.16  ? 62  ARG A CA  1 
ATOM 459  C C   . ARG A 1 62  ? -19.623 -1.090  10.013  1.00 63.80  ? 62  ARG A C   1 
ATOM 460  O O   . ARG A 1 62  ? -19.452 -0.402  10.992  1.00 64.15  ? 62  ARG A O   1 
ATOM 461  C CB  . ARG A 1 62  ? -20.573 -3.111  11.061  1.00 65.10  ? 62  ARG A CB  1 
ATOM 462  C CG  . ARG A 1 62  ? -19.150 -3.699  11.126  1.00 54.86  ? 62  ARG A CG  1 
ATOM 463  C CD  . ARG A 1 62  ? -18.909 -4.766  12.255  1.00 50.53  ? 62  ARG A CD  1 
ATOM 464  N NE  . ARG A 1 62  ? -18.568 -6.108  11.720  1.00 50.79  ? 62  ARG A NE  1 
ATOM 465  C CZ  . ARG A 1 62  ? -17.546 -6.883  12.113  1.00 47.28  ? 62  ARG A CZ  1 
ATOM 466  N NH1 . ARG A 1 62  ? -16.723 -6.516  13.060  1.00 41.17  ? 62  ARG A NH1 1 
ATOM 467  N NH2 . ARG A 1 62  ? -17.328 -8.032  11.515  1.00 50.12  ? 62  ARG A NH2 1 
ATOM 468  N N   . PHE A 1 63  ? -18.813 -1.049  8.968   1.00 59.45  ? 63  PHE A N   1 
ATOM 469  C CA  . PHE A 1 63  ? -17.676 -0.148  8.915   1.00 54.01  ? 63  PHE A CA  1 
ATOM 470  C C   . PHE A 1 63  ? -18.091 1.155   8.250   1.00 59.34  ? 63  PHE A C   1 
ATOM 471  O O   . PHE A 1 63  ? -18.916 1.113   7.355   1.00 63.69  ? 63  PHE A O   1 
ATOM 472  C CB  . PHE A 1 63  ? -16.571 -0.793  8.096   1.00 46.24  ? 63  PHE A CB  1 
ATOM 473  C CG  . PHE A 1 63  ? -15.662 -1.722  8.887   1.00 42.48  ? 63  PHE A CG  1 
ATOM 474  C CD1 . PHE A 1 63  ? -15.958 -3.063  9.052   1.00 43.51  ? 63  PHE A CD1 1 
ATOM 475  C CD2 . PHE A 1 63  ? -14.461 -1.259  9.417   1.00 38.35  ? 63  PHE A CD2 1 
ATOM 476  C CE1 . PHE A 1 63  ? -15.085 -3.906  9.717   1.00 40.50  ? 63  PHE A CE1 1 
ATOM 477  C CE2 . PHE A 1 63  ? -13.595 -2.107  10.078  1.00 36.09  ? 63  PHE A CE2 1 
ATOM 478  C CZ  . PHE A 1 63  ? -13.919 -3.429  10.218  1.00 37.47  ? 63  PHE A CZ  1 
ATOM 479  N N   . SER A 1 64  ? -17.481 2.295   8.626   1.00 58.62  ? 64  SER A N   1 
ATOM 480  C CA  . SER A 1 64  ? -17.812 3.625   8.056   1.00 63.50  ? 64  SER A CA  1 
ATOM 481  C C   . SER A 1 64  ? -16.660 4.608   7.860   1.00 58.47  ? 64  SER A C   1 
ATOM 482  O O   . SER A 1 64  ? -15.908 4.848   8.806   1.00 55.83  ? 64  SER A O   1 
ATOM 483  C CB  . SER A 1 64  ? -18.861 4.315   8.907   1.00 73.59  ? 64  SER A CB  1 
ATOM 484  O OG  . SER A 1 64  ? -20.154 4.080   8.408   1.00 79.96  ? 64  SER A OG  1 
ATOM 485  N N   . GLY A 1 65  ? -16.565 5.225   6.677   1.00 57.37  ? 65  GLY A N   1 
ATOM 486  C CA  . GLY A 1 65  ? -15.476 6.155   6.416   1.00 51.73  ? 65  GLY A CA  1 
ATOM 487  C C   . GLY A 1 65  ? -16.007 7.489   5.967   1.00 57.68  ? 65  GLY A C   1 
ATOM 488  O O   . GLY A 1 65  ? -17.031 7.516   5.305   1.00 63.52  ? 65  GLY A O   1 
ATOM 489  N N   . SER A 1 66  ? -15.342 8.591   6.315   1.00 56.87  ? 66  SER A N   1 
ATOM 490  C CA  . SER A 1 66  ? -15.816 9.931   5.966   1.00 63.04  ? 66  SER A CA  1 
ATOM 491  C C   . SER A 1 66  ? -14.802 11.005  6.294   1.00 60.72  ? 66  SER A C   1 
ATOM 492  O O   . SER A 1 66  ? -13.991 10.857  7.226   1.00 57.65  ? 66  SER A O   1 
ATOM 493  C CB  . SER A 1 66  ? -17.092 10.257  6.728   1.00 74.11  ? 66  SER A CB  1 
ATOM 494  O OG  . SER A 1 66  ? -16.793 10.577  8.079   1.00 78.79  ? 66  SER A OG  1 
ATOM 495  N N   . GLY A 1 67  ? -14.875 12.111  5.561   1.00 63.90  ? 67  GLY A N   1 
ATOM 496  C CA  . GLY A 1 67  ? -14.002 13.236  5.849   1.00 64.55  ? 67  GLY A CA  1 
ATOM 497  C C   . GLY A 1 67  ? -14.008 14.192  4.691   1.00 66.42  ? 67  GLY A C   1 
ATOM 498  O O   . GLY A 1 67  ? -14.641 13.948  3.678   1.00 64.99  ? 67  GLY A O   1 
ATOM 499  N N   . SER A 1 68  ? -13.322 15.291  4.829   1.00 70.21  ? 68  SER A N   1 
ATOM 500  C CA  . SER A 1 68  ? -13.243 16.242  3.754   1.00 71.34  ? 68  SER A CA  1 
ATOM 501  C C   . SER A 1 68  ? -12.293 17.252  4.291   1.00 77.31  ? 68  SER A C   1 
ATOM 502  O O   . SER A 1 68  ? -12.528 17.790  5.398   1.00 86.21  ? 68  SER A O   1 
ATOM 503  C CB  . SER A 1 68  ? -14.587 16.929  3.518   1.00 78.20  ? 68  SER A CB  1 
ATOM 504  O OG  . SER A 1 68  ? -14.920 17.886  4.503   1.00 89.28  ? 68  SER A OG  1 
ATOM 505  N N   . GLY A 1 69  ? -11.207 17.506  3.564   1.00 73.13  ? 69  GLY A N   1 
ATOM 506  C CA  . GLY A 1 69  ? -10.264 18.523  4.010   1.00 80.43  ? 69  GLY A CA  1 
ATOM 507  C C   . GLY A 1 69  ? -9.007  17.870  4.488   1.00 74.98  ? 69  GLY A C   1 
ATOM 508  O O   . GLY A 1 69  ? -8.364  17.156  3.705   1.00 64.68  ? 69  GLY A O   1 
ATOM 509  N N   . THR A 1 70  ? -8.644  18.136  5.743   1.00 80.35  ? 70  THR A N   1 
ATOM 510  C CA  . THR A 1 70  ? -7.474  17.511  6.356   1.00 74.02  ? 70  THR A CA  1 
ATOM 511  C C   . THR A 1 70  ? -7.771  16.309  7.307   1.00 68.09  ? 70  THR A C   1 
ATOM 512  O O   . THR A 1 70  ? -6.916  15.458  7.458   1.00 59.20  ? 70  THR A O   1 
ATOM 513  C CB  . THR A 1 70  ? -6.575  18.583  7.012   1.00 81.73  ? 70  THR A CB  1 
ATOM 514  O OG1 . THR A 1 70  ? -7.320  19.302  8.004   1.00 90.98  ? 70  THR A OG1 1 
ATOM 515  C CG2 . THR A 1 70  ? -6.020  19.550  5.942   1.00 85.46  ? 70  THR A CG2 1 
ATOM 516  N N   . SER A 1 71  ? -8.978  16.185  7.872   1.00 72.92  ? 71  SER A N   1 
ATOM 517  C CA  . SER A 1 71  ? -9.325  15.070  8.763   1.00 69.00  ? 71  SER A CA  1 
ATOM 518  C C   . SER A 1 71  ? -10.321 14.028  8.240   1.00 63.03  ? 71  SER A C   1 
ATOM 519  O O   . SER A 1 71  ? -11.540 14.322  8.092   1.00 69.74  ? 71  SER A O   1 
ATOM 520  C CB  . SER A 1 71  ? -9.849  15.619  10.067  1.00 80.57  ? 71  SER A CB  1 
ATOM 521  O OG  . SER A 1 71  ? -8.767  15.861  10.936  1.00 81.60  ? 71  SER A OG  1 
ATOM 522  N N   . TYR A 1 72  ? -9.805  12.814  7.997   1.00 50.65  ? 72  TYR A N   1 
ATOM 523  C CA  . TYR A 1 72  ? -10.590 11.668  7.533   1.00 45.65  ? 72  TYR A CA  1 
ATOM 524  C C   . TYR A 1 72  ? -10.611 10.706  8.658   1.00 44.99  ? 72  TYR A C   1 
ATOM 525  O O   . TYR A 1 72  ? -9.608  10.534  9.301   1.00 43.08  ? 72  TYR A O   1 
ATOM 526  C CB  . TYR A 1 72  ? -9.861  10.989  6.412   1.00 34.77  ? 72  TYR A CB  1 
ATOM 527  C CG  . TYR A 1 72  ? -9.643  11.910  5.261   1.00 33.70  ? 72  TYR A CG  1 
ATOM 528  C CD1 . TYR A 1 72  ? -8.836  13.028  5.375   1.00 38.58  ? 72  TYR A CD1 1 
ATOM 529  C CD2 . TYR A 1 72  ? -10.313 11.718  4.078   1.00 32.64  ? 72  TYR A CD2 1 
ATOM 530  C CE1 . TYR A 1 72  ? -8.724  13.927  4.349   1.00 40.52  ? 72  TYR A CE1 1 
ATOM 531  C CE2 . TYR A 1 72  ? -10.212 12.607  3.048   1.00 35.42  ? 72  TYR A CE2 1 
ATOM 532  C CZ  . TYR A 1 72  ? -9.423  13.706  3.190   1.00 38.94  ? 72  TYR A CZ  1 
ATOM 533  O OH  . TYR A 1 72  ? -9.401  14.603  2.181   1.00 42.90  ? 72  TYR A OH  1 
ATOM 534  N N   . SER A 1 73  ? -11.745 10.065  8.899   1.00 48.30  ? 73  SER A N   1 
ATOM 535  C CA  . SER A 1 73  ? -11.808 9.092   9.975   1.00 49.72  ? 73  SER A CA  1 
ATOM 536  C C   . SER A 1 73  ? -12.311 7.767   9.485   1.00 45.47  ? 73  SER A C   1 
ATOM 537  O O   . SER A 1 73  ? -12.707 7.628   8.339   1.00 43.44  ? 73  SER A O   1 
ATOM 538  C CB  . SER A 1 73  ? -12.752 9.542   11.027  1.00 61.48  ? 73  SER A CB  1 
ATOM 539  O OG  . SER A 1 73  ? -14.032 9.234   10.568  1.00 65.85  ? 73  SER A OG  1 
ATOM 540  N N   . LEU A 1 74  ? -12.312 6.804   10.386  1.00 45.96  ? 74  LEU A N   1 
ATOM 541  C CA  . LEU A 1 74  ? -12.831 5.497   10.115  1.00 44.23  ? 74  LEU A CA  1 
ATOM 542  C C   . LEU A 1 74  ? -13.601 5.164   11.335  1.00 51.64  ? 74  LEU A C   1 
ATOM 543  O O   . LEU A 1 74  ? -13.099 5.377   12.432  1.00 53.00  ? 74  LEU A O   1 
ATOM 544  C CB  . LEU A 1 74  ? -11.704 4.502   10.025  1.00 37.36  ? 74  LEU A CB  1 
ATOM 545  C CG  . LEU A 1 74  ? -12.149 3.082   9.625   1.00 35.81  ? 74  LEU A CG  1 
ATOM 546  C CD1 . LEU A 1 74  ? -10.934 2.265   9.224   1.00 30.67  ? 74  LEU A CD1 1 
ATOM 547  C CD2 . LEU A 1 74  ? -12.927 2.375   10.729  1.00 39.06  ? 74  LEU A CD2 1 
ATOM 548  N N   . THR A 1 75  ? -14.763 4.559   11.171  1.00 55.05  ? 75  THR A N   1 
ATOM 549  C CA  . THR A 1 75  ? -15.536 4.190   12.326  1.00 60.83  ? 75  THR A CA  1 
ATOM 550  C C   . THR A 1 75  ? -16.161 2.837   12.148  1.00 58.24  ? 75  THR A C   1 
ATOM 551  O O   . THR A 1 75  ? -16.668 2.554   11.078  1.00 57.25  ? 75  THR A O   1 
ATOM 552  C CB  . THR A 1 75  ? -16.626 5.220   12.607  1.00 72.68  ? 75  THR A CB  1 
ATOM 553  O OG1 . THR A 1 75  ? -16.023 6.501   12.756  1.00 76.61  ? 75  THR A OG1 1 
ATOM 554  C CG2 . THR A 1 75  ? -17.353 4.914   13.896  1.00 81.10  ? 75  THR A CG2 1 
ATOM 555  N N   . ILE A 1 76  ? -16.131 2.021   13.203  1.00 56.40  ? 76  ILE A N   1 
ATOM 556  C CA  . ILE A 1 76  ? -16.723 0.690   13.209  1.00 53.45  ? 76  ILE A CA  1 
ATOM 557  C C   . ILE A 1 76  ? -17.951 0.707   14.074  1.00 61.12  ? 76  ILE A C   1 
ATOM 558  O O   . ILE A 1 76  ? -17.842 0.967   15.249  1.00 66.01  ? 76  ILE A O   1 
ATOM 559  C CB  . ILE A 1 76  ? -15.802 -0.295  13.888  1.00 46.36  ? 76  ILE A CB  1 
ATOM 560  C CG1 . ILE A 1 76  ? -14.484 -0.412  13.157  1.00 41.35  ? 76  ILE A CG1 1 
ATOM 561  C CG2 . ILE A 1 76  ? -16.473 -1.629  14.035  1.00 44.48  ? 76  ILE A CG2 1 
ATOM 562  C CD1 . ILE A 1 76  ? -13.549 -1.321  13.893  1.00 38.16  ? 76  ILE A CD1 1 
ATOM 563  N N   . SER A 1 77  ? -19.111 0.405   13.506  1.00 64.98  ? 77  SER A N   1 
ATOM 564  C CA  . SER A 1 77  ? -20.362 0.352   14.273  1.00 73.93  ? 77  SER A CA  1 
ATOM 565  C C   . SER A 1 77  ? -20.191 -0.443  15.562  1.00 70.71  ? 77  SER A C   1 
ATOM 566  O O   . SER A 1 77  ? -19.944 0.108   16.614  1.00 75.21  ? 77  SER A O   1 
ATOM 567  C CB  . SER A 1 77  ? -21.475 -0.286  13.441  1.00 77.04  ? 77  SER A CB  1 
ATOM 568  O OG  . SER A 1 77  ? -21.893 0.510   12.348  1.00 82.04  ? 77  SER A OG  1 
ATOM 569  N N   . SER A 1 78  ? -20.273 -1.751  15.448  1.00 65.61  ? 78  SER A N   1 
ATOM 570  C CA  . SER A 1 78  ? -20.172 -2.631  16.583  1.00 63.69  ? 78  SER A CA  1 
ATOM 571  C C   . SER A 1 78  ? -18.865 -3.392  16.492  1.00 54.94  ? 78  SER A C   1 
ATOM 572  O O   . SER A 1 78  ? -18.745 -4.329  15.744  1.00 49.39  ? 78  SER A O   1 
ATOM 573  C CB  . SER A 1 78  ? -21.367 -3.586  16.567  1.00 67.88  ? 78  SER A CB  1 
ATOM 574  O OG  . SER A 1 78  ? -22.147 -3.385  15.396  1.00 72.31  ? 78  SER A OG  1 
ATOM 575  N N   . MET A 1 79  ? -17.843 -2.930  17.175  1.00 53.83  ? 79  MET A N   1 
ATOM 576  C CA  . MET A 1 79  ? -16.570 -3.632  17.142  1.00 47.19  ? 79  MET A CA  1 
ATOM 577  C C   . MET A 1 79  ? -16.862 -5.108  17.361  1.00 45.31  ? 79  MET A C   1 
ATOM 578  O O   . MET A 1 79  ? -17.730 -5.440  18.156  1.00 51.27  ? 79  MET A O   1 
ATOM 579  C CB  . MET A 1 79  ? -15.661 -3.125  18.258  1.00 50.69  ? 79  MET A CB  1 
ATOM 580  C CG  . MET A 1 79  ? -14.539 -4.034  18.625  1.00 46.35  ? 79  MET A CG  1 
ATOM 581  S SD  . MET A 1 79  ? -13.051 -3.483  17.912  1.00 41.57  ? 79  MET A SD  1 
ATOM 582  C CE  . MET A 1 79  ? -12.017 -4.914  18.056  1.00 36.33  ? 79  MET A CE  1 
ATOM 583  N N   . GLU A 1 80  ? -16.204 -5.972  16.590  1.00 39.28  ? 80  GLU A N   1 
ATOM 584  C CA  . GLU A 1 80  ? -16.297 -7.429  16.743  1.00 40.73  ? 80  GLU A CA  1 
ATOM 585  C C   . GLU A 1 80  ? -14.857 -7.940  16.683  1.00 38.54  ? 80  GLU A C   1 
ATOM 586  O O   . GLU A 1 80  ? -13.926 -7.182  16.412  1.00 36.23  ? 80  GLU A O   1 
ATOM 587  C CB  . GLU A 1 80  ? -17.170 -8.063  15.655  1.00 44.13  ? 80  GLU A CB  1 
ATOM 588  C CG  . GLU A 1 80  ? -18.679 -7.705  15.674  1.00 48.76  ? 80  GLU A CG  1 
ATOM 589  C CD  . GLU A 1 80  ? -19.561 -8.462  16.708  1.00 56.15  ? 80  GLU A CD  1 
ATOM 590  O OE1 . GLU A 1 80  ? -19.140 -9.452  17.329  1.00 56.95  ? 80  GLU A OE1 1 
ATOM 591  O OE2 . GLU A 1 80  ? -20.720 -8.064  16.906  1.00 63.41  ? 80  GLU A OE2 1 
ATOM 592  N N   . ALA A 1 81  ? -14.655 -9.223  16.885  1.00 41.01  ? 81  ALA A N   1 
ATOM 593  C CA  . ALA A 1 81  ? -13.305 -9.711  17.039  1.00 40.37  ? 81  ALA A CA  1 
ATOM 594  C C   . ALA A 1 81  ? -12.397 -9.846  15.850  1.00 40.74  ? 81  ALA A C   1 
ATOM 595  O O   . ALA A 1 81  ? -11.241 -10.153 16.018  1.00 62.88  ? 81  ALA A O   1 
ATOM 596  C CB  . ALA A 1 81  ? -13.340 -10.956 17.755  1.00 46.05  ? 81  ALA A CB  1 
ATOM 597  N N   . GLU A 1 82  ? -12.901 -9.659  14.650  1.00 42.67  ? 82  GLU A N   1 
ATOM 598  C CA  . GLU A 1 82  ? -12.067 -9.803  13.480  1.00 46.05  ? 82  GLU A CA  1 
ATOM 599  C C   . GLU A 1 82  ? -11.748 -8.437  12.921  1.00 42.62  ? 82  GLU A C   1 
ATOM 600  O O   . GLU A 1 82  ? -11.401 -8.271  11.743  1.00 44.82  ? 82  GLU A O   1 
ATOM 601  C CB  . GLU A 1 82  ? -12.751 -10.697 12.454  1.00 52.10  ? 82  GLU A CB  1 
ATOM 602  C CG  . GLU A 1 82  ? -14.167 -10.303 12.071  1.00 51.31  ? 82  GLU A CG  1 
ATOM 603  C CD  . GLU A 1 82  ? -15.198 -10.737 13.056  1.00 51.68  ? 82  GLU A CD  1 
ATOM 604  O OE1 . GLU A 1 82  ? -14.877 -10.995 14.214  1.00 49.90  ? 82  GLU A OE1 1 
ATOM 605  O OE2 . GLU A 1 82  ? -16.356 -10.838 12.663  1.00 54.90  ? 82  GLU A OE2 1 
ATOM 606  N N   . ASP A 1 83  ? -11.943 -7.435  13.765  1.00 37.66  ? 83  ASP A N   1 
ATOM 607  C CA  . ASP A 1 83  ? -11.570 -6.098  13.376  1.00 35.14  ? 83  ASP A CA  1 
ATOM 608  C C   . ASP A 1 83  ? -10.261 -5.796  14.036  1.00 32.83  ? 83  ASP A C   1 
ATOM 609  O O   . ASP A 1 83  ? -9.660  -4.755  13.785  1.00 31.01  ? 83  ASP A O   1 
ATOM 610  C CB  . ASP A 1 83  ? -12.600 -5.105  13.809  1.00 32.75  ? 83  ASP A CB  1 
ATOM 611  C CG  . ASP A 1 83  ? -13.934 -5.409  13.253  1.00 35.22  ? 83  ASP A CG  1 
ATOM 612  O OD1 . ASP A 1 83  ? -14.027 -6.166  12.255  1.00 38.75  ? 83  ASP A OD1 1 
ATOM 613  O OD2 . ASP A 1 83  ? -14.911 -4.902  13.828  1.00 36.14  ? 83  ASP A OD2 1 
ATOM 614  N N   . ALA A 1 84  ? -9.766  -6.764  14.812  1.00 34.19  ? 84  ALA A N   1 
ATOM 615  C CA  . ALA A 1 84  ? -8.534  -6.623  15.568  1.00 32.94  ? 84  ALA A CA  1 
ATOM 616  C C   . ALA A 1 84  ? -7.249  -6.337  14.786  1.00 34.64  ? 84  ALA A C   1 
ATOM 617  O O   . ALA A 1 84  ? -6.157  -6.551  15.304  1.00 38.36  ? 84  ALA A O   1 
ATOM 618  C CB  . ALA A 1 84  ? -8.351  -7.819  16.470  1.00 43.81  ? 84  ALA A CB  1 
ATOM 619  N N   . ALA A 1 85  ? -7.345  -5.788  13.586  1.00 32.40  ? 85  ALA A N   1 
ATOM 620  C CA  . ALA A 1 85  ? -6.141  -5.538  12.808  1.00 31.95  ? 85  ALA A CA  1 
ATOM 621  C C   . ALA A 1 85  ? -5.434  -4.273  13.191  1.00 29.43  ? 85  ALA A C   1 
ATOM 622  O O   . ALA A 1 85  ? -5.628  -3.756  14.269  1.00 29.77  ? 85  ALA A O   1 
ATOM 623  C CB  . ALA A 1 85  ? -6.457  -5.510  11.349  1.00 31.10  ? 85  ALA A CB  1 
ATOM 624  N N   . THR A 1 86  ? -4.529  -3.861  12.315  1.00 28.00  ? 86  THR A N   1 
ATOM 625  C CA  . THR A 1 86  ? -3.819  -2.607  12.383  1.00 26.60  ? 86  THR A CA  1 
ATOM 626  C C   . THR A 1 86  ? -4.240  -1.980  11.113  1.00 22.70  ? 86  THR A C   1 
ATOM 627  O O   . THR A 1 86  ? -4.040  -2.574  10.076  1.00 22.11  ? 86  THR A O   1 
ATOM 628  C CB  . THR A 1 86  ? -2.350  -2.827  12.248  1.00 28.51  ? 86  THR A CB  1 
ATOM 629  O OG1 . THR A 1 86  ? -1.827  -3.089  13.535  1.00 35.70  ? 86  THR A OG1 1 
ATOM 630  C CG2 . THR A 1 86  ? -1.654  -1.628  11.697  1.00 27.78  ? 86  THR A CG2 1 
ATOM 631  N N   . TYR A 1 87  ? -4.862  -0.813  11.186  1.00 21.27  ? 87  TYR A N   1 
ATOM 632  C CA  . TYR A 1 87  ? -5.337  -0.105  10.005  1.00 20.80  ? 87  TYR A CA  1 
ATOM 633  C C   . TYR A 1 87  ? -4.351  0.984   9.653   1.00 19.54  ? 87  TYR A C   1 
ATOM 634  O O   . TYR A 1 87  ? -3.694  1.504   10.546  1.00 20.91  ? 87  TYR A O   1 
ATOM 635  C CB  . TYR A 1 87  ? -6.643  0.518   10.368  1.00 22.37  ? 87  TYR A CB  1 
ATOM 636  C CG  . TYR A 1 87  ? -7.592  -0.505  10.780  1.00 23.95  ? 87  TYR A CG  1 
ATOM 637  C CD1 . TYR A 1 87  ? -7.619  -0.970  12.067  1.00 25.77  ? 87  TYR A CD1 1 
ATOM 638  C CD2 . TYR A 1 87  ? -8.455  -1.044  9.862   1.00 25.46  ? 87  TYR A CD2 1 
ATOM 639  C CE1 . TYR A 1 87  ? -8.499  -1.971  12.435  1.00 27.59  ? 87  TYR A CE1 1 
ATOM 640  C CE2 . TYR A 1 87  ? -9.343  -2.032  10.196  1.00 28.36  ? 87  TYR A CE2 1 
ATOM 641  C CZ  . TYR A 1 87  ? -9.368  -2.507  11.478  1.00 29.05  ? 87  TYR A CZ  1 
ATOM 642  O OH  . TYR A 1 87  ? -10.246 -3.529  11.760  1.00 31.59  ? 87  TYR A OH  1 
ATOM 643  N N   . TYR A 1 88  ? -4.248  1.343   8.376   1.00 18.13  ? 88  TYR A N   1 
ATOM 644  C CA  . TYR A 1 88  ? -3.344  2.412   7.898   1.00 18.11  ? 88  TYR A CA  1 
ATOM 645  C C   . TYR A 1 88  ? -4.035  3.240   6.788   1.00 16.04  ? 88  TYR A C   1 
ATOM 646  O O   . TYR A 1 88  ? -4.759  2.698   5.966   1.00 14.45  ? 88  TYR A O   1 
ATOM 647  C CB  . TYR A 1 88  ? -2.080  1.847   7.240   1.00 18.40  ? 88  TYR A CB  1 
ATOM 648  C CG  . TYR A 1 88  ? -1.062  1.106   8.082   1.00 21.98  ? 88  TYR A CG  1 
ATOM 649  C CD1 . TYR A 1 88  ? -1.117  -0.289  8.254   1.00 21.59  ? 88  TYR A CD1 1 
ATOM 650  C CD2 . TYR A 1 88  ? 0.001   1.783   8.652   1.00 25.90  ? 88  TYR A CD2 1 
ATOM 651  C CE1 . TYR A 1 88  ? -0.139  -0.943  8.971   1.00 25.43  ? 88  TYR A CE1 1 
ATOM 652  C CE2 . TYR A 1 88  ? 0.974   1.115   9.367   1.00 32.02  ? 88  TYR A CE2 1 
ATOM 653  C CZ  . TYR A 1 88  ? 0.896   -0.224  9.518   1.00 31.37  ? 88  TYR A CZ  1 
ATOM 654  O OH  . TYR A 1 88  ? 1.867   -0.869  10.208  1.00 37.33  ? 88  TYR A OH  1 
ATOM 655  N N   . CYS A 1 89  ? -3.779  4.546   6.732   1.00 15.82  ? 89  CYS A N   1 
ATOM 656  C CA  . CYS A 1 89  ? -4.314  5.387   5.639   1.00 12.54  ? 89  CYS A CA  1 
ATOM 657  C C   . CYS A 1 89  ? -3.295  5.685   4.557   1.00 10.20  ? 89  CYS A C   1 
ATOM 658  O O   . CYS A 1 89  ? -2.084  5.584   4.779   1.00 12.88  ? 89  CYS A O   1 
ATOM 659  C CB  . CYS A 1 89  ? -4.909  6.706   6.162   1.00 14.14  ? 89  CYS A CB  1 
ATOM 660  S SG  . CYS A 1 89  ? -3.959  7.702   7.356   1.00 18.95  ? 89  CYS A SG  1 
ATOM 661  N N   . GLN A 1 90  ? -3.773  6.127   3.407   1.00 7.24   ? 90  GLN A N   1 
ATOM 662  C CA  . GLN A 1 90  ? -2.839  6.405   2.344   1.00 5.71   ? 90  GLN A CA  1 
ATOM 663  C C   . GLN A 1 90  ? -3.264  7.469   1.348   1.00 3.24   ? 90  GLN A C   1 
ATOM 664  O O   . GLN A 1 90  ? -4.399  7.503   0.884   1.00 1.69   ? 90  GLN A O   1 
ATOM 665  C CB  . GLN A 1 90  ? -2.480  5.107   1.611   1.00 6.60   ? 90  GLN A CB  1 
ATOM 666  C CG  . GLN A 1 90  ? -1.231  5.213   0.738   1.00 7.37   ? 90  GLN A CG  1 
ATOM 667  C CD  . GLN A 1 90  ? -1.206  4.216   -0.408  1.00 8.40   ? 90  GLN A CD  1 
ATOM 668  O OE1 . GLN A 1 90  ? -2.121  3.450   -0.603  1.00 8.68   ? 90  GLN A OE1 1 
ATOM 669  N NE2 . GLN A 1 90  ? -0.140  4.232   -1.165  1.00 9.49   ? 90  GLN A NE2 1 
ATOM 670  N N   . GLN A 1 91  ? -2.258  8.205   0.899   1.00 7.67   ? 91  GLN A N   1 
ATOM 671  C CA  . GLN A 1 91  ? -2.388  9.359   0.038   1.00 25.80  ? 91  GLN A CA  1 
ATOM 672  C C   . GLN A 1 91  ? -1.912  9.094   -1.391  1.00 50.35  ? 91  GLN A C   1 
ATOM 673  O O   . GLN A 1 91  ? -0.686  8.989   -1.573  1.00 44.20  ? 91  GLN A O   1 
ATOM 674  C CB  . GLN A 1 91  ? -1.500  10.437  0.650   1.00 21.17  ? 91  GLN A CB  1 
ATOM 675  C CG  . GLN A 1 91  ? -1.411  11.741  -0.095  1.00 54.55  ? 91  GLN A CG  1 
ATOM 676  C CD  . GLN A 1 91  ? -0.457  11.751  -1.297  1.00 79.13  ? 91  GLN A CD  1 
ATOM 677  O OE1 . GLN A 1 91  ? -0.840  12.200  -2.387  1.00 97.43  ? 91  GLN A OE1 1 
ATOM 678  N NE2 . GLN A 1 91  ? 0.767   11.305  -1.102  1.00 70.48  ? 91  GLN A NE2 1 
ATOM 679  N N   . TRP A 1 92  ? -2.827  9.052   -2.387  1.00 77.99  ? 92  TRP A N   1 
ATOM 680  C CA  . TRP A 1 92  ? -2.470  8.896   -3.821  1.00 96.41  ? 92  TRP A CA  1 
ATOM 681  C C   . TRP A 1 92  ? -2.785  10.161  -4.606  1.00 100.00 ? 92  TRP A C   1 
ATOM 682  O O   . TRP A 1 92  ? -3.167  10.070  -5.765  1.00 100.00 ? 92  TRP A O   1 
ATOM 683  C CB  . TRP A 1 92  ? -3.235  7.770   -4.527  1.00 100.00 ? 92  TRP A CB  1 
ATOM 684  C CG  . TRP A 1 92  ? -3.236  6.415   -3.880  1.00 93.55  ? 92  TRP A CG  1 
ATOM 685  C CD1 . TRP A 1 92  ? -4.211  5.903   -3.082  1.00 58.57  ? 92  TRP A CD1 1 
ATOM 686  C CD2 . TRP A 1 92  ? -2.244  5.375   -4.025  1.00 62.51  ? 92  TRP A CD2 1 
ATOM 687  N NE1 . TRP A 1 92  ? -3.888  4.617   -2.721  1.00 20.57  ? 92  TRP A NE1 1 
ATOM 688  C CE2 . TRP A 1 92  ? -2.692  4.269   -3.291  1.00 26.24  ? 92  TRP A CE2 1 
ATOM 689  C CE3 . TRP A 1 92  ? -1.024  5.277   -4.699  1.00 75.05  ? 92  TRP A CE3 1 
ATOM 690  C CZ2 . TRP A 1 92  ? -1.980  3.094   -3.216  1.00 9.93   ? 92  TRP A CZ2 1 
ATOM 691  C CZ3 . TRP A 1 92  ? -0.311  4.112   -4.625  1.00 58.65  ? 92  TRP A CZ3 1 
ATOM 692  C CH2 . TRP A 1 92  ? -0.792  3.029   -3.886  1.00 21.66  ? 92  TRP A CH2 1 
ATOM 693  N N   . ASN A 1 93  ? -2.669  11.326  -3.953  1.00 100.00 ? 93  ASN A N   1 
ATOM 694  C CA  . ASN A 1 93  ? -2.929  12.665  -4.537  1.00 100.00 ? 93  ASN A CA  1 
ATOM 695  C C   . ASN A 1 93  ? -1.746  13.137  -5.391  1.00 100.00 ? 93  ASN A C   1 
ATOM 696  O O   . ASN A 1 93  ? -1.844  13.158  -6.622  1.00 100.00 ? 93  ASN A O   1 
ATOM 697  C CB  . ASN A 1 93  ? -3.197  13.697  -3.426  1.00 100.00 ? 93  ASN A CB  1 
ATOM 698  C CG  . ASN A 1 93  ? -4.229  14.807  -3.828  1.00 92.72  ? 93  ASN A CG  1 
ATOM 699  O OD1 . ASN A 1 93  ? -5.406  14.767  -3.465  1.00 67.64  ? 93  ASN A OD1 1 
ATOM 700  N ND2 . ASN A 1 93  ? -3.740  15.842  -4.481  1.00 98.60  ? 93  ASN A ND2 1 
ATOM 701  N N   . SER A 1 94  ? -0.628  13.476  -4.746  1.00 100.00 ? 94  SER A N   1 
ATOM 702  C CA  . SER A 1 94  ? 0.603   13.883  -5.442  1.00 100.00 ? 94  SER A CA  1 
ATOM 703  C C   . SER A 1 94  ? 1.716   12.977  -4.970  1.00 100.00 ? 94  SER A C   1 
ATOM 704  O O   . SER A 1 94  ? 1.772   12.592  -3.797  1.00 100.00 ? 94  SER A O   1 
ATOM 705  C CB  . SER A 1 94  ? 1.014   15.319  -5.071  1.00 100.00 ? 94  SER A CB  1 
ATOM 706  O OG  . SER A 1 94  ? 2.014   15.892  -5.938  1.00 100.00 ? 94  SER A OG  1 
ATOM 707  N N   . TYR A 1 95  ? 2.630   12.658  -5.877  1.00 100.00 ? 95  TYR A N   1 
ATOM 708  C CA  . TYR A 1 95  ? 3.818   11.909  -5.482  1.00 94.15  ? 95  TYR A CA  1 
ATOM 709  C C   . TYR A 1 95  ? 4.564   12.828  -4.503  1.00 99.33  ? 95  TYR A C   1 
ATOM 710  O O   . TYR A 1 95  ? 4.637   14.057  -4.673  1.00 100.00 ? 95  TYR A O   1 
ATOM 711  C CB  . TYR A 1 95  ? 4.716   11.538  -6.672  1.00 89.30  ? 95  TYR A CB  1 
ATOM 712  C CG  . TYR A 1 95  ? 4.093   10.662  -7.767  1.00 88.29  ? 95  TYR A CG  1 
ATOM 713  C CD1 . TYR A 1 95  ? 2.930   11.067  -8.442  1.00 100.00 ? 95  TYR A CD1 1 
ATOM 714  C CD2 . TYR A 1 95  ? 4.731   9.500   -8.213  1.00 68.40  ? 95  TYR A CD2 1 
ATOM 715  C CE1 . TYR A 1 95  ? 2.415   10.339  -9.564  1.00 100.00 ? 95  TYR A CE1 1 
ATOM 716  C CE2 . TYR A 1 95  ? 4.250   8.770   -9.314  1.00 76.41  ? 95  TYR A CE2 1 
ATOM 717  C CZ  . TYR A 1 95  ? 3.093   9.186   -9.999  1.00 100.00 ? 95  TYR A CZ  1 
ATOM 718  O OH  . TYR A 1 95  ? 2.672   8.504   -11.153 1.00 100.00 ? 95  TYR A OH  1 
ATOM 719  N N   . PRO A 1 96  ? 5.146   12.245  -3.480  1.00 98.83  ? 96  PRO A N   1 
ATOM 720  C CA  . PRO A 1 96  ? 5.115   10.817  -3.243  1.00 86.20  ? 96  PRO A CA  1 
ATOM 721  C C   . PRO A 1 96  ? 3.858   10.442  -2.469  1.00 84.40  ? 96  PRO A C   1 
ATOM 722  O O   . PRO A 1 96  ? 3.275   11.308  -1.779  1.00 74.87  ? 96  PRO A O   1 
ATOM 723  C CB  . PRO A 1 96  ? 6.368   10.628  -2.419  1.00 70.43  ? 96  PRO A CB  1 
ATOM 724  C CG  . PRO A 1 96  ? 6.322   11.793  -1.541  1.00 75.14  ? 96  PRO A CG  1 
ATOM 725  C CD  . PRO A 1 96  ? 5.934   12.929  -2.452  1.00 95.73  ? 96  PRO A CD  1 
ATOM 726  N N   . TYR A 1 97  ? 3.415   9.183   -2.652  1.00 62.50  ? 97  TYR A N   1 
ATOM 727  C CA  . TYR A 1 97  ? 2.243   8.648   -1.971  1.00 43.80  ? 97  TYR A CA  1 
ATOM 728  C C   . TYR A 1 97  ? 2.733   8.277   -0.606  1.00 17.01  ? 97  TYR A C   1 
ATOM 729  O O   . TYR A 1 97  ? 3.649   7.491   -0.524  1.00 18.75  ? 97  TYR A O   1 
ATOM 730  C CB  . TYR A 1 97  ? 1.779   7.401   -2.678  1.00 45.92  ? 97  TYR A CB  1 
ATOM 731  C CG  . TYR A 1 97  ? 1.260   7.665   -4.056  1.00 85.18  ? 97  TYR A CG  1 
ATOM 732  C CD1 . TYR A 1 97  ? 0.520   8.796   -4.320  1.00 100.00 ? 97  TYR A CD1 1 
ATOM 733  C CD2 . TYR A 1 97  ? 1.521   6.801   -5.111  1.00 90.58  ? 97  TYR A CD2 1 
ATOM 734  C CE1 . TYR A 1 97  ? 0.059   9.088   -5.595  1.00 100.00 ? 97  TYR A CE1 1 
ATOM 735  C CE2 . TYR A 1 97  ? 1.043   7.092   -6.413  1.00 100.00 ? 97  TYR A CE2 1 
ATOM 736  C CZ  . TYR A 1 97  ? 0.317   8.258   -6.625  1.00 100.00 ? 97  TYR A CZ  1 
ATOM 737  O OH  . TYR A 1 97  ? -0.136  8.698   -7.843  1.00 100.00 ? 97  TYR A OH  1 
ATOM 738  N N   . THR A 1 98  ? 2.177   8.844   0.452   1.00 17.44  ? 98  THR A N   1 
ATOM 739  C CA  . THR A 1 98  ? 2.639   8.539   1.806   1.00 21.60  ? 98  THR A CA  1 
ATOM 740  C C   . THR A 1 98  ? 1.557   7.851   2.605   1.00 17.68  ? 98  THR A C   1 
ATOM 741  O O   . THR A 1 98  ? 0.409   7.816   2.175   1.00 12.86  ? 98  THR A O   1 
ATOM 742  C CB  . THR A 1 98  ? 3.015   9.765   2.542   1.00 29.04  ? 98  THR A CB  1 
ATOM 743  O OG1 . THR A 1 98  ? 1.946   10.700  2.429   1.00 27.13  ? 98  THR A OG1 1 
ATOM 744  C CG2 . THR A 1 98  ? 4.274   10.342  1.980   1.00 38.08  ? 98  THR A CG2 1 
ATOM 745  N N   . PHE A 1 99  ? 1.914   7.288   3.751   1.00 21.50  ? 99  PHE A N   1 
ATOM 746  C CA  . PHE A 1 99  ? 0.973   6.516   4.550   1.00 19.85  ? 99  PHE A CA  1 
ATOM 747  C C   . PHE A 1 99  ? 1.022   6.888   6.014   1.00 25.81  ? 99  PHE A C   1 
ATOM 748  O O   . PHE A 1 99  ? 2.034   7.391   6.517   1.00 32.75  ? 99  PHE A O   1 
ATOM 749  C CB  . PHE A 1 99  ? 1.312   5.036   4.530   1.00 21.18  ? 99  PHE A CB  1 
ATOM 750  C CG  . PHE A 1 99  ? 1.177   4.365   3.204   1.00 17.44  ? 99  PHE A CG  1 
ATOM 751  C CD1 . PHE A 1 99  ? 2.082   4.603   2.206   1.00 17.12  ? 99  PHE A CD1 1 
ATOM 752  C CD2 . PHE A 1 99  ? 0.221   3.398   3.009   1.00 15.37  ? 99  PHE A CD2 1 
ATOM 753  C CE1 . PHE A 1 99  ? 2.047   3.907   1.062   1.00 14.72  ? 99  PHE A CE1 1 
ATOM 754  C CE2 . PHE A 1 99  ? 0.191   2.702   1.865   1.00 14.27  ? 99  PHE A CE2 1 
ATOM 755  C CZ  . PHE A 1 99  ? 1.111   2.962   0.889   1.00 13.71  ? 99  PHE A CZ  1 
ATOM 756  N N   . GLY A 1 100 ? -0.025  6.478   6.716   1.00 23.83  ? 100 GLY A N   1 
ATOM 757  C CA  . GLY A 1 100 ? -0.144  6.805   8.120   1.00 29.34  ? 100 GLY A CA  1 
ATOM 758  C C   . GLY A 1 100 ? 0.742   5.921   8.949   1.00 35.24  ? 100 GLY A C   1 
ATOM 759  O O   . GLY A 1 100 ? 1.272   4.938   8.467   1.00 34.34  ? 100 GLY A O   1 
ATOM 760  N N   . GLY A 1 101 ? 0.910   6.272   10.213  1.00 41.17  ? 101 GLY A N   1 
ATOM 761  C CA  . GLY A 1 101 ? 1.686   5.434   11.094  1.00 48.82  ? 101 GLY A CA  1 
ATOM 762  C C   . GLY A 1 101 ? 0.901   4.184   11.339  1.00 42.24  ? 101 GLY A C   1 
ATOM 763  O O   . GLY A 1 101 ? 1.454   3.260   11.838  1.00 45.86  ? 101 GLY A O   1 
ATOM 764  N N   . GLY A 1 102 ? -0.387  4.184   11.014  1.00 33.77  ? 102 GLY A N   1 
ATOM 765  C CA  . GLY A 1 102 ? -1.243  3.021   11.180  1.00 29.23  ? 102 GLY A CA  1 
ATOM 766  C C   . GLY A 1 102 ? -1.727  2.817   12.586  1.00 31.80  ? 102 GLY A C   1 
ATOM 767  O O   . GLY A 1 102 ? -0.917  2.667   13.461  1.00 37.84  ? 102 GLY A O   1 
ATOM 768  N N   . THR A 1 103 ? -3.033  2.819   12.805  1.00 29.14  ? 103 THR A N   1 
ATOM 769  C CA  . THR A 1 103 ? -3.612  2.612   14.145  1.00 31.60  ? 103 THR A CA  1 
ATOM 770  C C   . THR A 1 103 ? -3.804  1.115   14.434  1.00 30.51  ? 103 THR A C   1 
ATOM 771  O O   . THR A 1 103 ? -4.279  0.380   13.549  1.00 27.07  ? 103 THR A O   1 
ATOM 772  C CB  . THR A 1 103 ? -4.991  3.272   14.262  1.00 31.26  ? 103 THR A CB  1 
ATOM 773  O OG1 . THR A 1 103 ? -4.934  4.622   13.780  1.00 32.74  ? 103 THR A OG1 1 
ATOM 774  C CG2 . THR A 1 103 ? -5.490  3.212   15.675  1.00 36.28  ? 103 THR A CG2 1 
ATOM 775  N N   . LYS A 1 104 ? -3.418  0.665   15.633  1.00 35.58  ? 104 LYS A N   1 
ATOM 776  C CA  . LYS A 1 104 ? -3.590  -0.736  16.006  1.00 35.28  ? 104 LYS A CA  1 
ATOM 777  C C   . LYS A 1 104 ? -4.755  -0.925  16.938  1.00 37.26  ? 104 LYS A C   1 
ATOM 778  O O   . LYS A 1 104 ? -4.729  -0.423  18.054  1.00 42.11  ? 104 LYS A O   1 
ATOM 779  C CB  . LYS A 1 104 ? -2.365  -1.350  16.696  1.00 46.35  ? 104 LYS A CB  1 
ATOM 780  C CG  . LYS A 1 104 ? -2.628  -2.837  17.072  1.00 62.96  ? 104 LYS A CG  1 
ATOM 781  C CD  . LYS A 1 104 ? -1.686  -3.399  18.109  1.00 90.56  ? 104 LYS A CD  1 
ATOM 782  C CE  . LYS A 1 104 ? -0.279  -3.501  17.576  1.00 88.34  ? 104 LYS A CE  1 
ATOM 783  N NZ  . LYS A 1 104 ? 0.460   -2.198  17.431  1.00 77.08  ? 104 LYS A NZ  1 
ATOM 784  N N   . LEU A 1 105 ? -5.742  -1.696  16.520  1.00 34.28  ? 105 LEU A N   1 
ATOM 785  C CA  . LEU A 1 105 ? -6.883  -1.970  17.366  1.00 35.52  ? 105 LEU A CA  1 
ATOM 786  C C   . LEU A 1 105 ? -6.613  -3.295  18.012  1.00 46.29  ? 105 LEU A C   1 
ATOM 787  O O   . LEU A 1 105 ? -5.779  -4.060  17.550  1.00 48.63  ? 105 LEU A O   1 
ATOM 788  C CB  . LEU A 1 105 ? -8.125  -2.136  16.509  1.00 33.18  ? 105 LEU A CB  1 
ATOM 789  C CG  . LEU A 1 105 ? -9.446  -1.774  17.148  1.00 36.54  ? 105 LEU A CG  1 
ATOM 790  C CD1 . LEU A 1 105 ? -9.434  -0.261  17.283  1.00 41.82  ? 105 LEU A CD1 1 
ATOM 791  C CD2 . LEU A 1 105 ? -10.590 -2.236  16.272  1.00 34.23  ? 105 LEU A CD2 1 
ATOM 792  N N   . GLU A 1 106 ? -7.379  -3.615  19.022  1.00 52.03  ? 106 GLU A N   1 
ATOM 793  C CA  . GLU A 1 106 ? -7.251  -4.897  19.615  1.00 68.24  ? 106 GLU A CA  1 
ATOM 794  C C   . GLU A 1 106 ? -8.481  -5.109  20.416  1.00 53.15  ? 106 GLU A C   1 
ATOM 795  O O   . GLU A 1 106 ? -9.077  -4.176  20.864  1.00 48.36  ? 106 GLU A O   1 
ATOM 796  C CB  . GLU A 1 106 ? -5.988  -5.008  20.459  1.00 83.59  ? 106 GLU A CB  1 
ATOM 797  C CG  . GLU A 1 106 ? -6.014  -4.318  21.772  1.00 66.62  ? 106 GLU A CG  1 
ATOM 798  C CD  . GLU A 1 106 ? -5.097  -4.985  22.812  1.00 87.60  ? 106 GLU A CD  1 
ATOM 799  O OE1 . GLU A 1 106 ? -4.082  -5.609  22.440  1.00 100.00 ? 106 GLU A OE1 1 
ATOM 800  O OE2 . GLU A 1 106 ? -5.413  -4.882  24.011  1.00 84.63  ? 106 GLU A OE2 1 
ATOM 801  N N   . ILE A 1 107 ? -8.848  -6.356  20.625  1.00 53.16  ? 107 ILE A N   1 
ATOM 802  C CA  . ILE A 1 107 ? -10.131 -6.638  21.196  1.00 48.19  ? 107 ILE A CA  1 
ATOM 803  C C   . ILE A 1 107 ? -10.123 -7.068  22.647  1.00 65.16  ? 107 ILE A C   1 
ATOM 804  O O   . ILE A 1 107 ? -9.517  -8.079  23.017  1.00 81.48  ? 107 ILE A O   1 
ATOM 805  C CB  . ILE A 1 107 ? -10.858 -7.623  20.309  1.00 40.36  ? 107 ILE A CB  1 
ATOM 806  C CG1 . ILE A 1 107 ? -12.188 -8.031  20.927  1.00 44.06  ? 107 ILE A CG1 1 
ATOM 807  C CG2 . ILE A 1 107 ? -9.968  -8.753  19.964  1.00 46.17  ? 107 ILE A CG2 1 
ATOM 808  C CD1 . ILE A 1 107 ? -13.378 -7.496  20.187  1.00 43.90  ? 107 ILE A CD1 1 
ATOM 809  N N   . LYS A 1 108 ? -10.831 -6.278  23.454  1.00 62.27  ? 108 LYS A N   1 
ATOM 810  C CA  . LYS A 1 108 ? -10.941 -6.439  24.906  1.00 72.26  ? 108 LYS A CA  1 
ATOM 811  C C   . LYS A 1 108 ? -11.620 -7.711  25.480  1.00 78.27  ? 108 LYS A C   1 
ATOM 812  O O   . LYS A 1 108 ? -12.777 -8.053  25.160  1.00 69.51  ? 108 LYS A O   1 
ATOM 813  C CB  . LYS A 1 108 ? -11.605 -5.188  25.511  1.00 78.39  ? 108 LYS A CB  1 
ATOM 814  C CG  . LYS A 1 108 ? -10.698 -3.981  25.749  1.00 83.08  ? 108 LYS A CG  1 
ATOM 815  C CD  . LYS A 1 108 ? -11.291 -3.103  26.867  1.00 94.83  ? 108 LYS A CD  1 
ATOM 816  C CE  . LYS A 1 108 ? -10.298 -2.060  27.401  1.00 98.06  ? 108 LYS A CE  1 
ATOM 817  N NZ  . LYS A 1 108 ? -10.208 -2.031  28.921  1.00 104.15 ? 108 LYS A NZ  1 
ATOM 818  N N   . GLU B 2 1   ? -11.587 -8.145  -9.979  1.00 91.08  ? 109 GLU B N   1 
ATOM 819  C CA  . GLU B 2 1   ? -10.955 -9.464  -10.351 1.00 92.24  ? 109 GLU B CA  1 
ATOM 820  C C   . GLU B 2 1   ? -9.429  -9.326  -10.552 1.00 82.81  ? 109 GLU B C   1 
ATOM 821  O O   . GLU B 2 1   ? -8.990  -8.297  -11.061 1.00 75.48  ? 109 GLU B O   1 
ATOM 822  C CB  . GLU B 2 1   ? -11.643 -10.092 -11.589 1.00 96.23  ? 109 GLU B CB  1 
ATOM 823  C CG  . GLU B 2 1   ? -12.216 -9.114  -12.644 1.00 95.51  ? 109 GLU B CG  1 
ATOM 824  C CD  . GLU B 2 1   ? -11.187 -8.598  -13.664 1.00 88.69  ? 109 GLU B CD  1 
ATOM 825  O OE1 . GLU B 2 1   ? -10.244 -7.881  -13.262 1.00 81.03  ? 109 GLU B OE1 1 
ATOM 826  O OE2 . GLU B 2 1   ? -11.360 -8.878  -14.873 1.00 90.86  ? 109 GLU B OE2 1 
ATOM 827  N N   . VAL B 2 2   ? -8.638  -10.309 -10.080 1.00 83.63  ? 110 VAL B N   1 
ATOM 828  C CA  . VAL B 2 2   ? -7.170  -10.266 -10.114 1.00 74.40  ? 110 VAL B CA  1 
ATOM 829  C C   . VAL B 2 2   ? -6.474  -11.515 -9.569  1.00 79.42  ? 110 VAL B C   1 
ATOM 830  O O   . VAL B 2 2   ? -7.067  -12.316 -8.849  1.00 90.51  ? 110 VAL B O   1 
ATOM 831  C CB  . VAL B 2 2   ? -6.610  -9.147  -9.254  1.00 66.92  ? 110 VAL B CB  1 
ATOM 832  C CG1 . VAL B 2 2   ? -6.541  -7.850  -10.035 1.00 59.68  ? 110 VAL B CG1 1 
ATOM 833  C CG2 . VAL B 2 2   ? -7.410  -9.035  -7.966  1.00 73.96  ? 110 VAL B CG2 1 
ATOM 834  N N   . LYS B 2 3   ? -5.171  -11.589 -9.849  1.00 71.25  ? 111 LYS B N   1 
ATOM 835  C CA  . LYS B 2 3   ? -4.230  -12.667 -9.463  1.00 75.75  ? 111 LYS B CA  1 
ATOM 836  C C   . LYS B 2 3   ? -2.796  -12.078 -9.717  1.00 64.29  ? 111 LYS B C   1 
ATOM 837  O O   . LYS B 2 3   ? -2.372  -11.939 -10.864 1.00 60.32  ? 111 LYS B O   1 
ATOM 838  C CB  . LYS B 2 3   ? -4.469  -13.930 -10.344 1.00 85.10  ? 111 LYS B CB  1 
ATOM 839  C CG  . LYS B 2 3   ? -5.981  -14.393 -10.462 1.00 95.65  ? 111 LYS B CG  1 
ATOM 840  C CD  . LYS B 2 3   ? -6.265  -15.710 -11.262 1.00 105.08 ? 111 LYS B CD  1 
ATOM 841  C CE  . LYS B 2 3   ? -7.803  -15.961 -11.393 1.00 112.00 ? 111 LYS B CE  1 
ATOM 842  N NZ  . LYS B 2 3   ? -8.168  -17.098 -12.317 1.00 114.13 ? 111 LYS B NZ  1 
ATOM 843  N N   . LEU B 2 4   ? -2.138  -11.588 -8.667  1.00 60.28  ? 112 LEU B N   1 
ATOM 844  C CA  . LEU B 2 4   ? -0.781  -11.042 -8.753  1.00 51.88  ? 112 LEU B CA  1 
ATOM 845  C C   . LEU B 2 4   ? 0.186   -11.926 -7.962  1.00 56.12  ? 112 LEU B C   1 
ATOM 846  O O   . LEU B 2 4   ? 0.064   -12.068 -6.767  1.00 60.55  ? 112 LEU B O   1 
ATOM 847  C CB  . LEU B 2 4   ? -0.725  -9.620  -8.175  1.00 44.87  ? 112 LEU B CB  1 
ATOM 848  C CG  . LEU B 2 4   ? -0.992  -8.344  -8.990  1.00 37.39  ? 112 LEU B CG  1 
ATOM 849  C CD1 . LEU B 2 4   ? -2.464  -7.951  -9.062  1.00 40.49  ? 112 LEU B CD1 1 
ATOM 850  C CD2 . LEU B 2 4   ? -0.282  -7.263  -8.295  1.00 32.70  ? 112 LEU B CD2 1 
ATOM 851  N N   . GLN B 2 5   ? 1.165   -12.511 -8.619  1.00 57.30  ? 113 GLN B N   1 
ATOM 852  C CA  . GLN B 2 5   ? 2.096   -13.366 -7.907  1.00 63.43  ? 113 GLN B CA  1 
ATOM 853  C C   . GLN B 2 5   ? 3.505   -12.835 -8.138  1.00 55.39  ? 113 GLN B C   1 
ATOM 854  O O   . GLN B 2 5   ? 3.946   -12.733 -9.274  1.00 53.90  ? 113 GLN B O   1 
ATOM 855  C CB  . GLN B 2 5   ? 1.963   -14.799 -8.431  1.00 75.95  ? 113 GLN B CB  1 
ATOM 856  C CG  . GLN B 2 5   ? 2.646   -15.893 -7.589  1.00 85.27  ? 113 GLN B CG  1 
ATOM 857  C CD  . GLN B 2 5   ? 2.211   -17.329 -7.985  1.00 98.58  ? 113 GLN B CD  1 
ATOM 858  O OE1 . GLN B 2 5   ? 3.060   -18.210 -8.247  1.00 103.80 ? 113 GLN B OE1 1 
ATOM 859  N NE2 . GLN B 2 5   ? 0.894   -17.572 -8.002  1.00 104.19 ? 113 GLN B NE2 1 
ATOM 860  N N   . GLU B 2 6   ? 4.193   -12.441 -7.077  1.00 51.25  ? 114 GLU B N   1 
ATOM 861  C CA  . GLU B 2 6   ? 5.532   -11.899 -7.215  1.00 44.82  ? 114 GLU B CA  1 
ATOM 862  C C   . GLU B 2 6   ? 6.575   -12.927 -6.842  1.00 50.23  ? 114 GLU B C   1 
ATOM 863  O O   . GLU B 2 6   ? 6.416   -13.655 -5.870  1.00 54.95  ? 114 GLU B O   1 
ATOM 864  C CB  . GLU B 2 6   ? 5.684   -10.639 -6.365  1.00 35.60  ? 114 GLU B CB  1 
ATOM 865  C CG  . GLU B 2 6   ? 5.243   -10.810 -4.946  1.00 38.23  ? 114 GLU B CG  1 
ATOM 866  C CD  . GLU B 2 6   ? 4.455   -9.626  -4.451  1.00 32.50  ? 114 GLU B CD  1 
ATOM 867  O OE1 . GLU B 2 6   ? 5.113   -8.585  -4.272  1.00 26.00  ? 114 GLU B OE1 1 
ATOM 868  O OE2 . GLU B 2 6   ? 3.204   -9.744  -4.252  1.00 36.97  ? 114 GLU B OE2 1 
ATOM 869  N N   . SER B 2 7   ? 7.633   -13.001 -7.634  1.00 49.85  ? 115 SER B N   1 
ATOM 870  C CA  . SER B 2 7   ? 8.709   -13.957 -7.419  1.00 55.48  ? 115 SER B CA  1 
ATOM 871  C C   . SER B 2 7   ? 10.042  -13.225 -7.221  1.00 47.97  ? 115 SER B C   1 
ATOM 872  O O   . SER B 2 7   ? 10.111  -12.001 -7.362  1.00 39.83  ? 115 SER B O   1 
ATOM 873  C CB  . SER B 2 7   ? 8.816   -14.891 -8.636  1.00 65.06  ? 115 SER B CB  1 
ATOM 874  O OG  . SER B 2 7   ? 9.685   -15.996 -8.388  1.00 72.88  ? 115 SER B OG  1 
ATOM 875  N N   . GLY B 2 8   ? 11.056  -13.965 -6.778  1.00 51.44  ? 116 GLY B N   1 
ATOM 876  C CA  . GLY B 2 8   ? 12.393  -13.433 -6.835  1.00 46.70  ? 116 GLY B CA  1 
ATOM 877  C C   . GLY B 2 8   ? 13.073  -13.034 -5.575  1.00 40.18  ? 116 GLY B C   1 
ATOM 878  O O   . GLY B 2 8   ? 14.271  -12.756 -5.600  1.00 39.27  ? 116 GLY B O   1 
ATOM 879  N N   . GLY B 2 9   ? 12.341  -13.039 -4.468  1.00 38.08  ? 117 GLY B N   1 
ATOM 880  C CA  . GLY B 2 9   ? 12.919  -12.590 -3.203  1.00 35.39  ? 117 GLY B CA  1 
ATOM 881  C C   . GLY B 2 9   ? 14.126  -13.383 -2.722  1.00 40.06  ? 117 GLY B C   1 
ATOM 882  O O   . GLY B 2 9   ? 14.476  -14.390 -3.349  1.00 41.46  ? 117 GLY B O   1 
ATOM 883  N N   . GLY B 2 10  ? 14.762  -12.975 -1.627  1.00 37.62  ? 118 GLY B N   1 
ATOM 884  C CA  . GLY B 2 10  ? 15.916  -13.711 -1.181  1.00 42.83  ? 118 GLY B CA  1 
ATOM 885  C C   . GLY B 2 10  ? 16.718  -12.904 -0.228  1.00 44.93  ? 118 GLY B C   1 
ATOM 886  O O   . GLY B 2 10  ? 16.172  -12.253 0.641   1.00 53.01  ? 118 GLY B O   1 
ATOM 887  N N   . LEU B 2 11  ? 18.023  -12.945 -0.402  1.00 55.02  ? 119 LEU B N   1 
ATOM 888  C CA  . LEU B 2 11  ? 18.968  -12.274 0.483   1.00 65.48  ? 119 LEU B CA  1 
ATOM 889  C C   . LEU B 2 11  ? 20.282  -12.044 -0.322  1.00 44.73  ? 119 LEU B C   1 
ATOM 890  O O   . LEU B 2 11  ? 20.691  -12.892 -1.128  1.00 47.36  ? 119 LEU B O   1 
ATOM 891  C CB  . LEU B 2 11  ? 19.165  -13.127 1.743   1.00 93.94  ? 119 LEU B CB  1 
ATOM 892  C CG  . LEU B 2 11  ? 20.558  -13.503 2.235   1.00 94.32  ? 119 LEU B CG  1 
ATOM 893  C CD1 . LEU B 2 11  ? 21.194  -12.331 2.913   1.00 84.22  ? 119 LEU B CD1 1 
ATOM 894  C CD2 . LEU B 2 11  ? 20.450  -14.611 3.209   1.00 100.00 ? 119 LEU B CD2 1 
ATOM 895  N N   . VAL B 2 12  ? 20.905  -10.873 -0.142  1.00 33.64  ? 120 VAL B N   1 
ATOM 896  C CA  . VAL B 2 12  ? 22.055  -10.491 -0.962  1.00 37.85  ? 120 VAL B CA  1 
ATOM 897  C C   . VAL B 2 12  ? 23.069  -9.862  -0.077  1.00 43.12  ? 120 VAL B C   1 
ATOM 898  O O   . VAL B 2 12  ? 22.688  -9.072  0.779   1.00 43.01  ? 120 VAL B O   1 
ATOM 899  C CB  . VAL B 2 12  ? 21.734  -9.352  -1.938  1.00 34.75  ? 120 VAL B CB  1 
ATOM 900  C CG1 . VAL B 2 12  ? 22.156  -9.698  -3.307  1.00 37.60  ? 120 VAL B CG1 1 
ATOM 901  C CG2 . VAL B 2 12  ? 20.290  -8.967  -1.880  1.00 29.66  ? 120 VAL B CG2 1 
ATOM 902  N N   . GLN B 2 13  ? 24.355  -10.131 -0.345  1.00 53.43  ? 121 GLN B N   1 
ATOM 903  C CA  . GLN B 2 13  ? 25.438  -9.472  0.399   1.00 59.55  ? 121 GLN B CA  1 
ATOM 904  C C   . GLN B 2 13  ? 25.077  -8.023  0.058   1.00 56.27  ? 121 GLN B C   1 
ATOM 905  O O   . GLN B 2 13  ? 24.454  -7.785  -0.976  1.00 50.02  ? 121 GLN B O   1 
ATOM 906  C CB  . GLN B 2 13  ? 26.850  -9.912  -0.135  1.00 68.49  ? 121 GLN B CB  1 
ATOM 907  C CG  . GLN B 2 13  ? 27.775  -10.838 0.843   1.00 76.16  ? 121 GLN B CG  1 
ATOM 908  C CD  . GLN B 2 13  ? 28.766  -11.902 0.125   1.00 85.08  ? 121 GLN B CD  1 
ATOM 909  O OE1 . GLN B 2 13  ? 28.778  -13.104 0.459   1.00 92.77  ? 121 GLN B OE1 1 
ATOM 910  N NE2 . GLN B 2 13  ? 29.576  -11.436 -0.827  1.00 84.19  ? 121 GLN B NE2 1 
ATOM 911  N N   . PRO B 2 14  ? 25.346  -7.059  0.940   1.00 60.56  ? 122 PRO B N   1 
ATOM 912  C CA  . PRO B 2 14  ? 24.966  -5.692  0.573   1.00 58.71  ? 122 PRO B CA  1 
ATOM 913  C C   . PRO B 2 14  ? 25.669  -5.317  -0.731  1.00 60.37  ? 122 PRO B C   1 
ATOM 914  O O   . PRO B 2 14  ? 26.697  -5.883  -1.053  1.00 67.38  ? 122 PRO B O   1 
ATOM 915  C CB  . PRO B 2 14  ? 25.485  -4.874  1.737   1.00 68.94  ? 122 PRO B CB  1 
ATOM 916  C CG  . PRO B 2 14  ? 25.645  -5.840  2.836   1.00 71.91  ? 122 PRO B CG  1 
ATOM 917  C CD  . PRO B 2 14  ? 26.163  -7.056  2.154   1.00 70.58  ? 122 PRO B CD  1 
ATOM 918  N N   . GLY B 2 15  ? 25.101  -4.400  -1.501  1.00 56.14  ? 123 GLY B N   1 
ATOM 919  C CA  . GLY B 2 15  ? 25.686  -4.014  -2.775  1.00 59.74  ? 123 GLY B CA  1 
ATOM 920  C C   . GLY B 2 15  ? 25.107  -4.871  -3.881  1.00 54.05  ? 123 GLY B C   1 
ATOM 921  O O   . GLY B 2 15  ? 25.108  -4.522  -5.071  1.00 56.93  ? 123 GLY B O   1 
ATOM 922  N N   . GLY B 2 16  ? 24.562  -6.005  -3.473  1.00 49.31  ? 124 GLY B N   1 
ATOM 923  C CA  . GLY B 2 16  ? 24.029  -6.971  -4.424  1.00 47.43  ? 124 GLY B CA  1 
ATOM 924  C C   . GLY B 2 16  ? 22.867  -6.429  -5.232  1.00 41.69  ? 124 GLY B C   1 
ATOM 925  O O   . GLY B 2 16  ? 22.209  -5.460  -4.784  1.00 38.52  ? 124 GLY B O   1 
ATOM 926  N N   . SER B 2 17  ? 22.617  -7.047  -6.400  1.00 43.96  ? 125 SER B N   1 
ATOM 927  C CA  . SER B 2 17  ? 21.531  -6.646  -7.277  1.00 42.85  ? 125 SER B CA  1 
ATOM 928  C C   . SER B 2 17  ? 20.455  -7.690  -7.175  1.00 39.46  ? 125 SER B C   1 
ATOM 929  O O   . SER B 2 17  ? 20.720  -8.765  -6.636  1.00 39.88  ? 125 SER B O   1 
ATOM 930  C CB  . SER B 2 17  ? 22.025  -6.518  -8.710  1.00 53.55  ? 125 SER B CB  1 
ATOM 931  O OG  . SER B 2 17  ? 23.154  -5.662  -8.729  1.00 58.79  ? 125 SER B OG  1 
ATOM 932  N N   . MET B 2 18  ? 19.248  -7.364  -7.655  1.00 38.63  ? 126 MET B N   1 
ATOM 933  C CA  . MET B 2 18  ? 18.072  -8.268  -7.647  1.00 37.61  ? 126 MET B CA  1 
ATOM 934  C C   . MET B 2 18  ? 17.111  -7.989  -8.819  1.00 41.23  ? 126 MET B C   1 
ATOM 935  O O   . MET B 2 18  ? 17.382  -7.102  -9.631  1.00 44.08  ? 126 MET B O   1 
ATOM 936  C CB  . MET B 2 18  ? 17.234  -8.059  -6.399  1.00 32.73  ? 126 MET B CB  1 
ATOM 937  C CG  . MET B 2 18  ? 17.937  -8.130  -5.117  1.00 29.27  ? 126 MET B CG  1 
ATOM 938  S SD  . MET B 2 18  ? 16.760  -8.969  -4.130  1.00 26.54  ? 126 MET B SD  1 
ATOM 939  C CE  . MET B 2 18  ? 17.654  -10.652 -4.152  1.00 28.42  ? 126 MET B CE  1 
ATOM 940  N N   . LYS B 2 19  ? 15.980  -8.710  -8.880  1.00 40.40  ? 127 LYS B N   1 
ATOM 941  C CA  . LYS B 2 19  ? 14.936  -8.427  -9.869  1.00 41.85  ? 127 LYS B CA  1 
ATOM 942  C C   . LYS B 2 19  ? 13.621  -9.064  -9.476  1.00 39.09  ? 127 LYS B C   1 
ATOM 943  O O   . LYS B 2 19  ? 13.256  -10.136 -9.973  1.00 43.19  ? 127 LYS B O   1 
ATOM 944  C CB  . LYS B 2 19  ? 15.325  -8.904  -11.260 1.00 49.08  ? 127 LYS B CB  1 
ATOM 945  C CG  . LYS B 2 19  ? 14.611  -8.194  -12.404 1.00 49.70  ? 127 LYS B CG  1 
ATOM 946  C CD  . LYS B 2 19  ? 15.019  -8.823  -13.721 1.00 59.11  ? 127 LYS B CD  1 
ATOM 947  C CE  . LYS B 2 19  ? 14.890  -7.896  -14.890 1.00 61.62  ? 127 LYS B CE  1 
ATOM 948  N NZ  . LYS B 2 19  ? 15.822  -6.742  -14.752 1.00 63.81  ? 127 LYS B NZ  1 
ATOM 949  N N   . LEU B 2 20  ? 12.920  -8.375  -8.577  1.00 33.11  ? 128 LEU B N   1 
ATOM 950  C CA  . LEU B 2 20  ? 11.595  -8.784  -8.118  1.00 30.15  ? 128 LEU B CA  1 
ATOM 951  C C   . LEU B 2 20  ? 10.782  -8.875  -9.354  1.00 31.74  ? 128 LEU B C   1 
ATOM 952  O O   . LEU B 2 20  ? 11.111  -8.290  -10.376 1.00 33.75  ? 128 LEU B O   1 
ATOM 953  C CB  . LEU B 2 20  ? 10.925  -7.721  -7.247  1.00 24.82  ? 128 LEU B CB  1 
ATOM 954  C CG  . LEU B 2 20  ? 11.215  -7.545  -5.760  1.00 22.62  ? 128 LEU B CG  1 
ATOM 955  C CD1 . LEU B 2 20  ? 10.574  -8.629  -4.915  1.00 21.79  ? 128 LEU B CD1 1 
ATOM 956  C CD2 . LEU B 2 20  ? 12.710  -7.457  -5.579  1.00 25.04  ? 128 LEU B CD2 1 
ATOM 957  N N   . SER B 2 21  ? 9.671   -9.549  -9.250  1.00 31.47  ? 129 SER B N   1 
ATOM 958  C CA  . SER B 2 21  ? 8.835   -9.643  -10.399 1.00 33.47  ? 129 SER B CA  1 
ATOM 959  C C   . SER B 2 21  ? 7.480   -9.782  -9.800  1.00 33.32  ? 129 SER B C   1 
ATOM 960  O O   . SER B 2 21  ? 7.334   -9.600  -8.587  1.00 30.83  ? 129 SER B O   1 
ATOM 961  C CB  . SER B 2 21  ? 9.197   -10.874 -11.214 1.00 41.74  ? 129 SER B CB  1 
ATOM 962  O OG  . SER B 2 21  ? 10.569  -10.863 -11.553 1.00 44.00  ? 129 SER B OG  1 
ATOM 963  N N   . CYS B 2 22  ? 6.497   -9.881  -10.698 1.00 35.61  ? 130 CYS B N   1 
ATOM 964  C CA  . CYS B 2 22  ? 5.077   -10.227 -10.449 1.00 37.55  ? 130 CYS B CA  1 
ATOM 965  C C   . CYS B 2 22  ? 4.453   -10.146 -11.803 1.00 39.77  ? 130 CYS B C   1 
ATOM 966  O O   . CYS B 2 22  ? 4.882   -9.358  -12.630 1.00 37.35  ? 130 CYS B O   1 
ATOM 967  C CB  . CYS B 2 22  ? 4.306   -9.359  -9.406  1.00 33.46  ? 130 CYS B CB  1 
ATOM 968  S SG  . CYS B 2 22  ? 4.096   -7.572  -9.660  1.00 26.96  ? 130 CYS B SG  1 
ATOM 969  N N   . VAL B 2 23  ? 3.560   -11.081 -12.069 1.00 45.15  ? 131 VAL B N   1 
ATOM 970  C CA  . VAL B 2 23  ? 2.923   -11.182 -13.371 1.00 48.67  ? 131 VAL B CA  1 
ATOM 971  C C   . VAL B 2 23  ? 1.406   -10.986 -13.172 1.00 49.75  ? 131 VAL B C   1 
ATOM 972  O O   . VAL B 2 23  ? 0.830   -11.526 -12.221 1.00 52.01  ? 131 VAL B O   1 
ATOM 973  C CB  . VAL B 2 23  ? 3.285   -12.590 -14.053 1.00 58.66  ? 131 VAL B CB  1 
ATOM 974  C CG1 . VAL B 2 23  ? 2.987   -13.769 -13.092 1.00 65.41  ? 131 VAL B CG1 1 
ATOM 975  C CG2 . VAL B 2 23  ? 2.539   -12.810 -15.387 1.00 64.35  ? 131 VAL B CG2 1 
ATOM 976  N N   . ALA B 2 24  ? 0.791   -10.174 -14.029 1.00 48.39  ? 132 ALA B N   1 
ATOM 977  C CA  . ALA B 2 24  ? -0.621  -9.832  -13.930 1.00 48.42  ? 132 ALA B CA  1 
ATOM 978  C C   . ALA B 2 24  ? -1.470  -10.898 -14.563 1.00 57.73  ? 132 ALA B C   1 
ATOM 979  O O   . ALA B 2 24  ? -1.107  -11.402 -15.640 1.00 62.76  ? 132 ALA B O   1 
ATOM 980  C CB  . ALA B 2 24  ? -0.884  -8.527  -14.658 1.00 46.22  ? 132 ALA B CB  1 
ATOM 981  N N   . SER B 2 25  ? -2.608  -11.226 -13.936 1.00 60.05  ? 133 SER B N   1 
ATOM 982  C CA  . SER B 2 25  ? -3.566  -12.155 -14.545 1.00 68.56  ? 133 SER B CA  1 
ATOM 983  C C   . SER B 2 25  ? -4.932  -11.466 -14.494 1.00 68.92  ? 133 SER B C   1 
ATOM 984  O O   . SER B 2 25  ? -5.146  -10.565 -13.678 1.00 63.47  ? 133 SER B O   1 
ATOM 985  C CB  . SER B 2 25  ? -3.572  -13.511 -13.816 1.00 76.94  ? 133 SER B CB  1 
ATOM 986  O OG  . SER B 2 25  ? -4.009  -14.532 -14.684 1.00 85.80  ? 133 SER B OG  1 
ATOM 987  N N   . GLY B 2 26  ? -5.852  -11.862 -15.377 1.00 76.50  ? 134 GLY B N   1 
ATOM 988  C CA  . GLY B 2 26  ? -7.138  -11.199 -15.431 1.00 78.20  ? 134 GLY B CA  1 
ATOM 989  C C   . GLY B 2 26  ? -7.028  -9.890  -16.215 1.00 74.10  ? 134 GLY B C   1 
ATOM 990  O O   . GLY B 2 26  ? -7.733  -9.691  -17.222 1.00 78.29  ? 134 GLY B O   1 
ATOM 991  N N   . PHE B 2 27  ? -6.154  -8.983  -15.771 1.00 65.73  ? 135 PHE B N   1 
ATOM 992  C CA  . PHE B 2 27  ? -5.954  -7.731  -16.496 1.00 62.70  ? 135 PHE B CA  1 
ATOM 993  C C   . PHE B 2 27  ? -5.615  -7.884  -17.951 1.00 65.93  ? 135 PHE B C   1 
ATOM 994  O O   . PHE B 2 27  ? -4.955  -8.811  -18.373 1.00 67.57  ? 135 PHE B O   1 
ATOM 995  C CB  . PHE B 2 27  ? -4.836  -6.869  -15.852 1.00 53.53  ? 135 PHE B CB  1 
ATOM 996  C CG  . PHE B 2 27  ? -3.760  -6.288  -16.835 1.00 51.42  ? 135 PHE B CG  1 
ATOM 997  C CD1 . PHE B 2 27  ? -3.058  -7.096  -17.771 1.00 55.00  ? 135 PHE B CD1 1 
ATOM 998  C CD2 . PHE B 2 27  ? -3.363  -4.952  -16.712 1.00 45.75  ? 135 PHE B CD2 1 
ATOM 999  C CE1 . PHE B 2 27  ? -1.997  -6.603  -18.551 1.00 53.02  ? 135 PHE B CE1 1 
ATOM 1000 C CE2 . PHE B 2 27  ? -2.296  -4.442  -17.477 1.00 43.67  ? 135 PHE B CE2 1 
ATOM 1001 C CZ  . PHE B 2 27  ? -1.614  -5.271  -18.400 1.00 47.35  ? 135 PHE B CZ  1 
ATOM 1002 N N   . THR B 2 28  ? -6.162  -6.948  -18.695 1.00 67.33  ? 136 THR B N   1 
ATOM 1003 C CA  . THR B 2 28  ? -5.635  -6.425  -19.963 1.00 67.15  ? 136 THR B CA  1 
ATOM 1004 C C   . THR B 2 28  ? -6.481  -5.180  -19.818 1.00 70.00  ? 136 THR B C   1 
ATOM 1005 O O   . THR B 2 28  ? -7.658  -5.118  -20.216 1.00 84.58  ? 136 THR B O   1 
ATOM 1006 C CB  . THR B 2 28  ? -5.912  -7.263  -21.297 1.00 72.76  ? 136 THR B CB  1 
ATOM 1007 O OG1 . THR B 2 28  ? -4.727  -7.143  -22.121 1.00 71.06  ? 136 THR B OG1 1 
ATOM 1008 C CG2 . THR B 2 28  ? -7.089  -6.730  -22.152 1.00 84.86  ? 136 THR B CG2 1 
ATOM 1009 N N   . PHE B 2 29  ? -6.014  -4.344  -18.902 1.00 60.90  ? 137 PHE B N   1 
ATOM 1010 C CA  . PHE B 2 29  ? -6.835  -3.210  -18.592 1.00 67.00  ? 137 PHE B CA  1 
ATOM 1011 C C   . PHE B 2 29  ? -6.210  -2.049  -19.198 1.00 64.19  ? 137 PHE B C   1 
ATOM 1012 O O   . PHE B 2 29  ? -5.232  -1.453  -18.670 1.00 50.14  ? 137 PHE B O   1 
ATOM 1013 C CB  . PHE B 2 29  ? -7.112  -3.078  -17.104 1.00 62.05  ? 137 PHE B CB  1 
ATOM 1014 C CG  . PHE B 2 29  ? -8.220  -3.974  -16.636 1.00 68.28  ? 137 PHE B CG  1 
ATOM 1015 C CD1 . PHE B 2 29  ? -9.187  -4.378  -17.536 1.00 71.86  ? 137 PHE B CD1 1 
ATOM 1016 C CD2 . PHE B 2 29  ? -8.274  -4.414  -15.310 1.00 65.26  ? 137 PHE B CD2 1 
ATOM 1017 C CE1 . PHE B 2 29  ? -10.183 -5.205  -17.145 1.00 78.91  ? 137 PHE B CE1 1 
ATOM 1018 C CE2 . PHE B 2 29  ? -9.266  -5.240  -14.895 1.00 72.99  ? 137 PHE B CE2 1 
ATOM 1019 C CZ  . PHE B 2 29  ? -10.237 -5.643  -15.818 1.00 80.15  ? 137 PHE B CZ  1 
ATOM 1020 N N   . ASN B 2 30  ? -6.647  -1.965  -20.445 1.00 75.45  ? 138 ASN B N   1 
ATOM 1021 C CA  . ASN B 2 30  ? -6.276  -0.950  -21.388 1.00 67.96  ? 138 ASN B CA  1 
ATOM 1022 C C   . ASN B 2 30  ? -5.295  0.012   -20.639 1.00 58.23  ? 138 ASN B C   1 
ATOM 1023 O O   . ASN B 2 30  ? -4.066  -0.125  -20.827 1.00 54.04  ? 138 ASN B O   1 
ATOM 1024 C CB  . ASN B 2 30  ? -7.578  -0.218  -21.923 1.00 75.32  ? 138 ASN B CB  1 
ATOM 1025 C CG  . ASN B 2 30  ? -8.663  -1.199  -22.638 1.00 90.93  ? 138 ASN B CG  1 
ATOM 1026 O OD1 . ASN B 2 30  ? -8.483  -1.667  -23.797 1.00 90.44  ? 138 ASN B OD1 1 
ATOM 1027 N ND2 . ASN B 2 30  ? -9.817  -1.419  -21.952 1.00 98.47  ? 138 ASN B ND2 1 
ATOM 1028 N N   . ASN B 2 31  ? -5.825  0.704   -19.594 1.00 61.77  ? 139 ASN B N   1 
ATOM 1029 C CA  . ASN B 2 31  ? -5.107  1.749   -18.848 1.00 48.43  ? 139 ASN B CA  1 
ATOM 1030 C C   . ASN B 2 31  ? -5.090  1.558   -17.321 1.00 54.61  ? 139 ASN B C   1 
ATOM 1031 O O   . ASN B 2 31  ? -6.135  1.760   -16.687 1.00 78.00  ? 139 ASN B O   1 
ATOM 1032 C CB  . ASN B 2 31  ? -5.763  3.104   -19.165 1.00 50.44  ? 139 ASN B CB  1 
ATOM 1033 C CG  . ASN B 2 31  ? -5.605  3.513   -20.645 1.00 67.56  ? 139 ASN B CG  1 
ATOM 1034 O OD1 . ASN B 2 31  ? -4.881  4.421   -20.964 1.00 82.14  ? 139 ASN B OD1 1 
ATOM 1035 N ND2 . ASN B 2 31  ? -6.273  2.819   -21.533 1.00 82.83  ? 139 ASN B ND2 1 
ATOM 1036 N N   . TYR B 2 32  ? -3.900  1.303   -16.744 1.00 53.13  ? 140 TYR B N   1 
ATOM 1037 C CA  . TYR B 2 32  ? -3.649  1.055   -15.282 1.00 45.20  ? 140 TYR B CA  1 
ATOM 1038 C C   . TYR B 2 32  ? -2.451  1.933   -14.763 1.00 69.12  ? 140 TYR B C   1 
ATOM 1039 O O   . TYR B 2 32  ? -2.012  2.929   -15.390 1.00 96.30  ? 140 TYR B O   1 
ATOM 1040 C CB  . TYR B 2 32  ? -3.233  -0.431  -15.077 1.00 31.81  ? 140 TYR B CB  1 
ATOM 1041 C CG  . TYR B 2 32  ? -1.950  -0.769  -15.850 1.00 53.38  ? 140 TYR B CG  1 
ATOM 1042 C CD1 . TYR B 2 32  ? -0.706  -0.284  -15.416 1.00 86.92  ? 140 TYR B CD1 1 
ATOM 1043 C CD2 . TYR B 2 32  ? -1.996  -1.381  -17.116 1.00 45.27  ? 140 TYR B CD2 1 
ATOM 1044 C CE1 . TYR B 2 32  ? 0.427   -0.365  -16.208 1.00 94.83  ? 140 TYR B CE1 1 
ATOM 1045 C CE2 . TYR B 2 32  ? -0.832  -1.464  -17.921 1.00 49.25  ? 140 TYR B CE2 1 
ATOM 1046 C CZ  . TYR B 2 32  ? 0.365   -0.942  -17.446 1.00 71.30  ? 140 TYR B CZ  1 
ATOM 1047 O OH  . TYR B 2 32  ? 1.539   -0.927  -18.138 1.00 61.06  ? 140 TYR B OH  1 
ATOM 1048 N N   . TRP B 2 33  ? -1.884  1.503   -13.644 1.00 80.44  ? 141 TRP B N   1 
ATOM 1049 C CA  . TRP B 2 33  ? -0.625  2.037   -13.148 1.00 98.25  ? 141 TRP B CA  1 
ATOM 1050 C C   . TRP B 2 33  ? -0.174  0.911   -12.221 1.00 93.32  ? 141 TRP B C   1 
ATOM 1051 O O   . TRP B 2 33  ? -0.992  0.056   -11.831 1.00 85.22  ? 141 TRP B O   1 
ATOM 1052 C CB  . TRP B 2 33  ? -0.799  3.391   -12.421 1.00 99.96  ? 141 TRP B CB  1 
ATOM 1053 C CG  . TRP B 2 33  ? -1.905  3.443   -11.355 1.00 100.00 ? 141 TRP B CG  1 
ATOM 1054 C CD1 . TRP B 2 33  ? -3.245  3.546   -11.590 1.00 100.00 ? 141 TRP B CD1 1 
ATOM 1055 C CD2 . TRP B 2 33  ? -1.757  3.394   -9.911  1.00 100.00 ? 141 TRP B CD2 1 
ATOM 1056 N NE1 . TRP B 2 33  ? -3.943  3.561   -10.392 1.00 100.00 ? 141 TRP B NE1 1 
ATOM 1057 C CE2 . TRP B 2 33  ? -3.059  3.466   -9.352  1.00 100.00 ? 141 TRP B CE2 1 
ATOM 1058 C CE3 . TRP B 2 33  ? -0.666  3.296   -9.048  1.00 91.74  ? 141 TRP B CE3 1 
ATOM 1059 C CZ2 . TRP B 2 33  ? -3.297  3.434   -7.969  1.00 88.19  ? 141 TRP B CZ2 1 
ATOM 1060 C CZ3 . TRP B 2 33  ? -0.906  3.267   -7.668  1.00 79.42  ? 141 TRP B CZ3 1 
ATOM 1061 C CH2 . TRP B 2 33  ? -2.220  3.334   -7.144  1.00 71.69  ? 141 TRP B CH2 1 
ATOM 1062 N N   . MET B 2 34  ? 1.121   0.802   -11.966 1.00 86.87  ? 142 MET B N   1 
ATOM 1063 C CA  . MET B 2 34  ? 1.544   -0.267  -11.088 1.00 59.83  ? 142 MET B CA  1 
ATOM 1064 C C   . MET B 2 34  ? 2.694   0.296   -10.352 1.00 42.27  ? 142 MET B C   1 
ATOM 1065 O O   . MET B 2 34  ? 3.267   1.287   -10.795 1.00 62.02  ? 142 MET B O   1 
ATOM 1066 C CB  . MET B 2 34  ? 1.900   -1.530  -11.865 1.00 68.31  ? 142 MET B CB  1 
ATOM 1067 C CG  . MET B 2 34  ? 0.834   -1.874  -12.934 1.00 60.93  ? 142 MET B CG  1 
ATOM 1068 S SD  . MET B 2 34  ? 0.331   -3.577  -13.197 1.00 27.68  ? 142 MET B SD  1 
ATOM 1069 C CE  . MET B 2 34  ? 1.553   -4.446  -12.168 1.00 26.37  ? 142 MET B CE  1 
ATOM 1070 N N   . SER B 2 35  ? 2.988   -0.287  -9.196  1.00 14.17  ? 143 SER B N   1 
ATOM 1071 C CA  . SER B 2 35  ? 3.997   0.279   -8.331  1.00 8.07   ? 143 SER B CA  1 
ATOM 1072 C C   . SER B 2 35  ? 4.396   -0.730  -7.279  1.00 7.33   ? 143 SER B C   1 
ATOM 1073 O O   . SER B 2 35  ? 3.635   -1.651  -7.040  1.00 10.00  ? 143 SER B O   1 
ATOM 1074 C CB  . SER B 2 35  ? 3.393   1.499   -7.643  1.00 12.23  ? 143 SER B CB  1 
ATOM 1075 O OG  . SER B 2 35  ? 2.316   1.122   -6.805  1.00 14.04  ? 143 SER B OG  1 
ATOM 1076 N N   . TRP B 2 36  ? 5.552   -0.513  -6.647  1.00 4.64   ? 144 TRP B N   1 
ATOM 1077 C CA  . TRP B 2 36  ? 6.034   -1.343  -5.574  1.00 5.18   ? 144 TRP B CA  1 
ATOM 1078 C C   . TRP B 2 36  ? 6.048   -0.556  -4.305  1.00 3.99   ? 144 TRP B C   1 
ATOM 1079 O O   . TRP B 2 36  ? 6.687   0.500   -4.235  1.00 3.95   ? 144 TRP B O   1 
ATOM 1080 C CB  . TRP B 2 36  ? 7.455   -1.795  -5.842  1.00 6.20   ? 144 TRP B CB  1 
ATOM 1081 C CG  . TRP B 2 36  ? 7.586   -2.579  -7.077  1.00 9.14   ? 144 TRP B CG  1 
ATOM 1082 C CD1 . TRP B 2 36  ? 7.678   -2.101  -8.354  1.00 11.52  ? 144 TRP B CD1 1 
ATOM 1083 C CD2 . TRP B 2 36  ? 7.616   -4.002  -7.178  1.00 12.67  ? 144 TRP B CD2 1 
ATOM 1084 N NE1 . TRP B 2 36  ? 7.770   -3.142  -9.242  1.00 16.43  ? 144 TRP B NE1 1 
ATOM 1085 C CE2 . TRP B 2 36  ? 7.732   -4.320  -8.547  1.00 16.81  ? 144 TRP B CE2 1 
ATOM 1086 C CE3 . TRP B 2 36  ? 7.548   -5.035  -6.247  1.00 12.82  ? 144 TRP B CE3 1 
ATOM 1087 C CZ2 . TRP B 2 36  ? 7.781   -5.631  -8.998  1.00 20.31  ? 144 TRP B CZ2 1 
ATOM 1088 C CZ3 . TRP B 2 36  ? 7.598   -6.338  -6.699  1.00 17.12  ? 144 TRP B CZ3 1 
ATOM 1089 C CH2 . TRP B 2 36  ? 7.712   -6.628  -8.054  1.00 20.41  ? 144 TRP B CH2 1 
ATOM 1090 N N   . VAL B 2 37  ? 5.388   -1.128  -3.296  1.00 6.76   ? 145 VAL B N   1 
ATOM 1091 C CA  . VAL B 2 37  ? 5.324   -0.634  -1.907  1.00 8.61   ? 145 VAL B CA  1 
ATOM 1092 C C   . VAL B 2 37  ? 6.123   -1.660  -1.084  1.00 10.32  ? 145 VAL B C   1 
ATOM 1093 O O   . VAL B 2 37  ? 6.125   -2.843  -1.400  1.00 10.58  ? 145 VAL B O   1 
ATOM 1094 C CB  . VAL B 2 37  ? 3.898   -0.672  -1.348  1.00 10.93  ? 145 VAL B CB  1 
ATOM 1095 C CG1 . VAL B 2 37  ? 3.888   -0.290  0.075   1.00 14.43  ? 145 VAL B CG1 1 
ATOM 1096 C CG2 . VAL B 2 37  ? 3.019   0.218   -2.103  1.00 10.71  ? 145 VAL B CG2 1 
ATOM 1097 N N   . ARG B 2 38  ? 6.737   -1.239  0.007   1.00 14.17  ? 146 ARG B N   1 
ATOM 1098 C CA  . ARG B 2 38  ? 7.572   -2.140  0.813   1.00 18.07  ? 146 ARG B CA  1 
ATOM 1099 C C   . ARG B 2 38  ? 7.353   -1.906  2.305   1.00 23.54  ? 146 ARG B C   1 
ATOM 1100 O O   . ARG B 2 38  ? 7.083   -0.794  2.746   1.00 26.29  ? 146 ARG B O   1 
ATOM 1101 C CB  . ARG B 2 38  ? 9.062   -1.947  0.495   1.00 19.23  ? 146 ARG B CB  1 
ATOM 1102 C CG  . ARG B 2 38  ? 9.574   -0.561  0.853   1.00 23.85  ? 146 ARG B CG  1 
ATOM 1103 C CD  . ARG B 2 38  ? 11.015  -0.429  1.270   1.00 31.40  ? 146 ARG B CD  1 
ATOM 1104 N NE  . ARG B 2 38  ? 12.064  -0.566  0.264   1.00 30.63  ? 146 ARG B NE  1 
ATOM 1105 C CZ  . ARG B 2 38  ? 12.856  0.433   -0.109  1.00 34.34  ? 146 ARG B CZ  1 
ATOM 1106 N NH1 . ARG B 2 38  ? 12.613  1.664   0.294   1.00 37.24  ? 146 ARG B NH1 1 
ATOM 1107 N NH2 . ARG B 2 38  ? 13.829  0.241   -0.978  1.00 35.38  ? 146 ARG B NH2 1 
ATOM 1108 N N   . GLN B 2 39  ? 7.488   -2.961  3.090   1.00 26.27  ? 147 GLN B N   1 
ATOM 1109 C CA  . GLN B 2 39  ? 7.262   -2.840  4.524   1.00 32.65  ? 147 GLN B CA  1 
ATOM 1110 C C   . GLN B 2 39  ? 8.276   -3.612  5.347   1.00 38.27  ? 147 GLN B C   1 
ATOM 1111 O O   . GLN B 2 39  ? 8.387   -4.824  5.158   1.00 36.45  ? 147 GLN B O   1 
ATOM 1112 C CB  . GLN B 2 39  ? 5.869   -3.358  4.872   1.00 31.73  ? 147 GLN B CB  1 
ATOM 1113 C CG  . GLN B 2 39  ? 5.576   -3.334  6.345   1.00 37.01  ? 147 GLN B CG  1 
ATOM 1114 C CD  . GLN B 2 39  ? 4.209   -3.890  6.644   1.00 35.14  ? 147 GLN B CD  1 
ATOM 1115 O OE1 . GLN B 2 39  ? 3.444   -3.313  7.401   1.00 35.23  ? 147 GLN B OE1 1 
ATOM 1116 N NE2 . GLN B 2 39  ? 3.897   -5.028  6.053   1.00 33.22  ? 147 GLN B NE2 1 
ATOM 1117 N N   . SER B 2 40  ? 9.033   -2.908  6.205   1.00 45.32  ? 148 SER B N   1 
ATOM 1118 C CA  . SER B 2 40  ? 9.928   -3.536  7.200   1.00 52.23  ? 148 SER B CA  1 
ATOM 1119 C C   . SER B 2 40  ? 9.542   -2.924  8.546   1.00 61.09  ? 148 SER B C   1 
ATOM 1120 O O   . SER B 2 40  ? 9.098   -1.760  8.589   1.00 62.59  ? 148 SER B O   1 
ATOM 1121 C CB  . SER B 2 40  ? 11.395  -3.228  6.925   1.00 54.64  ? 148 SER B CB  1 
ATOM 1122 O OG  . SER B 2 40  ? 11.753  -1.977  7.484   1.00 63.01  ? 148 SER B OG  1 
ATOM 1123 N N   . PRO B 2 41  ? 9.838   -3.610  9.661   1.00 67.79  ? 149 PRO B N   1 
ATOM 1124 C CA  . PRO B 2 41  ? 9.469   -3.057  10.970  1.00 76.25  ? 149 PRO B CA  1 
ATOM 1125 C C   . PRO B 2 41  ? 10.004  -1.632  11.255  1.00 83.60  ? 149 PRO B C   1 
ATOM 1126 O O   . PRO B 2 41  ? 9.296   -0.768  11.869  1.00 86.74  ? 149 PRO B O   1 
ATOM 1127 C CB  . PRO B 2 41  ? 10.026  -4.092  11.929  1.00 82.18  ? 149 PRO B CB  1 
ATOM 1128 C CG  . PRO B 2 41  ? 11.213  -4.571  11.232  1.00 80.43  ? 149 PRO B CG  1 
ATOM 1129 C CD  . PRO B 2 41  ? 10.766  -4.737  9.814   1.00 68.98  ? 149 PRO B CD  1 
ATOM 1130 N N   . GLU B 2 42  ? 11.226  -1.371  10.772  1.00 86.04  ? 150 GLU B N   1 
ATOM 1131 C CA  . GLU B 2 42  ? 11.850  -0.046  10.972  1.00 95.00  ? 150 GLU B CA  1 
ATOM 1132 C C   . GLU B 2 42  ? 10.926  1.101   10.436  1.00 92.17  ? 150 GLU B C   1 
ATOM 1133 O O   . GLU B 2 42  ? 10.681  2.092   11.155  1.00 99.11  ? 150 GLU B O   1 
ATOM 1134 C CB  . GLU B 2 42  ? 13.216  0.039   10.246  1.00 96.01  ? 150 GLU B CB  1 
ATOM 1135 C CG  . GLU B 2 42  ? 14.238  -1.097  10.433  1.00 96.03  ? 150 GLU B CG  1 
ATOM 1136 C CD  . GLU B 2 42  ? 15.290  -1.073  9.308   1.00 92.28  ? 150 GLU B CD  1 
ATOM 1137 O OE1 . GLU B 2 42  ? 14.965  -0.498  8.245   1.00 86.65  ? 150 GLU B OE1 1 
ATOM 1138 O OE2 . GLU B 2 42  ? 16.418  -1.613  9.449   1.00 94.91  ? 150 GLU B OE2 1 
ATOM 1139 N N   . LYS B 2 43  ? 10.401  0.933   9.202   1.00 81.89  ? 151 LYS B N   1 
ATOM 1140 C CA  . LYS B 2 43  ? 9.648   1.988   8.488   1.00 77.97  ? 151 LYS B CA  1 
ATOM 1141 C C   . LYS B 2 43  ? 8.149   1.792   8.256   1.00 68.06  ? 151 LYS B C   1 
ATOM 1142 O O   . LYS B 2 43  ? 7.488   2.694   7.808   1.00 64.59  ? 151 LYS B O   1 
ATOM 1143 C CB  . LYS B 2 43  ? 10.329  2.332   7.126   1.00 72.78  ? 151 LYS B CB  1 
ATOM 1144 C CG  . LYS B 2 43  ? 9.772   1.592   5.844   1.00 58.52  ? 151 LYS B CG  1 
ATOM 1145 C CD  . LYS B 2 43  ? 10.801  1.540   4.680   1.00 55.20  ? 151 LYS B CD  1 
ATOM 1146 C CE  . LYS B 2 43  ? 10.815  2.818   3.876   1.00 53.83  ? 151 LYS B CE  1 
ATOM 1147 N NZ  . LYS B 2 43  ? 12.077  3.101   3.115   1.00 55.37  ? 151 LYS B NZ  1 
ATOM 1148 N N   . GLY B 2 44  ? 7.585   0.643   8.561   1.00 63.31  ? 152 GLY B N   1 
ATOM 1149 C CA  . GLY B 2 44  ? 6.184   0.503   8.255   1.00 54.10  ? 152 GLY B CA  1 
ATOM 1150 C C   . GLY B 2 44  ? 6.213   0.531   6.742   1.00 46.15  ? 152 GLY B C   1 
ATOM 1151 O O   . GLY B 2 44  ? 7.281   0.307   6.159   1.00 46.51  ? 152 GLY B O   1 
ATOM 1152 N N   . LEU B 2 45  ? 5.080   0.860   6.112   1.00 38.81  ? 153 LEU B N   1 
ATOM 1153 C CA  . LEU B 2 45  ? 4.921   0.890   4.640   1.00 31.47  ? 153 LEU B CA  1 
ATOM 1154 C C   . LEU B 2 45  ? 5.468   2.134   3.926   1.00 30.92  ? 153 LEU B C   1 
ATOM 1155 O O   . LEU B 2 45  ? 5.329   3.244   4.424   1.00 34.56  ? 153 LEU B O   1 
ATOM 1156 C CB  . LEU B 2 45  ? 3.445   0.781   4.273   1.00 26.45  ? 153 LEU B CB  1 
ATOM 1157 C CG  . LEU B 2 45  ? 2.622   -0.495  4.408   1.00 24.73  ? 153 LEU B CG  1 
ATOM 1158 C CD1 . LEU B 2 45  ? 1.321   -0.093  5.039   1.00 22.61  ? 153 LEU B CD1 1 
ATOM 1159 C CD2 . LEU B 2 45  ? 2.371   -1.173  3.050   1.00 21.23  ? 153 LEU B CD2 1 
ATOM 1160 N N   . GLU B 2 46  ? 6.043   1.948   2.741   1.00 26.47  ? 154 GLU B N   1 
ATOM 1161 C CA  . GLU B 2 46  ? 6.528   3.072   1.937   1.00 25.35  ? 154 GLU B CA  1 
ATOM 1162 C C   . GLU B 2 46  ? 6.406   2.867   0.446   1.00 18.14  ? 154 GLU B C   1 
ATOM 1163 O O   . GLU B 2 46  ? 6.961   1.915   -0.086  1.00 15.50  ? 154 GLU B O   1 
ATOM 1164 C CB  . GLU B 2 46  ? 7.994   3.423   2.232   1.00 32.59  ? 154 GLU B CB  1 
ATOM 1165 C CG  . GLU B 2 46  ? 8.505   4.642   1.381   1.00 32.78  ? 154 GLU B CG  1 
ATOM 1166 C CD  . GLU B 2 46  ? 9.742   5.365   1.951   1.00 43.33  ? 154 GLU B CD  1 
ATOM 1167 O OE1 . GLU B 2 46  ? 9.757   5.594   3.178   1.00 51.94  ? 154 GLU B OE1 1 
ATOM 1168 O OE2 . GLU B 2 46  ? 10.687  5.720   1.177   1.00 43.16  ? 154 GLU B OE2 1 
ATOM 1169 N N   . TRP B 2 47  ? 5.719   3.771   -0.240  1.00 15.34  ? 155 TRP B N   1 
ATOM 1170 C CA  . TRP B 2 47  ? 5.663   3.701   -1.695  1.00 10.17  ? 155 TRP B CA  1 
ATOM 1171 C C   . TRP B 2 47  ? 7.109   3.872   -2.159  1.00 11.68  ? 155 TRP B C   1 
ATOM 1172 O O   . TRP B 2 47  ? 7.727   4.933   -1.905  1.00 16.69  ? 155 TRP B O   1 
ATOM 1173 C CB  . TRP B 2 47  ? 4.810   4.833   -2.302  1.00 14.87  ? 155 TRP B CB  1 
ATOM 1174 C CG  . TRP B 2 47  ? 4.874   4.987   -3.831  1.00 28.31  ? 155 TRP B CG  1 
ATOM 1175 C CD1 . TRP B 2 47  ? 4.108   4.358   -4.738  1.00 20.43  ? 155 TRP B CD1 1 
ATOM 1176 C CD2 . TRP B 2 47  ? 5.730   5.840   -4.568  1.00 34.74  ? 155 TRP B CD2 1 
ATOM 1177 N NE1 . TRP B 2 47  ? 4.427   4.755   -5.989  1.00 22.66  ? 155 TRP B NE1 1 
ATOM 1178 C CE2 . TRP B 2 47  ? 5.430   5.674   -5.909  1.00 30.26  ? 155 TRP B CE2 1 
ATOM 1179 C CE3 . TRP B 2 47  ? 6.745   6.729   -4.219  1.00 22.52  ? 155 TRP B CE3 1 
ATOM 1180 C CZ2 . TRP B 2 47  ? 6.098   6.353   -6.907  1.00 18.26  ? 155 TRP B CZ2 1 
ATOM 1181 C CZ3 . TRP B 2 47  ? 7.414   7.401   -5.207  1.00 23.61  ? 155 TRP B CZ3 1 
ATOM 1182 C CH2 . TRP B 2 47  ? 7.096   7.216   -6.528  1.00 22.38  ? 155 TRP B CH2 1 
ATOM 1183 N N   . VAL B 2 48  ? 7.651   2.811   -2.778  1.00 7.97   ? 156 VAL B N   1 
ATOM 1184 C CA  . VAL B 2 48  ? 8.990   2.849   -3.352  1.00 9.26   ? 156 VAL B CA  1 
ATOM 1185 C C   . VAL B 2 48  ? 8.972   3.383   -4.793  1.00 7.21   ? 156 VAL B C   1 
ATOM 1186 O O   . VAL B 2 48  ? 9.408   4.508   -5.005  1.00 9.63   ? 156 VAL B O   1 
ATOM 1187 C CB  . VAL B 2 48  ? 9.645   1.472   -3.297  1.00 10.31  ? 156 VAL B CB  1 
ATOM 1188 C CG1 . VAL B 2 48  ? 11.011  1.510   -3.931  1.00 13.06  ? 156 VAL B CG1 1 
ATOM 1189 C CG2 . VAL B 2 48  ? 9.737   1.037   -1.876  1.00 15.08  ? 156 VAL B CG2 1 
ATOM 1190 N N   . ALA B 2 49  ? 8.446   2.619   -5.757  1.00 5.32   ? 157 ALA B N   1 
ATOM 1191 C CA  . ALA B 2 49  ? 8.448   3.056   -7.143  1.00 7.03   ? 157 ALA B CA  1 
ATOM 1192 C C   . ALA B 2 49  ? 7.077   3.046   -7.754  1.00 6.07   ? 157 ALA B C   1 
ATOM 1193 O O   . ALA B 2 49  ? 6.102   2.980   -7.025  1.00 5.07   ? 157 ALA B O   1 
ATOM 1194 C CB  . ALA B 2 49  ? 9.360   2.223   -7.943  1.00 8.22   ? 157 ALA B CB  1 
ATOM 1195 N N   . GLU B 2 50  ? 7.023   3.128   -9.086  1.00 8.51   ? 158 GLU B N   1 
ATOM 1196 C CA  . GLU B 2 50  ? 5.780   3.180   -9.890  1.00 15.11  ? 158 GLU B CA  1 
ATOM 1197 C C   . GLU B 2 50  ? 6.018   3.489   -11.361 1.00 24.92  ? 158 GLU B C   1 
ATOM 1198 O O   . GLU B 2 50  ? 6.431   4.585   -11.705 1.00 17.02  ? 158 GLU B O   1 
ATOM 1199 C CB  . GLU B 2 50  ? 4.824   4.283   -9.444  1.00 21.06  ? 158 GLU B CB  1 
ATOM 1200 C CG  . GLU B 2 50  ? 3.588   4.269   -10.326 1.00 65.68  ? 158 GLU B CG  1 
ATOM 1201 C CD  . GLU B 2 50  ? 2.712   5.505   -10.243 1.00 99.09  ? 158 GLU B CD  1 
ATOM 1202 O OE1 . GLU B 2 50  ? 2.780   6.259   -9.268  1.00 92.03  ? 158 GLU B OE1 1 
ATOM 1203 O OE2 . GLU B 2 50  ? 1.911   5.713   -11.164 1.00 100.00 ? 158 GLU B OE2 1 
ATOM 1204 N N   . ILE B 2 51  ? 5.744   2.548   -12.243 1.00 57.78  ? 159 ILE B N   1 
ATOM 1205 C CA  . ILE B 2 51  ? 5.783   2.864   -13.662 1.00 45.30  ? 159 ILE B CA  1 
ATOM 1206 C C   . ILE B 2 51  ? 4.360   3.371   -13.862 1.00 74.18  ? 159 ILE B C   1 
ATOM 1207 O O   . ILE B 2 51  ? 3.561   3.313   -12.918 1.00 93.82  ? 159 ILE B O   1 
ATOM 1208 C CB  . ILE B 2 51  ? 6.041   1.597   -14.535 1.00 39.06  ? 159 ILE B CB  1 
ATOM 1209 C CG1 . ILE B 2 51  ? 6.734   1.987   -15.850 1.00 32.60  ? 159 ILE B CG1 1 
ATOM 1210 C CG2 . ILE B 2 51  ? 4.733   0.838   -14.795 1.00 66.66  ? 159 ILE B CG2 1 
ATOM 1211 C CD1 . ILE B 2 51  ? 6.840   0.867   -16.843 1.00 36.87  ? 159 ILE B CD1 1 
ATOM 1212 N N   . ARG B 2 52  ? 4.006   3.827   -15.065 1.00 65.15  ? 160 ARG B N   1 
ATOM 1213 C CA  . ARG B 2 52  ? 2.642   4.378   -15.298 1.00 87.13  ? 160 ARG B CA  1 
ATOM 1214 C C   . ARG B 2 52  ? 2.077   4.277   -16.750 1.00 94.68  ? 160 ARG B C   1 
ATOM 1215 O O   . ARG B 2 52  ? 2.661   4.798   -17.718 1.00 90.55  ? 160 ARG B O   1 
ATOM 1216 C CB  . ARG B 2 52  ? 2.563   5.824   -14.753 1.00 99.03  ? 160 ARG B CB  1 
ATOM 1217 C CG  . ARG B 2 52  ? 1.967   6.873   -15.701 1.00 99.87  ? 160 ARG B CG  1 
ATOM 1218 C CD  . ARG B 2 52  ? 2.181   8.316   -15.148 1.00 100.00 ? 160 ARG B CD  1 
ATOM 1219 N NE  . ARG B 2 52  ? 1.651   9.323   -16.078 1.00 100.00 ? 160 ARG B NE  1 
ATOM 1220 C CZ  . ARG B 2 52  ? 2.307   10.410  -16.480 1.00 100.00 ? 160 ARG B CZ  1 
ATOM 1221 N NH1 . ARG B 2 52  ? 3.548   10.666  -16.050 1.00 100.00 ? 160 ARG B NH1 1 
ATOM 1222 N NH2 . ARG B 2 52  ? 1.726   11.239  -17.338 1.00 100.00 ? 160 ARG B NH2 1 
ATOM 1223 N N   . LEU B 2 53  ? 0.939   3.612   -16.915 1.00 91.94  ? 161 LEU B N   1 
ATOM 1224 C CA  . LEU B 2 53  ? 0.441   3.432   -18.271 1.00 71.73  ? 161 LEU B CA  1 
ATOM 1225 C C   . LEU B 2 53  ? -0.820  4.150   -18.749 1.00 51.93  ? 161 LEU B C   1 
ATOM 1226 O O   . LEU B 2 53  ? -1.428  3.692   -19.671 1.00 61.77  ? 161 LEU B O   1 
ATOM 1227 C CB  . LEU B 2 53  ? 0.385   1.944   -18.698 1.00 78.94  ? 161 LEU B CB  1 
ATOM 1228 C CG  . LEU B 2 53  ? -0.035  1.657   -20.176 1.00 54.04  ? 161 LEU B CG  1 
ATOM 1229 C CD1 . LEU B 2 53  ? 1.192   1.524   -21.095 1.00 60.65  ? 161 LEU B CD1 1 
ATOM 1230 C CD2 . LEU B 2 53  ? -1.084  0.531   -20.360 1.00 44.33  ? 161 LEU B CD2 1 
ATOM 1231 N N   . ASN B 2 54  ? -1.305  5.188   -18.095 1.00 56.72  ? 162 ASN B N   1 
ATOM 1232 C CA  . ASN B 2 54  ? -2.361  6.007   -18.749 1.00 78.43  ? 162 ASN B CA  1 
ATOM 1233 C C   . ASN B 2 54  ? -2.498  5.860   -20.317 1.00 96.21  ? 162 ASN B C   1 
ATOM 1234 O O   . ASN B 2 54  ? -3.577  6.142   -20.838 1.00 100.00 ? 162 ASN B O   1 
ATOM 1235 C CB  . ASN B 2 54  ? -2.127  7.497   -18.420 1.00 87.60  ? 162 ASN B CB  1 
ATOM 1236 C CG  . ASN B 2 54  ? -3.442  8.294   -18.165 1.00 86.23  ? 162 ASN B CG  1 
ATOM 1237 O OD1 . ASN B 2 54  ? -4.561  7.954   -18.611 1.00 88.60  ? 162 ASN B OD1 1 
ATOM 1238 N ND2 . ASN B 2 54  ? -3.274  9.414   -17.462 1.00 99.45  ? 162 ASN B ND2 1 
ATOM 1239 N N   . SER B 2 55  ? -1.397  5.553   -21.042 1.00 86.41  ? 163 SER B N   1 
ATOM 1240 C CA  . SER B 2 55  ? -1.395  5.201   -22.487 1.00 91.33  ? 163 SER B CA  1 
ATOM 1241 C C   . SER B 2 55  ? -0.007  5.612   -23.107 1.00 88.04  ? 163 SER B C   1 
ATOM 1242 O O   . SER B 2 55  ? 0.500   4.986   -24.054 1.00 82.34  ? 163 SER B O   1 
ATOM 1243 C CB  . SER B 2 55  ? -2.668  5.716   -23.251 1.00 98.01  ? 163 SER B CB  1 
ATOM 1244 O OG  . SER B 2 55  ? -3.492  4.653   -23.811 1.00 95.69  ? 163 SER B OG  1 
ATOM 1245 N N   . ASP B 2 56  ? 0.643   6.599   -22.497 1.00 97.06  ? 164 ASP B N   1 
ATOM 1246 C CA  . ASP B 2 56  ? 2.021   6.925   -22.843 1.00 91.99  ? 164 ASP B CA  1 
ATOM 1247 C C   . ASP B 2 56  ? 2.747   5.658   -22.365 1.00 87.61  ? 164 ASP B C   1 
ATOM 1248 O O   . ASP B 2 56  ? 2.501   5.171   -21.238 1.00 81.00  ? 164 ASP B O   1 
ATOM 1249 C CB  . ASP B 2 56  ? 2.502   8.162   -22.065 1.00 99.31  ? 164 ASP B CB  1 
ATOM 1250 C CG  . ASP B 2 56  ? 4.006   8.150   -21.780 1.00 99.20  ? 164 ASP B CG  1 
ATOM 1251 O OD1 . ASP B 2 56  ? 4.395   7.624   -20.720 1.00 99.91  ? 164 ASP B OD1 1 
ATOM 1252 O OD2 . ASP B 2 56  ? 4.806   8.679   -22.598 1.00 98.94  ? 164 ASP B OD2 1 
ATOM 1253 N N   . ASN B 2 57  ? 3.593   5.107   -23.237 1.00 77.32  ? 165 ASN B N   1 
ATOM 1254 C CA  . ASN B 2 57  ? 4.346   3.867   -22.950 1.00 68.87  ? 165 ASN B CA  1 
ATOM 1255 C C   . ASN B 2 57  ? 4.788   3.753   -21.493 1.00 65.10  ? 165 ASN B C   1 
ATOM 1256 O O   . ASN B 2 57  ? 4.168   3.032   -20.682 1.00 53.09  ? 165 ASN B O   1 
ATOM 1257 C CB  . ASN B 2 57  ? 5.599   3.712   -23.863 1.00 79.28  ? 165 ASN B CB  1 
ATOM 1258 C CG  . ASN B 2 57  ? 6.568   4.936   -23.803 1.00 84.01  ? 165 ASN B CG  1 
ATOM 1259 O OD1 . ASN B 2 57  ? 6.213   6.038   -23.302 1.00 84.82  ? 165 ASN B OD1 1 
ATOM 1260 N ND2 . ASN B 2 57  ? 7.780   4.750   -24.342 1.00 89.42  ? 165 ASN B ND2 1 
ATOM 1261 N N   . PHE B 2 58  ? 5.810   4.540   -21.170 1.00 67.45  ? 166 PHE B N   1 
ATOM 1262 C CA  . PHE B 2 58  ? 6.465   4.534   -19.881 1.00 52.63  ? 166 PHE B CA  1 
ATOM 1263 C C   . PHE B 2 58  ? 6.545   5.966   -19.354 1.00 70.14  ? 166 PHE B C   1 
ATOM 1264 O O   . PHE B 2 58  ? 6.868   6.910   -20.116 1.00 85.39  ? 166 PHE B O   1 
ATOM 1265 C CB  . PHE B 2 58  ? 7.925   4.059   -20.032 1.00 60.50  ? 166 PHE B CB  1 
ATOM 1266 C CG  . PHE B 2 58  ? 8.136   2.549   -19.933 1.00 58.83  ? 166 PHE B CG  1 
ATOM 1267 C CD1 . PHE B 2 58  ? 7.157   1.645   -20.408 1.00 55.78  ? 166 PHE B CD1 1 
ATOM 1268 C CD2 . PHE B 2 58  ? 9.344   2.047   -19.405 1.00 61.26  ? 166 PHE B CD2 1 
ATOM 1269 C CE1 . PHE B 2 58  ? 7.379   0.251   -20.365 1.00 54.60  ? 166 PHE B CE1 1 
ATOM 1270 C CE2 . PHE B 2 58  ? 9.589   0.662   -19.354 1.00 60.55  ? 166 PHE B CE2 1 
ATOM 1271 C CZ  . PHE B 2 58  ? 8.609   -0.249  -19.836 1.00 56.49  ? 166 PHE B CZ  1 
ATOM 1272 N N   . ALA B 2 59  ? 6.207   6.127   -18.074 1.00 82.91  ? 167 ALA B N   1 
ATOM 1273 C CA  . ALA B 2 59  ? 6.547   7.325   -17.283 1.00 95.36  ? 167 ALA B CA  1 
ATOM 1274 C C   . ALA B 2 59  ? 6.758   6.693   -15.923 1.00 79.64  ? 167 ALA B C   1 
ATOM 1275 O O   . ALA B 2 59  ? 6.021   5.793   -15.485 1.00 72.80  ? 167 ALA B O   1 
ATOM 1276 C CB  . ALA B 2 59  ? 5.452   8.342   -17.216 1.00 100.00 ? 167 ALA B CB  1 
ATOM 1277 N N   . THR B 2 60  ? 7.834   7.080   -15.290 1.00 71.13  ? 168 THR B N   1 
ATOM 1278 C CA  . THR B 2 60  ? 8.175   6.471   -14.042 1.00 45.31  ? 168 THR B CA  1 
ATOM 1279 C C   . THR B 2 60  ? 8.280   7.618   -13.056 1.00 55.88  ? 168 THR B C   1 
ATOM 1280 O O   . THR B 2 60  ? 8.206   8.798   -13.469 1.00 82.18  ? 168 THR B O   1 
ATOM 1281 C CB  . THR B 2 60  ? 9.493   5.782   -14.231 1.00 45.57  ? 168 THR B CB  1 
ATOM 1282 O OG1 . THR B 2 60  ? 10.512  6.779   -14.323 1.00 58.22  ? 168 THR B OG1 1 
ATOM 1283 C CG2 . THR B 2 60  ? 9.474   4.991   -15.564 1.00 46.37  ? 168 THR B CG2 1 
ATOM 1284 N N   . HIS B 2 61  ? 8.339   7.281   -11.766 1.00 37.51  ? 169 HIS B N   1 
ATOM 1285 C CA  . HIS B 2 61  ? 8.497   8.265   -10.672 1.00 35.60  ? 169 HIS B CA  1 
ATOM 1286 C C   . HIS B 2 61  ? 9.035   7.510   -9.444  1.00 29.85  ? 169 HIS B C   1 
ATOM 1287 O O   . HIS B 2 61  ? 8.463   6.491   -9.082  1.00 21.77  ? 169 HIS B O   1 
ATOM 1288 C CB  . HIS B 2 61  ? 7.135   8.909   -10.277 1.00 40.87  ? 169 HIS B CB  1 
ATOM 1289 C CG  . HIS B 2 61  ? 6.403   9.599   -11.400 1.00 61.36  ? 169 HIS B CG  1 
ATOM 1290 N ND1 . HIS B 2 61  ? 5.530   8.930   -12.229 1.00 79.71  ? 169 HIS B ND1 1 
ATOM 1291 C CD2 . HIS B 2 61  ? 6.422   10.882  -11.827 1.00 75.37  ? 169 HIS B CD2 1 
ATOM 1292 C CE1 . HIS B 2 61  ? 5.048   9.768   -13.132 1.00 100.00 ? 169 HIS B CE1 1 
ATOM 1293 N NE2 . HIS B 2 61  ? 5.579   10.969  -12.908 1.00 96.24  ? 169 HIS B NE2 1 
ATOM 1294 N N   . TYR B 2 62  ? 10.094  7.992   -8.799  1.00 34.93  ? 170 TYR B N   1 
ATOM 1295 C CA  . TYR B 2 62  ? 10.662  7.322   -7.610  1.00 30.17  ? 170 TYR B CA  1 
ATOM 1296 C C   . TYR B 2 62  ? 10.672  8.270   -6.389  1.00 34.28  ? 170 TYR B C   1 
ATOM 1297 O O   . TYR B 2 62  ? 9.963   9.281   -6.403  1.00 40.23  ? 170 TYR B O   1 
ATOM 1298 C CB  . TYR B 2 62  ? 12.072  6.794   -7.939  1.00 32.54  ? 170 TYR B CB  1 
ATOM 1299 C CG  . TYR B 2 62  ? 12.089  5.868   -9.142  1.00 31.25  ? 170 TYR B CG  1 
ATOM 1300 C CD1 . TYR B 2 62  ? 11.901  6.361   -10.421 1.00 39.41  ? 170 TYR B CD1 1 
ATOM 1301 C CD2 . TYR B 2 62  ? 12.249  4.508   -8.999  1.00 27.07  ? 170 TYR B CD2 1 
ATOM 1302 C CE1 . TYR B 2 62  ? 11.873  5.519   -11.537 1.00 40.35  ? 170 TYR B CE1 1 
ATOM 1303 C CE2 . TYR B 2 62  ? 12.230  3.672   -10.106 1.00 29.14  ? 170 TYR B CE2 1 
ATOM 1304 C CZ  . TYR B 2 62  ? 12.043  4.191   -11.366 1.00 35.86  ? 170 TYR B CZ  1 
ATOM 1305 O OH  . TYR B 2 62  ? 12.059  3.402   -12.477 1.00 40.68  ? 170 TYR B OH  1 
ATOM 1306 N N   . ALA B 2 63  ? 11.500  8.040   -5.376  1.00 35.82  ? 171 ALA B N   1 
ATOM 1307 C CA  . ALA B 2 63  ? 11.428  8.919   -4.201  1.00 43.58  ? 171 ALA B CA  1 
ATOM 1308 C C   . ALA B 2 63  ? 12.728  9.213   -3.438  1.00 50.75  ? 171 ALA B C   1 
ATOM 1309 O O   . ALA B 2 63  ? 13.769  8.597   -3.692  1.00 49.25  ? 171 ALA B O   1 
ATOM 1310 C CB  . ALA B 2 63  ? 10.385  8.369   -3.246  1.00 38.22  ? 171 ALA B CB  1 
ATOM 1311 N N   . GLU B 2 64  ? 12.649  10.145  -2.494  1.00 59.72  ? 172 GLU B N   1 
ATOM 1312 C CA  . GLU B 2 64  ? 13.763  10.487  -1.604  1.00 67.92  ? 172 GLU B CA  1 
ATOM 1313 C C   . GLU B 2 64  ? 14.950  9.494   -1.542  1.00 67.02  ? 172 GLU B C   1 
ATOM 1314 O O   . GLU B 2 64  ? 16.122  9.889   -1.731  1.00 72.65  ? 172 GLU B O   1 
ATOM 1315 C CB  . GLU B 2 64  ? 13.243  10.773  -0.151  1.00 73.94  ? 172 GLU B CB  1 
ATOM 1316 C CG  . GLU B 2 64  ? 12.492  9.564   0.667   1.00 67.43  ? 172 GLU B CG  1 
ATOM 1317 C CD  . GLU B 2 64  ? 11.947  9.942   2.123   1.00 73.43  ? 172 GLU B CD  1 
ATOM 1318 O OE1 . GLU B 2 64  ? 12.751  9.990   3.095   1.00 81.35  ? 172 GLU B OE1 1 
ATOM 1319 O OE2 . GLU B 2 64  ? 10.709  10.165  2.290   1.00 70.58  ? 172 GLU B OE2 1 
ATOM 1320 N N   . SER B 2 65  ? 14.672  8.226   -1.259  1.00 60.29  ? 173 SER B N   1 
ATOM 1321 C CA  . SER B 2 65  ? 15.748  7.250   -1.145  1.00 60.38  ? 173 SER B CA  1 
ATOM 1322 C C   . SER B 2 65  ? 15.452  5.922   -1.793  1.00 50.40  ? 173 SER B C   1 
ATOM 1323 O O   . SER B 2 65  ? 15.187  4.939   -1.102  1.00 49.83  ? 173 SER B O   1 
ATOM 1324 C CB  . SER B 2 65  ? 16.136  7.051   0.315   1.00 69.66  ? 173 SER B CB  1 
ATOM 1325 O OG  . SER B 2 65  ? 16.851  8.190   0.779   1.00 80.62  ? 173 SER B OG  1 
ATOM 1326 N N   . VAL B 2 66  ? 15.412  5.944   -3.124  1.00 44.73  ? 174 VAL B N   1 
ATOM 1327 C CA  . VAL B 2 66  ? 15.251  4.760   -3.961  1.00 37.40  ? 174 VAL B CA  1 
ATOM 1328 C C   . VAL B 2 66  ? 15.762  5.063   -5.348  1.00 39.46  ? 174 VAL B C   1 
ATOM 1329 O O   . VAL B 2 66  ? 16.348  4.190   -6.007  1.00 39.67  ? 174 VAL B O   1 
ATOM 1330 C CB  . VAL B 2 66  ? 13.804  4.271   -4.112  1.00 28.63  ? 174 VAL B CB  1 
ATOM 1331 C CG1 . VAL B 2 66  ? 13.509  3.258   -3.058  1.00 28.69  ? 174 VAL B CG1 1 
ATOM 1332 C CG2 . VAL B 2 66  ? 12.845  5.391   -4.058  1.00 28.39  ? 174 VAL B CG2 1 
ATOM 1333 N N   . LYS B 2 67  ? 15.531  6.287   -5.816  1.00 43.45  ? 175 LYS B N   1 
ATOM 1334 C CA  . LYS B 2 67  ? 16.002  6.657   -7.148  1.00 48.93  ? 175 LYS B CA  1 
ATOM 1335 C C   . LYS B 2 67  ? 17.513  6.414   -7.238  1.00 56.27  ? 175 LYS B C   1 
ATOM 1336 O O   . LYS B 2 67  ? 18.199  6.271   -6.196  1.00 58.63  ? 175 LYS B O   1 
ATOM 1337 C CB  . LYS B 2 67  ? 15.671  8.118   -7.446  1.00 54.58  ? 175 LYS B CB  1 
ATOM 1338 C CG  . LYS B 2 67  ? 15.933  9.079   -6.299  1.00 58.50  ? 175 LYS B CG  1 
ATOM 1339 C CD  . LYS B 2 67  ? 15.973  10.526  -6.800  1.00 66.31  ? 175 LYS B CD  1 
ATOM 1340 C CE  . LYS B 2 67  ? 14.753  10.879  -7.632  1.00 72.45  ? 175 LYS B CE  1 
ATOM 1341 N NZ  . LYS B 2 67  ? 14.873  12.280  -8.050  1.00 85.61  ? 175 LYS B NZ  1 
ATOM 1342 N N   . GLY B 2 68  ? 18.036  6.304   -8.456  1.00 64.97  ? 176 GLY B N   1 
ATOM 1343 C CA  . GLY B 2 68  ? 19.458  6.034   -8.593  1.00 74.35  ? 176 GLY B CA  1 
ATOM 1344 C C   . GLY B 2 68  ? 19.609  4.549   -8.373  1.00 67.83  ? 176 GLY B C   1 
ATOM 1345 O O   . GLY B 2 68  ? 20.255  3.879   -9.166  1.00 72.90  ? 176 GLY B O   1 
ATOM 1346 N N   . LYS B 2 69  ? 18.859  4.028   -7.405  1.00 57.27  ? 177 LYS B N   1 
ATOM 1347 C CA  . LYS B 2 69  ? 18.981  2.668   -6.984  1.00 52.17  ? 177 LYS B CA  1 
ATOM 1348 C C   . LYS B 2 69  ? 18.127  1.654   -7.680  1.00 45.51  ? 177 LYS B C   1 
ATOM 1349 O O   . LYS B 2 69  ? 18.591  0.549   -7.853  1.00 44.16  ? 177 LYS B O   1 
ATOM 1350 C CB  . LYS B 2 69  ? 18.795  2.551   -5.471  1.00 48.67  ? 177 LYS B CB  1 
ATOM 1351 C CG  . LYS B 2 69  ? 19.324  3.747   -4.684  1.00 56.11  ? 177 LYS B CG  1 
ATOM 1352 C CD  . LYS B 2 69  ? 19.984  3.294   -3.399  1.00 60.14  ? 177 LYS B CD  1 
ATOM 1353 C CE  . LYS B 2 69  ? 20.733  4.466   -2.787  1.00 70.29  ? 177 LYS B CE  1 
ATOM 1354 N NZ  . LYS B 2 69  ? 21.633  5.150   -3.792  1.00 77.41  ? 177 LYS B NZ  1 
ATOM 1355 N N   . PHE B 2 70  ? 16.855  1.910   -7.956  1.00 40.56  ? 178 PHE B N   1 
ATOM 1356 C CA  . PHE B 2 70  ? 16.087  0.855   -8.634  1.00 35.85  ? 178 PHE B CA  1 
ATOM 1357 C C   . PHE B 2 70  ? 15.399  1.451   -9.838  1.00 39.08  ? 178 PHE B C   1 
ATOM 1358 O O   . PHE B 2 70  ? 15.322  2.691   -9.958  1.00 42.31  ? 178 PHE B O   1 
ATOM 1359 C CB  . PHE B 2 70  ? 15.006  0.199   -7.751  1.00 30.48  ? 178 PHE B CB  1 
ATOM 1360 C CG  . PHE B 2 70  ? 15.299  0.157   -6.233  1.00 30.20  ? 178 PHE B CG  1 
ATOM 1361 C CD1 . PHE B 2 70  ? 16.584  0.304   -5.695  1.00 34.46  ? 178 PHE B CD1 1 
ATOM 1362 C CD2 . PHE B 2 70  ? 14.238  -0.058  -5.338  1.00 25.78  ? 178 PHE B CD2 1 
ATOM 1363 C CE1 . PHE B 2 70  ? 16.818  0.247   -4.320  1.00 36.40  ? 178 PHE B CE1 1 
ATOM 1364 C CE2 . PHE B 2 70  ? 14.469  -0.119  -3.947  1.00 29.38  ? 178 PHE B CE2 1 
ATOM 1365 C CZ  . PHE B 2 70  ? 15.768  0.035   -3.447  1.00 34.88  ? 178 PHE B CZ  1 
ATOM 1366 N N   . ILE B 2 71  ? 14.940  0.594   -10.751 1.00 39.85  ? 179 ILE B N   1 
ATOM 1367 C CA  . ILE B 2 71  ? 14.180  1.063   -11.916 1.00 42.76  ? 179 ILE B CA  1 
ATOM 1368 C C   . ILE B 2 71  ? 12.991  0.170   -12.250 1.00 38.73  ? 179 ILE B C   1 
ATOM 1369 O O   . ILE B 2 71  ? 13.130  -1.002  -12.512 1.00 40.22  ? 179 ILE B O   1 
ATOM 1370 C CB  . ILE B 2 71  ? 15.053  1.284   -13.211 1.00 56.25  ? 179 ILE B CB  1 
ATOM 1371 C CG1 . ILE B 2 71  ? 15.159  0.024   -14.040 1.00 58.42  ? 179 ILE B CG1 1 
ATOM 1372 C CG2 . ILE B 2 71  ? 16.441  1.790   -12.898 1.00 63.71  ? 179 ILE B CG2 1 
ATOM 1373 C CD1 . ILE B 2 71  ? 14.153  -0.046  -15.157 1.00 59.88  ? 179 ILE B CD1 1 
ATOM 1374 N N   . ILE B 2 72  ? 11.802  0.732   -12.224 1.00 33.74  ? 180 ILE B N   1 
ATOM 1375 C CA  . ILE B 2 72  ? 10.619  -0.027  -12.515 1.00 30.71  ? 180 ILE B CA  1 
ATOM 1376 C C   . ILE B 2 72  ? 10.695  -0.241  -13.996 1.00 38.07  ? 180 ILE B C   1 
ATOM 1377 O O   . ILE B 2 72  ? 11.325  0.570   -14.678 1.00 44.45  ? 180 ILE B O   1 
ATOM 1378 C CB  . ILE B 2 72  ? 9.389   0.783   -12.170 1.00 24.63  ? 180 ILE B CB  1 
ATOM 1379 C CG1 . ILE B 2 72  ? 8.140   -0.051  -12.346 1.00 25.26  ? 180 ILE B CG1 1 
ATOM 1380 C CG2 . ILE B 2 72  ? 9.344   2.010   -12.991 1.00 27.86  ? 180 ILE B CG2 1 
ATOM 1381 C CD1 . ILE B 2 72  ? 7.451   -0.371  -11.056 1.00 22.42  ? 180 ILE B CD1 1 
ATOM 1382 N N   . SER B 2 73  ? 10.116  -1.348  -14.475 1.00 37.43  ? 181 SER B N   1 
ATOM 1383 C CA  . SER B 2 73  ? 10.006  -1.677  -15.906 1.00 43.13  ? 181 SER B CA  1 
ATOM 1384 C C   . SER B 2 73  ? 8.957   -2.771  -15.972 1.00 39.33  ? 181 SER B C   1 
ATOM 1385 O O   . SER B 2 73  ? 8.822   -3.499  -14.999 1.00 35.53  ? 181 SER B O   1 
ATOM 1386 C CB  . SER B 2 73  ? 11.310  -2.244  -16.402 1.00 50.98  ? 181 SER B CB  1 
ATOM 1387 O OG  . SER B 2 73  ? 11.598  -3.378  -15.619 1.00 47.87  ? 181 SER B OG  1 
ATOM 1388 N N   . ARG B 2 74  ? 8.213   -2.871  -17.081 1.00 40.47  ? 182 ARG B N   1 
ATOM 1389 C CA  . ARG B 2 74  ? 7.159   -3.890  -17.274 1.00 36.97  ? 182 ARG B CA  1 
ATOM 1390 C C   . ARG B 2 74  ? 6.650   -3.874  -18.676 1.00 39.02  ? 182 ARG B C   1 
ATOM 1391 O O   . ARG B 2 74  ? 6.209   -2.843  -19.168 1.00 41.02  ? 182 ARG B O   1 
ATOM 1392 C CB  . ARG B 2 74  ? 5.907   -3.629  -16.377 1.00 32.53  ? 182 ARG B CB  1 
ATOM 1393 C CG  . ARG B 2 74  ? 4.517   -4.086  -17.002 1.00 33.38  ? 182 ARG B CG  1 
ATOM 1394 C CD  . ARG B 2 74  ? 3.352   -4.369  -15.989 1.00 31.98  ? 182 ARG B CD  1 
ATOM 1395 N NE  . ARG B 2 74  ? 2.215   -5.067  -16.642 1.00 34.97  ? 182 ARG B NE  1 
ATOM 1396 C CZ  . ARG B 2 74  ? 1.150   -5.621  -16.026 1.00 36.91  ? 182 ARG B CZ  1 
ATOM 1397 N NH1 . ARG B 2 74  ? 1.026   -5.572  -14.694 1.00 34.26  ? 182 ARG B NH1 1 
ATOM 1398 N NH2 . ARG B 2 74  ? 0.255   -6.324  -16.744 1.00 42.10  ? 182 ARG B NH2 1 
ATOM 1399 N N   . ASP B 2 75  ? 6.595   -5.005  -19.323 1.00 40.67  ? 183 ASP B N   1 
ATOM 1400 C CA  . ASP B 2 75  ? 5.908   -4.920  -20.576 1.00 45.11  ? 183 ASP B CA  1 
ATOM 1401 C C   . ASP B 2 75  ? 4.676   -5.796  -20.704 1.00 45.16  ? 183 ASP B C   1 
ATOM 1402 O O   . ASP B 2 75  ? 4.685   -7.001  -20.375 1.00 44.60  ? 183 ASP B O   1 
ATOM 1403 C CB  . ASP B 2 75  ? 6.866   -4.957  -21.765 1.00 52.99  ? 183 ASP B CB  1 
ATOM 1404 C CG  . ASP B 2 75  ? 7.512   -3.565  -22.021 1.00 59.48  ? 183 ASP B CG  1 
ATOM 1405 O OD1 . ASP B 2 75  ? 8.438   -3.155  -21.247 1.00 59.70  ? 183 ASP B OD1 1 
ATOM 1406 O OD2 . ASP B 2 75  ? 7.060   -2.862  -22.974 1.00 65.25  ? 183 ASP B OD2 1 
ATOM 1407 N N   . ASP B 2 76  ? 3.586   -5.143  -21.093 1.00 46.37  ? 184 ASP B N   1 
ATOM 1408 C CA  . ASP B 2 76  ? 2.313   -5.811  -21.209 1.00 49.23  ? 184 ASP B CA  1 
ATOM 1409 C C   . ASP B 2 76  ? 2.525   -7.053  -22.073 1.00 53.46  ? 184 ASP B C   1 
ATOM 1410 O O   . ASP B 2 76  ? 2.071   -8.136  -21.709 1.00 56.87  ? 184 ASP B O   1 
ATOM 1411 C CB  . ASP B 2 76  ? 1.234   -4.895  -21.819 1.00 52.89  ? 184 ASP B CB  1 
ATOM 1412 C CG  . ASP B 2 76  ? 1.044   -3.508  -21.052 1.00 47.39  ? 184 ASP B CG  1 
ATOM 1413 O OD1 . ASP B 2 76  ? 1.968   -2.965  -20.310 1.00 41.65  ? 184 ASP B OD1 1 
ATOM 1414 O OD2 . ASP B 2 76  ? -0.076  -2.938  -21.288 1.00 50.69  ? 184 ASP B OD2 1 
ATOM 1415 N N   . SER B 2 77  ? 3.263   -6.938  -23.172 1.00 57.63  ? 185 SER B N   1 
ATOM 1416 C CA  . SER B 2 77  ? 3.439   -8.098  -24.057 1.00 63.03  ? 185 SER B CA  1 
ATOM 1417 C C   . SER B 2 77  ? 3.870   -9.327  -23.218 1.00 62.58  ? 185 SER B C   1 
ATOM 1418 O O   . SER B 2 77  ? 3.410   -10.488 -23.420 1.00 67.55  ? 185 SER B O   1 
ATOM 1419 C CB  . SER B 2 77  ? 4.522   -7.809  -25.090 1.00 67.99  ? 185 SER B CB  1 
ATOM 1420 O OG  . SER B 2 77  ? 5.782   -8.237  -24.564 1.00 66.61  ? 185 SER B OG  1 
ATOM 1421 N N   . LYS B 2 78  ? 4.730   -9.017  -22.249 1.00 57.48  ? 186 LYS B N   1 
ATOM 1422 C CA  . LYS B 2 78  ? 5.345   -9.989  -21.330 1.00 57.28  ? 186 LYS B CA  1 
ATOM 1423 C C   . LYS B 2 78  ? 4.484   -10.373 -20.150 1.00 55.82  ? 186 LYS B C   1 
ATOM 1424 O O   . LYS B 2 78  ? 4.721   -11.376 -19.484 1.00 60.30  ? 186 LYS B O   1 
ATOM 1425 C CB  . LYS B 2 78  ? 6.675   -9.409  -20.852 1.00 53.21  ? 186 LYS B CB  1 
ATOM 1426 C CG  . LYS B 2 78  ? 7.549   -9.248  -22.055 1.00 59.11  ? 186 LYS B CG  1 
ATOM 1427 C CD  . LYS B 2 78  ? 8.786   -8.550  -21.758 1.00 61.20  ? 186 LYS B CD  1 
ATOM 1428 C CE  . LYS B 2 78  ? 9.662   -8.652  -22.984 1.00 73.08  ? 186 LYS B CE  1 
ATOM 1429 N NZ  . LYS B 2 78  ? 11.106  -8.476  -22.616 1.00 80.65  ? 186 LYS B NZ  1 
ATOM 1430 N N   . SER B 2 79  ? 3.536   -9.485  -19.877 1.00 53.42  ? 187 SER B N   1 
ATOM 1431 C CA  . SER B 2 79  ? 2.529   -9.662  -18.859 1.00 54.38  ? 187 SER B CA  1 
ATOM 1432 C C   . SER B 2 79  ? 3.082   -9.376  -17.480 1.00 48.68  ? 187 SER B C   1 
ATOM 1433 O O   . SER B 2 79  ? 2.326   -9.316  -16.503 1.00 48.35  ? 187 SER B O   1 
ATOM 1434 C CB  . SER B 2 79  ? 2.029   -11.108 -18.946 1.00 64.30  ? 187 SER B CB  1 
ATOM 1435 O OG  . SER B 2 79  ? 1.917   -11.549 -20.315 1.00 70.45  ? 187 SER B OG  1 
ATOM 1436 N N   . ARG B 2 80  ? 4.384   -9.099  -17.431 1.00 44.49  ? 188 ARG B N   1 
ATOM 1437 C CA  . ARG B 2 80  ? 5.099   -9.051  -16.169 1.00 41.37  ? 188 ARG B CA  1 
ATOM 1438 C C   . ARG B 2 80  ? 5.466   -7.633  -15.820 1.00 36.91  ? 188 ARG B C   1 
ATOM 1439 O O   . ARG B 2 80  ? 5.448   -6.781  -16.688 1.00 35.63  ? 188 ARG B O   1 
ATOM 1440 C CB  . ARG B 2 80  ? 6.393   -9.836  -16.299 1.00 42.59  ? 188 ARG B CB  1 
ATOM 1441 C CG  . ARG B 2 80  ? 6.288   -11.326 -16.470 1.00 50.95  ? 188 ARG B CG  1 
ATOM 1442 C CD  . ARG B 2 80  ? 7.554   -11.943 -15.883 1.00 53.90  ? 188 ARG B CD  1 
ATOM 1443 N NE  . ARG B 2 80  ? 7.451   -13.388 -15.845 1.00 64.19  ? 188 ARG B NE  1 
ATOM 1444 C CZ  . ARG B 2 80  ? 8.440   -14.298 -15.815 1.00 72.30  ? 188 ARG B CZ  1 
ATOM 1445 N NH1 . ARG B 2 80  ? 9.739   -13.958 -15.807 1.00 71.83  ? 188 ARG B NH1 1 
ATOM 1446 N NH2 . ARG B 2 80  ? 8.100   -15.590 -15.917 1.00 83.16  ? 188 ARG B NH2 1 
ATOM 1447 N N   . LEU B 2 81  ? 5.892   -7.414  -14.576 1.00 34.46  ? 189 LEU B N   1 
ATOM 1448 C CA  . LEU B 2 81  ? 6.303   -6.119  -14.061 1.00 30.99  ? 189 LEU B CA  1 
ATOM 1449 C C   . LEU B 2 81  ? 7.568   -6.316  -13.252 1.00 30.36  ? 189 LEU B C   1 
ATOM 1450 O O   . LEU B 2 81  ? 7.482   -6.652  -12.083 1.00 29.06  ? 189 LEU B O   1 
ATOM 1451 C CB  . LEU B 2 81  ? 5.198   -5.586  -13.172 1.00 29.11  ? 189 LEU B CB  1 
ATOM 1452 C CG  . LEU B 2 81  ? 5.310   -4.364  -12.250 1.00 25.32  ? 189 LEU B CG  1 
ATOM 1453 C CD1 . LEU B 2 81  ? 5.207   -4.864  -10.846 1.00 22.50  ? 189 LEU B CD1 1 
ATOM 1454 C CD2 . LEU B 2 81  ? 6.559   -3.509  -12.446 1.00 24.96  ? 189 LEU B CD2 1 
ATOM 1455 N N   . TYR B 2 82  ? 8.722   -6.001  -13.851 1.00 33.28  ? 190 TYR B N   1 
ATOM 1456 C CA  . TYR B 2 82  ? 10.057  -6.242  -13.263 1.00 34.62  ? 190 TYR B CA  1 
ATOM 1457 C C   . TYR B 2 82  ? 10.593  -5.095  -12.421 1.00 33.08  ? 190 TYR B C   1 
ATOM 1458 O O   . TYR B 2 82  ? 10.423  -3.950  -12.809 1.00 33.02  ? 190 TYR B O   1 
ATOM 1459 C CB  . TYR B 2 82  ? 11.082  -6.538  -14.370 1.00 40.67  ? 190 TYR B CB  1 
ATOM 1460 C CG  . TYR B 2 82  ? 10.862  -7.813  -15.178 1.00 42.49  ? 190 TYR B CG  1 
ATOM 1461 C CD1 . TYR B 2 82  ? 9.859   -7.894  -16.152 1.00 41.16  ? 190 TYR B CD1 1 
ATOM 1462 C CD2 . TYR B 2 82  ? 11.693  -8.907  -15.006 1.00 47.68  ? 190 TYR B CD2 1 
ATOM 1463 C CE1 . TYR B 2 82  ? 9.700   -9.023  -16.918 1.00 45.78  ? 190 TYR B CE1 1 
ATOM 1464 C CE2 . TYR B 2 82  ? 11.560  -10.055 -15.766 1.00 53.93  ? 190 TYR B CE2 1 
ATOM 1465 C CZ  . TYR B 2 82  ? 10.560  -10.113 -16.727 1.00 52.56  ? 190 TYR B CZ  1 
ATOM 1466 O OH  . TYR B 2 82  ? 10.460  -11.264 -17.506 1.00 59.59  ? 190 TYR B OH  1 
ATOM 1467 N N   . LEU B 2 83  ? 11.281  -5.384  -11.312 1.00 32.23  ? 191 LEU B N   1 
ATOM 1468 C CA  . LEU B 2 83  ? 11.854  -4.317  -10.490 1.00 30.29  ? 191 LEU B CA  1 
ATOM 1469 C C   . LEU B 2 83  ? 13.272  -4.541  -9.946  1.00 32.74  ? 191 LEU B C   1 
ATOM 1470 O O   . LEU B 2 83  ? 13.461  -4.979  -8.805  1.00 31.02  ? 191 LEU B O   1 
ATOM 1471 C CB  . LEU B 2 83  ? 10.942  -3.934  -9.331  1.00 24.50  ? 191 LEU B CB  1 
ATOM 1472 C CG  . LEU B 2 83  ? 11.442  -2.587  -8.776  1.00 22.56  ? 191 LEU B CG  1 
ATOM 1473 C CD1 . LEU B 2 83  ? 10.581  -1.445  -9.337  1.00 19.20  ? 191 LEU B CD1 1 
ATOM 1474 C CD2 . LEU B 2 83  ? 11.496  -2.554  -7.256  1.00 19.90  ? 191 LEU B CD2 1 
ATOM 1475 N N   . GLN B 2 84  ? 14.251  -4.115  -10.740 1.00 37.38  ? 192 GLN B N   1 
ATOM 1476 C CA  . GLN B 2 84  ? 15.656  -4.292  -10.437 1.00 40.54  ? 192 GLN B CA  1 
ATOM 1477 C C   . GLN B 2 84  ? 16.177  -3.244  -9.529  1.00 38.40  ? 192 GLN B C   1 
ATOM 1478 O O   . GLN B 2 84  ? 16.128  -2.043  -9.839  1.00 39.32  ? 192 GLN B O   1 
ATOM 1479 C CB  . GLN B 2 84  ? 16.492  -4.285  -11.696 1.00 48.53  ? 192 GLN B CB  1 
ATOM 1480 C CG  . GLN B 2 84  ? 16.853  -5.656  -12.176 1.00 52.35  ? 192 GLN B CG  1 
ATOM 1481 C CD  . GLN B 2 84  ? 18.330  -5.780  -12.432 1.00 60.53  ? 192 GLN B CD  1 
ATOM 1482 O OE1 . GLN B 2 84  ? 18.736  -6.244  -13.477 1.00 70.68  ? 192 GLN B OE1 1 
ATOM 1483 N NE2 . GLN B 2 84  ? 19.145  -5.332  -11.492 1.00 56.83  ? 192 GLN B NE2 1 
ATOM 1484 N N   . MET B 2 85  ? 16.754  -3.716  -8.432  1.00 36.81  ? 193 MET B N   1 
ATOM 1485 C CA  . MET B 2 85  ? 17.307  -2.839  -7.421  1.00 35.46  ? 193 MET B CA  1 
ATOM 1486 C C   . MET B 2 85  ? 18.804  -3.019  -7.344  1.00 38.29  ? 193 MET B C   1 
ATOM 1487 O O   . MET B 2 85  ? 19.253  -4.137  -7.202  1.00 38.16  ? 193 MET B O   1 
ATOM 1488 C CB  . MET B 2 85  ? 16.639  -3.134  -6.077  1.00 32.52  ? 193 MET B CB  1 
ATOM 1489 C CG  . MET B 2 85  ? 16.169  -4.555  -5.902  1.00 30.80  ? 193 MET B CG  1 
ATOM 1490 S SD  . MET B 2 85  ? 14.539  -4.553  -5.206  1.00 28.05  ? 193 MET B SD  1 
ATOM 1491 C CE  . MET B 2 85  ? 14.814  -3.926  -3.615  1.00 28.16  ? 193 MET B CE  1 
ATOM 1492 N N   . ASN B 2 86  ? 19.560  -1.935  -7.446  1.00 42.78  ? 194 ASN B N   1 
ATOM 1493 C CA  . ASN B 2 86  ? 21.009  -1.977  -7.355  1.00 47.49  ? 194 ASN B CA  1 
ATOM 1494 C C   . ASN B 2 86  ? 21.576  -1.116  -6.224  1.00 47.29  ? 194 ASN B C   1 
ATOM 1495 O O   . ASN B 2 86  ? 21.011  -0.061  -5.866  1.00 48.73  ? 194 ASN B O   1 
ATOM 1496 C CB  . ASN B 2 86  ? 21.681  -1.493  -8.642  1.00 56.58  ? 194 ASN B CB  1 
ATOM 1497 C CG  . ASN B 2 86  ? 21.354  -2.327  -9.829  1.00 60.07  ? 194 ASN B CG  1 
ATOM 1498 O OD1 . ASN B 2 86  ? 20.727  -1.852  -10.752 1.00 63.48  ? 194 ASN B OD1 1 
ATOM 1499 N ND2 . ASN B 2 86  ? 21.848  -3.553  -9.863  1.00 60.67  ? 194 ASN B ND2 1 
ATOM 1500 N N   . SER B 2 87  ? 22.774  -1.519  -5.776  1.00 51.41  ? 195 SER B N   1 
ATOM 1501 C CA  . SER B 2 87  ? 23.538  -0.826  -4.744  1.00 57.13  ? 195 SER B CA  1 
ATOM 1502 C C   . SER B 2 87  ? 22.848  -0.934  -3.395  1.00 53.28  ? 195 SER B C   1 
ATOM 1503 O O   . SER B 2 87  ? 23.060  -0.104  -2.560  1.00 58.18  ? 195 SER B O   1 
ATOM 1504 C CB  . SER B 2 87  ? 23.704  0.645   -5.145  1.00 66.99  ? 195 SER B CB  1 
ATOM 1505 O OG  . SER B 2 87  ? 24.849  1.253   -4.576  1.00 77.02  ? 195 SER B OG  1 
ATOM 1506 N N   . LEU B 2 88  ? 22.120  -2.021  -3.153  1.00 46.20  ? 196 LEU B N   1 
ATOM 1507 C CA  . LEU B 2 88  ? 21.309  -2.226  -1.940  1.00 44.53  ? 196 LEU B CA  1 
ATOM 1508 C C   . LEU B 2 88  ? 21.959  -2.024  -0.592  1.00 51.88  ? 196 LEU B C   1 
ATOM 1509 O O   . LEU B 2 88  ? 23.121  -2.271  -0.435  1.00 55.99  ? 196 LEU B O   1 
ATOM 1510 C CB  . LEU B 2 88  ? 20.671  -3.628  -1.921  1.00 38.32  ? 196 LEU B CB  1 
ATOM 1511 C CG  . LEU B 2 88  ? 19.238  -3.709  -2.448  1.00 34.50  ? 196 LEU B CG  1 
ATOM 1512 C CD1 . LEU B 2 88  ? 18.642  -5.055  -2.145  1.00 30.82  ? 196 LEU B CD1 1 
ATOM 1513 C CD2 . LEU B 2 88  ? 18.408  -2.610  -1.834  1.00 38.83  ? 196 LEU B CD2 1 
ATOM 1514 N N   . ARG B 2 89  ? 21.190  -1.652  0.416   1.00 55.29  ? 197 ARG B N   1 
ATOM 1515 C CA  . ARG B 2 89  ? 21.770  -1.482  1.738   1.00 65.03  ? 197 ARG B CA  1 
ATOM 1516 C C   . ARG B 2 89  ? 20.860  -2.081  2.758   1.00 65.65  ? 197 ARG B C   1 
ATOM 1517 O O   . ARG B 2 89  ? 19.771  -2.526  2.416   1.00 58.88  ? 197 ARG B O   1 
ATOM 1518 C CB  . ARG B 2 89  ? 21.964  0.001   2.053   1.00 75.37  ? 197 ARG B CB  1 
ATOM 1519 C CG  . ARG B 2 89  ? 23.095  0.702   1.296   1.00 78.70  ? 197 ARG B CG  1 
ATOM 1520 C CD  . ARG B 2 89  ? 23.176  2.127   1.753   1.00 89.09  ? 197 ARG B CD  1 
ATOM 1521 N NE  . ARG B 2 89  ? 21.847  2.729   1.827   1.00 87.49  ? 197 ARG B NE  1 
ATOM 1522 C CZ  . ARG B 2 89  ? 21.629  4.028   2.029   1.00 93.44  ? 197 ARG B CZ  1 
ATOM 1523 N NH1 . ARG B 2 89  ? 22.666  4.862   2.185   1.00 101.57 ? 197 ARG B NH1 1 
ATOM 1524 N NH2 . ARG B 2 89  ? 20.379  4.493   2.043   1.00 90.58  ? 197 ARG B NH2 1 
ATOM 1525 N N   . ALA B 2 90  ? 21.285  -2.015  4.018   1.00 75.04  ? 198 ALA B N   1 
ATOM 1526 C CA  . ALA B 2 90  ? 20.494  -2.524  5.158   1.00 77.38  ? 198 ALA B CA  1 
ATOM 1527 C C   . ALA B 2 90  ? 19.107  -1.964  5.065   1.00 75.14  ? 198 ALA B C   1 
ATOM 1528 O O   . ALA B 2 90  ? 18.142  -2.700  4.837   1.00 67.00  ? 198 ALA B O   1 
ATOM 1529 C CB  . ALA B 2 90  ? 21.113  -2.102  6.533   1.00 90.03  ? 198 ALA B CB  1 
ATOM 1530 N N   . GLU B 2 91  ? 19.034  -0.645  5.197   1.00 82.25  ? 199 GLU B N   1 
ATOM 1531 C CA  . GLU B 2 91  ? 17.771  0.070   5.072   1.00 80.63  ? 199 GLU B CA  1 
ATOM 1532 C C   . GLU B 2 91  ? 16.694  -0.622  4.145   1.00 67.80  ? 199 GLU B C   1 
ATOM 1533 O O   . GLU B 2 91  ? 15.558  -0.886  4.564   1.00 64.41  ? 199 GLU B O   1 
ATOM 1534 C CB  . GLU B 2 91  ? 18.075  1.509   4.611   1.00 85.32  ? 199 GLU B CB  1 
ATOM 1535 C CG  . GLU B 2 91  ? 18.078  2.612   5.727   1.00 95.33  ? 199 GLU B CG  1 
ATOM 1536 C CD  . GLU B 2 91  ? 19.331  2.650   6.596   1.00 103.57 ? 199 GLU B CD  1 
ATOM 1537 O OE1 . GLU B 2 91  ? 20.123  1.685   6.574   1.00 102.91 ? 199 GLU B OE1 1 
ATOM 1538 O OE2 . GLU B 2 91  ? 19.528  3.665   7.304   1.00 110.25 ? 199 GLU B OE2 1 
ATOM 1539 N N   . ASP B 2 92  ? 17.101  -1.069  2.959   1.00 60.69  ? 200 ASP B N   1 
ATOM 1540 C CA  . ASP B 2 92  ? 16.145  -1.585  1.966   1.00 50.28  ? 200 ASP B CA  1 
ATOM 1541 C C   . ASP B 2 92  ? 15.501  -2.949  2.211   1.00 43.97  ? 200 ASP B C   1 
ATOM 1542 O O   . ASP B 2 92  ? 14.758  -3.449  1.364   1.00 37.58  ? 200 ASP B O   1 
ATOM 1543 C CB  . ASP B 2 92  ? 16.819  -1.620  0.604   1.00 46.86  ? 200 ASP B CB  1 
ATOM 1544 C CG  . ASP B 2 92  ? 17.456  -0.318  0.244   1.00 52.02  ? 200 ASP B CG  1 
ATOM 1545 O OD1 . ASP B 2 92  ? 16.739  0.556   -0.285  1.00 50.58  ? 200 ASP B OD1 1 
ATOM 1546 O OD2 . ASP B 2 92  ? 18.665  -0.180  0.503   1.00 56.84  ? 200 ASP B OD2 1 
ATOM 1547 N N   . THR B 2 93  ? 15.876  -3.597  3.309   1.00 47.37  ? 201 THR B N   1 
ATOM 1548 C CA  . THR B 2 93  ? 15.367  -4.931  3.645   1.00 41.79  ? 201 THR B CA  1 
ATOM 1549 C C   . THR B 2 93  ? 13.869  -4.843  3.950   1.00 40.36  ? 201 THR B C   1 
ATOM 1550 O O   . THR B 2 93  ? 13.436  -3.970  4.678   1.00 44.17  ? 201 THR B O   1 
ATOM 1551 C CB  . THR B 2 93  ? 16.074  -5.466  4.904   1.00 49.48  ? 201 THR B CB  1 
ATOM 1552 O OG1 . THR B 2 93  ? 17.487  -5.204  4.836   1.00 53.66  ? 201 THR B OG1 1 
ATOM 1553 C CG2 . THR B 2 93  ? 15.858  -6.936  5.029   1.00 47.73  ? 201 THR B CG2 1 
ATOM 1554 N N   . GLY B 2 94  ? 13.066  -5.739  3.413   1.00 35.16  ? 202 GLY B N   1 
ATOM 1555 C CA  . GLY B 2 94  ? 11.664  -5.687  3.756   1.00 34.75  ? 202 GLY B CA  1 
ATOM 1556 C C   . GLY B 2 94  ? 10.886  -6.586  2.852   1.00 29.27  ? 202 GLY B C   1 
ATOM 1557 O O   . GLY B 2 94  ? 11.480  -7.392  2.136   1.00 28.99  ? 202 GLY B O   1 
ATOM 1558 N N   . ILE B 2 95  ? 9.569   -6.458  2.895   1.00 28.95  ? 203 ILE B N   1 
ATOM 1559 C CA  . ILE B 2 95  ? 8.694   -7.214  2.020   1.00 27.35  ? 203 ILE B CA  1 
ATOM 1560 C C   . ILE B 2 95  ? 8.168   -6.313  0.905   1.00 21.28  ? 203 ILE B C   1 
ATOM 1561 O O   . ILE B 2 95  ? 7.597   -5.262  1.170   1.00 20.23  ? 203 ILE B O   1 
ATOM 1562 C CB  . ILE B 2 95  ? 7.513   -7.721  2.790   1.00 31.52  ? 203 ILE B CB  1 
ATOM 1563 C CG1 . ILE B 2 95  ? 8.018   -8.394  4.064   1.00 38.18  ? 203 ILE B CG1 1 
ATOM 1564 C CG2 . ILE B 2 95  ? 6.660   -8.584  1.923   1.00 31.25  ? 203 ILE B CG2 1 
ATOM 1565 C CD1 . ILE B 2 95  ? 7.370   -9.722  4.456   1.00 45.68  ? 203 ILE B CD1 1 
ATOM 1566 N N   . TYR B 2 96  ? 8.328   -6.709  -0.343  1.00 19.24  ? 204 TYR B N   1 
ATOM 1567 C CA  . TYR B 2 96  ? 7.871   -5.869  -1.416  1.00 15.85  ? 204 TYR B CA  1 
ATOM 1568 C C   . TYR B 2 96  ? 6.539   -6.294  -1.928  1.00 15.82  ? 204 TYR B C   1 
ATOM 1569 O O   . TYR B 2 96  ? 6.360   -7.422  -2.332  1.00 20.06  ? 204 TYR B O   1 
ATOM 1570 C CB  . TYR B 2 96  ? 8.897   -5.830  -2.522  1.00 15.29  ? 204 TYR B CB  1 
ATOM 1571 C CG  . TYR B 2 96  ? 10.130  -5.094  -2.089  1.00 16.37  ? 204 TYR B CG  1 
ATOM 1572 C CD1 . TYR B 2 96  ? 10.953  -5.636  -1.128  1.00 19.57  ? 204 TYR B CD1 1 
ATOM 1573 C CD2 . TYR B 2 96  ? 10.459  -3.849  -2.612  1.00 15.97  ? 204 TYR B CD2 1 
ATOM 1574 C CE1 . TYR B 2 96  ? 12.074  -4.970  -0.698  1.00 22.64  ? 204 TYR B CE1 1 
ATOM 1575 C CE2 . TYR B 2 96  ? 11.582  -3.179  -2.179  1.00 20.05  ? 204 TYR B CE2 1 
ATOM 1576 C CZ  . TYR B 2 96  ? 12.394  -3.763  -1.216  1.00 24.15  ? 204 TYR B CZ  1 
ATOM 1577 O OH  . TYR B 2 96  ? 13.575  -3.243  -0.789  1.00 29.03  ? 204 TYR B OH  1 
ATOM 1578 N N   . TYR B 2 97  ? 5.569   -5.411  -1.794  1.00 14.90  ? 205 TYR B N   1 
ATOM 1579 C CA  . TYR B 2 97  ? 4.221   -5.653  -2.252  1.00 17.17  ? 205 TYR B CA  1 
ATOM 1580 C C   . TYR B 2 97  ? 4.107   -5.118  -3.643  1.00 14.68  ? 205 TYR B C   1 
ATOM 1581 O O   . TYR B 2 97  ? 4.721   -4.133  -3.963  1.00 11.41  ? 205 TYR B O   1 
ATOM 1582 C CB  . TYR B 2 97  ? 3.273   -4.932  -1.338  1.00 18.01  ? 205 TYR B CB  1 
ATOM 1583 C CG  . TYR B 2 97  ? 3.359   -5.439  0.086   1.00 20.81  ? 205 TYR B CG  1 
ATOM 1584 C CD1 . TYR B 2 97  ? 3.156   -6.774  0.377   1.00 24.52  ? 205 TYR B CD1 1 
ATOM 1585 C CD2 . TYR B 2 97  ? 3.571   -4.570  1.138   1.00 20.51  ? 205 TYR B CD2 1 
ATOM 1586 C CE1 . TYR B 2 97  ? 3.154   -7.228  1.672   1.00 26.73  ? 205 TYR B CE1 1 
ATOM 1587 C CE2 . TYR B 2 97  ? 3.570   -5.012  2.456   1.00 23.39  ? 205 TYR B CE2 1 
ATOM 1588 C CZ  . TYR B 2 97  ? 3.353   -6.347  2.718   1.00 25.87  ? 205 TYR B CZ  1 
ATOM 1589 O OH  . TYR B 2 97  ? 3.293   -6.803  4.017   1.00 29.02  ? 205 TYR B OH  1 
ATOM 1590 N N   . CYS B 2 98  ? 3.352   -5.792  -4.485  1.00 17.90  ? 206 CYS B N   1 
ATOM 1591 C CA  . CYS B 2 98  ? 3.248   -5.424  -5.889  1.00 17.69  ? 206 CYS B CA  1 
ATOM 1592 C C   . CYS B 2 98  ? 1.775   -5.162  -6.072  1.00 20.40  ? 206 CYS B C   1 
ATOM 1593 O O   . CYS B 2 98  ? 0.964   -6.083  -5.912  1.00 25.61  ? 206 CYS B O   1 
ATOM 1594 C CB  . CYS B 2 98  ? 3.766   -6.583  -6.758  1.00 20.43  ? 206 CYS B CB  1 
ATOM 1595 S SG  . CYS B 2 98  ? 2.779   -7.008  -8.214  1.00 25.53  ? 206 CYS B SG  1 
ATOM 1596 N N   . VAL B 2 99  ? 1.425   -3.892  -6.264  1.00 18.44  ? 207 VAL B N   1 
ATOM 1597 C CA  . VAL B 2 99  ? 0.034   -3.459  -6.316  1.00 20.71  ? 207 VAL B CA  1 
ATOM 1598 C C   . VAL B 2 99  ? -0.260  -2.730  -7.593  1.00 20.05  ? 207 VAL B C   1 
ATOM 1599 O O   . VAL B 2 99  ? 0.419   -1.777  -7.923  1.00 16.87  ? 207 VAL B O   1 
ATOM 1600 C CB  . VAL B 2 99  ? -0.313  -2.531  -5.142  1.00 19.49  ? 207 VAL B CB  1 
ATOM 1601 C CG1 . VAL B 2 99  ? 0.895   -1.753  -4.740  1.00 15.26  ? 207 VAL B CG1 1 
ATOM 1602 C CG2 . VAL B 2 99  ? -1.407  -1.541  -5.542  1.00 19.85  ? 207 VAL B CG2 1 
ATOM 1603 N N   . LEU B 2 100 ? -1.310  -3.153  -8.277  1.00 23.21  ? 208 LEU B N   1 
ATOM 1604 C CA  . LEU B 2 100 ? -1.691  -2.529  -9.518  1.00 22.59  ? 208 LEU B CA  1 
ATOM 1605 C C   . LEU B 2 100 ? -3.123  -2.002  -9.424  1.00 24.24  ? 208 LEU B C   1 
ATOM 1606 O O   . LEU B 2 100 ? -4.007  -2.692  -8.904  1.00 28.91  ? 208 LEU B O   1 
ATOM 1607 C CB  . LEU B 2 100 ? -1.539  -3.530  -10.654 1.00 25.71  ? 208 LEU B CB  1 
ATOM 1608 C CG  . LEU B 2 100 ? -2.590  -4.611  -10.866 1.00 30.58  ? 208 LEU B CG  1 
ATOM 1609 C CD1 . LEU B 2 100 ? -3.879  -4.100  -11.575 1.00 34.02  ? 208 LEU B CD1 1 
ATOM 1610 C CD2 . LEU B 2 100 ? -1.944  -5.647  -11.722 1.00 32.43  ? 208 LEU B CD2 1 
ATOM 1611 N N   . ARG B 2 101 ? -3.340  -0.772  -9.878  1.00 35.82  ? 209 ARG B N   1 
ATOM 1612 C CA  . ARG B 2 101 ? -4.663  -0.188  -9.868  1.00 38.84  ? 209 ARG B CA  1 
ATOM 1613 C C   . ARG B 2 101 ? -4.951  0.296   -11.249 1.00 56.81  ? 209 ARG B C   1 
ATOM 1614 O O   . ARG B 2 101 ? -4.041  0.688   -11.973 1.00 70.14  ? 209 ARG B O   1 
ATOM 1615 C CB  . ARG B 2 101 ? -4.774  1.004   -8.914  1.00 59.17  ? 209 ARG B CB  1 
ATOM 1616 C CG  . ARG B 2 101 ? -5.939  1.992   -9.220  1.00 74.52  ? 209 ARG B CG  1 
ATOM 1617 C CD  . ARG B 2 101 ? -7.297  1.416   -8.917  1.00 52.80  ? 209 ARG B CD  1 
ATOM 1618 N NE  . ARG B 2 101 ? -8.415  2.335   -9.156  1.00 74.28  ? 209 ARG B NE  1 
ATOM 1619 C CZ  . ARG B 2 101 ? -9.223  2.810   -8.200  1.00 91.33  ? 209 ARG B CZ  1 
ATOM 1620 N NH1 . ARG B 2 101 ? -9.011  2.512   -6.934  1.00 92.19  ? 209 ARG B NH1 1 
ATOM 1621 N NH2 . ARG B 2 101 ? -10.233 3.622   -8.488  1.00 98.10  ? 209 ARG B NH2 1 
ATOM 1622 N N   . PRO B 2 102 ? -6.198  0.151   -11.685 1.00 40.95  ? 210 PRO B N   1 
ATOM 1623 C CA  . PRO B 2 102 ? -6.594  0.600   -13.009 1.00 51.00  ? 210 PRO B CA  1 
ATOM 1624 C C   . PRO B 2 102 ? -7.289  1.952   -12.890 1.00 36.81  ? 210 PRO B C   1 
ATOM 1625 O O   . PRO B 2 102 ? -7.878  2.289   -11.857 1.00 59.65  ? 210 PRO B O   1 
ATOM 1626 C CB  . PRO B 2 102 ? -7.538  -0.485  -13.439 1.00 67.22  ? 210 PRO B CB  1 
ATOM 1627 C CG  . PRO B 2 102 ? -8.254  -0.754  -12.171 1.00 57.45  ? 210 PRO B CG  1 
ATOM 1628 C CD  . PRO B 2 102 ? -7.132  -0.871  -11.195 1.00 42.56  ? 210 PRO B CD  1 
ATOM 1629 N N   . LEU B 2 103 ? -7.144  2.745   -13.946 1.00 63.32  ? 211 LEU B N   1 
ATOM 1630 C CA  . LEU B 2 103 ? -7.707  4.086   -13.999 1.00 83.73  ? 211 LEU B CA  1 
ATOM 1631 C C   . LEU B 2 103 ? -9.138  4.180   -14.543 1.00 100.00 ? 211 LEU B C   1 
ATOM 1632 O O   . LEU B 2 103 ? -9.448  5.034   -15.387 1.00 100.00 ? 211 LEU B O   1 
ATOM 1633 C CB  . LEU B 2 103 ? -6.756  4.997   -14.742 1.00 88.59  ? 211 LEU B CB  1 
ATOM 1634 C CG  . LEU B 2 103 ? -5.583  5.078   -13.751 1.00 95.55  ? 211 LEU B CG  1 
ATOM 1635 C CD1 . LEU B 2 103 ? -4.227  5.334   -14.450 1.00 82.62  ? 211 LEU B CD1 1 
ATOM 1636 C CD2 . LEU B 2 103 ? -5.849  6.119   -12.672 1.00 100.00 ? 211 LEU B CD2 1 
ATOM 1637 N N   . PHE B 2 104 ? -10.001 3.298   -14.025 1.00 100.00 ? 212 PHE B N   1 
ATOM 1638 C CA  . PHE B 2 104 ? -11.438 3.343   -14.250 1.00 100.00 ? 212 PHE B CA  1 
ATOM 1639 C C   . PHE B 2 104 ? -11.768 4.603   -13.519 1.00 100.00 ? 212 PHE B C   1 
ATOM 1640 O O   . PHE B 2 104 ? -10.922 5.139   -12.827 1.00 100.00 ? 212 PHE B O   1 
ATOM 1641 C CB  . PHE B 2 104 ? -12.121 2.165   -13.518 1.00 100.00 ? 212 PHE B CB  1 
ATOM 1642 C CG  . PHE B 2 104 ? -11.818 0.810   -14.145 1.00 100.00 ? 212 PHE B CG  1 
ATOM 1643 C CD1 . PHE B 2 104 ? -10.609 0.151   -13.885 1.00 100.00 ? 212 PHE B CD1 1 
ATOM 1644 C CD2 . PHE B 2 104 ? -12.659 0.275   -15.118 1.00 100.00 ? 212 PHE B CD2 1 
ATOM 1645 C CE1 . PHE B 2 104 ? -10.228 -1.019  -14.594 1.00 99.51  ? 212 PHE B CE1 1 
ATOM 1646 C CE2 . PHE B 2 104 ? -12.283 -0.876  -15.826 1.00 100.00 ? 212 PHE B CE2 1 
ATOM 1647 C CZ  . PHE B 2 104 ? -11.047 -1.526  -15.554 1.00 100.00 ? 212 PHE B CZ  1 
ATOM 1648 N N   . TYR B 2 105 ? -12.974 5.109   -13.627 1.00 100.00 ? 213 TYR B N   1 
ATOM 1649 C CA  . TYR B 2 105 ? -13.198 6.290   -12.806 1.00 100.00 ? 213 TYR B CA  1 
ATOM 1650 C C   . TYR B 2 105 ? -13.040 5.818   -11.423 1.00 100.00 ? 213 TYR B C   1 
ATOM 1651 O O   . TYR B 2 105 ? -12.186 6.306   -10.708 1.00 100.00 ? 213 TYR B O   1 
ATOM 1652 C CB  . TYR B 2 105 ? -14.579 6.890   -12.901 1.00 100.00 ? 213 TYR B CB  1 
ATOM 1653 C CG  . TYR B 2 105 ? -14.534 8.347   -12.514 1.00 100.00 ? 213 TYR B CG  1 
ATOM 1654 C CD1 . TYR B 2 105 ? -13.600 9.218   -13.132 1.00 100.00 ? 213 TYR B CD1 1 
ATOM 1655 C CD2 . TYR B 2 105 ? -15.406 8.887   -11.549 1.00 100.00 ? 213 TYR B CD2 1 
ATOM 1656 C CE1 . TYR B 2 105 ? -13.542 10.623  -12.785 1.00 100.00 ? 213 TYR B CE1 1 
ATOM 1657 C CE2 . TYR B 2 105 ? -15.359 10.286  -11.203 1.00 100.00 ? 213 TYR B CE2 1 
ATOM 1658 C CZ  . TYR B 2 105 ? -14.415 11.139  -11.811 1.00 100.00 ? 213 TYR B CZ  1 
ATOM 1659 O OH  . TYR B 2 105 ? -14.350 12.492  -11.475 1.00 100.00 ? 213 TYR B OH  1 
ATOM 1660 N N   . TYR B 2 106 ? -13.846 4.831   -11.051 1.00 100.00 ? 214 TYR B N   1 
ATOM 1661 C CA  . TYR B 2 106 ? -13.708 4.228   -9.740  1.00 100.00 ? 214 TYR B CA  1 
ATOM 1662 C C   . TYR B 2 106 ? -13.811 2.750   -9.594  1.00 100.00 ? 214 TYR B C   1 
ATOM 1663 O O   . TYR B 2 106 ? -14.613 2.053   -10.233 1.00 100.00 ? 214 TYR B O   1 
ATOM 1664 C CB  . TYR B 2 106 ? -14.607 4.863   -8.686  1.00 100.00 ? 214 TYR B CB  1 
ATOM 1665 C CG  . TYR B 2 106 ? -13.804 5.693   -7.737  1.00 100.00 ? 214 TYR B CG  1 
ATOM 1666 C CD1 . TYR B 2 106 ? -12.430 5.475   -7.596  1.00 100.00 ? 214 TYR B CD1 1 
ATOM 1667 C CD2 . TYR B 2 106 ? -14.370 6.798   -7.093  1.00 100.00 ? 214 TYR B CD2 1 
ATOM 1668 C CE1 . TYR B 2 106 ? -11.617 6.364   -6.843  1.00 100.00 ? 214 TYR B CE1 1 
ATOM 1669 C CE2 . TYR B 2 106 ? -13.575 7.710   -6.333  1.00 100.00 ? 214 TYR B CE2 1 
ATOM 1670 C CZ  . TYR B 2 106 ? -12.196 7.492   -6.213  1.00 100.00 ? 214 TYR B CZ  1 
ATOM 1671 O OH  . TYR B 2 106 ? -11.399 8.368   -5.466  1.00 99.95  ? 214 TYR B OH  1 
ATOM 1672 N N   . ALA B 2 107 ? -12.944 2.302   -8.704  1.00 100.00 ? 215 ALA B N   1 
ATOM 1673 C CA  . ALA B 2 107 ? -12.934 0.956   -8.200  1.00 100.00 ? 215 ALA B CA  1 
ATOM 1674 C C   . ALA B 2 107 ? -11.727 1.083   -7.291  1.00 99.50  ? 215 ALA B C   1 
ATOM 1675 O O   . ALA B 2 107 ? -11.440 2.198   -6.849  1.00 93.25  ? 215 ALA B O   1 
ATOM 1676 C CB  . ALA B 2 107 ? -12.743 -0.105  -9.339  1.00 100.00 ? 215 ALA B CB  1 
ATOM 1677 N N   . VAL B 2 108 ? -11.030 -0.005  -7.012  1.00 99.32  ? 216 VAL B N   1 
ATOM 1678 C CA  . VAL B 2 108 ? -9.990  0.055   -6.025  1.00 94.00  ? 216 VAL B CA  1 
ATOM 1679 C C   . VAL B 2 108 ? -8.911  -0.718  -6.666  1.00 85.35  ? 216 VAL B C   1 
ATOM 1680 O O   . VAL B 2 108 ? -9.162  -1.436  -7.614  1.00 87.57  ? 216 VAL B O   1 
ATOM 1681 C CB  . VAL B 2 108 ? -10.459 -0.617  -4.695  1.00 92.87  ? 216 VAL B CB  1 
ATOM 1682 C CG1 . VAL B 2 108 ? -10.990 -2.029  -4.986  1.00 97.84  ? 216 VAL B CG1 1 
ATOM 1683 C CG2 . VAL B 2 108 ? -9.343  -0.640  -3.602  1.00 61.36  ? 216 VAL B CG2 1 
ATOM 1684 N N   . ASP B 2 109 ? -7.715  -0.542  -6.128  1.00 67.95  ? 217 ASP B N   1 
ATOM 1685 C CA  . ASP B 2 109 ? -6.467  -1.147  -6.586  1.00 45.32  ? 217 ASP B CA  1 
ATOM 1686 C C   . ASP B 2 109 ? -6.385  -2.530  -6.044  1.00 52.94  ? 217 ASP B C   1 
ATOM 1687 O O   . ASP B 2 109 ? -7.149  -2.898  -5.175  1.00 70.07  ? 217 ASP B O   1 
ATOM 1688 C CB  . ASP B 2 109 ? -5.287  -0.355  -6.024  1.00 27.63  ? 217 ASP B CB  1 
ATOM 1689 C CG  . ASP B 2 109 ? -5.205  -0.418  -4.500  1.00 25.97  ? 217 ASP B CG  1 
ATOM 1690 O OD1 . ASP B 2 109 ? -6.257  -0.467  -3.811  1.00 31.94  ? 217 ASP B OD1 1 
ATOM 1691 O OD2 . ASP B 2 109 ? -4.070  -0.399  -3.994  1.00 19.54  ? 217 ASP B OD2 1 
ATOM 1692 N N   . TYR B 2 110 ? -5.384  -3.266  -6.451  1.00 38.06  ? 218 TYR B N   1 
ATOM 1693 C CA  . TYR B 2 110 ? -5.258  -4.589  -5.932  1.00 41.00  ? 218 TYR B CA  1 
ATOM 1694 C C   . TYR B 2 110 ? -3.880  -4.696  -5.375  1.00 35.94  ? 218 TYR B C   1 
ATOM 1695 O O   . TYR B 2 110 ? -3.053  -3.836  -5.610  1.00 29.48  ? 218 TYR B O   1 
ATOM 1696 C CB  . TYR B 2 110 ? -5.450  -5.591  -7.039  1.00 46.01  ? 218 TYR B CB  1 
ATOM 1697 C CG  . TYR B 2 110 ? -6.728  -5.383  -7.788  1.00 51.53  ? 218 TYR B CG  1 
ATOM 1698 C CD1 . TYR B 2 110 ? -6.779  -4.544  -8.892  1.00 47.87  ? 218 TYR B CD1 1 
ATOM 1699 C CD2 . TYR B 2 110 ? -7.899  -6.001  -7.385  1.00 61.63  ? 218 TYR B CD2 1 
ATOM 1700 C CE1 . TYR B 2 110 ? -7.945  -4.332  -9.563  1.00 63.15  ? 218 TYR B CE1 1 
ATOM 1701 C CE2 . TYR B 2 110 ? -9.076  -5.783  -8.055  1.00 73.36  ? 218 TYR B CE2 1 
ATOM 1702 C CZ  . TYR B 2 110 ? -9.086  -4.948  -9.143  1.00 73.96  ? 218 TYR B CZ  1 
ATOM 1703 O OH  . TYR B 2 110 ? -10.280 -4.766  -9.785  1.00 85.33  ? 218 TYR B OH  1 
ATOM 1704 N N   . TRP B 2 111 ? -3.622  -5.762  -4.640  1.00 39.14  ? 219 TRP B N   1 
ATOM 1705 C CA  . TRP B 2 111 ? -2.336  -5.990  -4.031  1.00 35.36  ? 219 TRP B CA  1 
ATOM 1706 C C   . TRP B 2 111 ? -2.122  -7.484  -4.174  1.00 42.51  ? 219 TRP B C   1 
ATOM 1707 O O   . TRP B 2 111 ? -3.067  -8.207  -4.526  1.00 51.15  ? 219 TRP B O   1 
ATOM 1708 C CB  . TRP B 2 111 ? -2.398  -5.638  -2.548  1.00 33.39  ? 219 TRP B CB  1 
ATOM 1709 C CG  . TRP B 2 111 ? -2.374  -4.171  -2.222  1.00 27.82  ? 219 TRP B CG  1 
ATOM 1710 C CD1 . TRP B 2 111 ? -3.327  -3.235  -2.531  1.00 26.38  ? 219 TRP B CD1 1 
ATOM 1711 C CD2 . TRP B 2 111 ? -1.372  -3.486  -1.481  1.00 22.94  ? 219 TRP B CD2 1 
ATOM 1712 N NE1 . TRP B 2 111 ? -2.968  -2.016  -2.016  1.00 21.17  ? 219 TRP B NE1 1 
ATOM 1713 C CE2 . TRP B 2 111 ? -1.773  -2.150  -1.368  1.00 20.10  ? 219 TRP B CE2 1 
ATOM 1714 C CE3 . TRP B 2 111 ? -0.177  -3.879  -0.889  1.00 21.96  ? 219 TRP B CE3 1 
ATOM 1715 C CZ2 . TRP B 2 111 ? -1.022  -1.211  -0.693  1.00 17.82  ? 219 TRP B CZ2 1 
ATOM 1716 C CZ3 . TRP B 2 111 ? 0.570   -2.937  -0.213  1.00 19.36  ? 219 TRP B CZ3 1 
ATOM 1717 C CH2 . TRP B 2 111 ? 0.145   -1.619  -0.119  1.00 18.00  ? 219 TRP B CH2 1 
ATOM 1718 N N   . GLY B 2 112 ? -0.882  -7.917  -3.953  1.00 39.97  ? 220 GLY B N   1 
ATOM 1719 C CA  . GLY B 2 112 ? -0.522  -9.323  -3.994  1.00 46.55  ? 220 GLY B CA  1 
ATOM 1720 C C   . GLY B 2 112 ? -0.094  -9.728  -2.599  1.00 47.08  ? 220 GLY B C   1 
ATOM 1721 O O   . GLY B 2 112 ? -0.645  -9.218  -1.643  1.00 44.21  ? 220 GLY B O   1 
ATOM 1722 N N   . GLN B 2 113 ? 0.932   -10.561 -2.452  1.00 48.65  ? 221 GLN B N   1 
ATOM 1723 C CA  . GLN B 2 113 ? 1.328   -10.956 -1.107  1.00 48.85  ? 221 GLN B CA  1 
ATOM 1724 C C   . GLN B 2 113 ? 2.773   -10.681 -0.650  1.00 43.56  ? 221 GLN B C   1 
ATOM 1725 O O   . GLN B 2 113 ? 3.058   -10.691 0.553   1.00 42.35  ? 221 GLN B O   1 
ATOM 1726 C CB  . GLN B 2 113 ? 0.925   -12.407 -0.862  1.00 60.62  ? 221 GLN B CB  1 
ATOM 1727 C CG  . GLN B 2 113 ? -0.313  -12.585 0.085   1.00 61.42  ? 221 GLN B CG  1 
ATOM 1728 C CD  . GLN B 2 113 ? -1.681  -12.737 -0.625  1.00 70.99  ? 221 GLN B CD  1 
ATOM 1729 O OE1 . GLN B 2 113 ? -2.518  -11.828 -0.598  1.00 66.71  ? 221 GLN B OE1 1 
ATOM 1730 N NE2 . GLN B 2 113 ? -1.934  -13.922 -1.166  1.00 84.71  ? 221 GLN B NE2 1 
ATOM 1731 N N   . GLY B 2 114 ? 3.680   -10.448 -1.598  1.00 40.80  ? 222 GLY B N   1 
ATOM 1732 C CA  . GLY B 2 114 ? 5.065   -10.096 -1.274  1.00 36.13  ? 222 GLY B CA  1 
ATOM 1733 C C   . GLY B 2 114 ? 6.102   -11.213 -1.310  1.00 41.49  ? 222 GLY B C   1 
ATOM 1734 O O   . GLY B 2 114 ? 5.831   -12.311 -1.768  1.00 48.78  ? 222 GLY B O   1 
ATOM 1735 N N   . THR B 2 115 ? 7.298   -10.892 -0.824  1.00 39.03  ? 223 THR B N   1 
ATOM 1736 C CA  . THR B 2 115 ? 8.434   -11.813 -0.659  1.00 52.06  ? 223 THR B CA  1 
ATOM 1737 C C   . THR B 2 115 ? 9.506   -11.070 0.156   1.00 49.31  ? 223 THR B C   1 
ATOM 1738 O O   . THR B 2 115 ? 9.704   -9.888  -0.050  1.00 29.80  ? 223 THR B O   1 
ATOM 1739 C CB  . THR B 2 115 ? 9.093   -12.132 -1.990  1.00 42.06  ? 223 THR B CB  1 
ATOM 1740 O OG1 . THR B 2 115 ? 9.010   -10.989 -2.852  1.00 31.64  ? 223 THR B OG1 1 
ATOM 1741 C CG2 . THR B 2 115 ? 8.476   -13.341 -2.606  1.00 48.64  ? 223 THR B CG2 1 
ATOM 1742 N N   . SER B 2 116 ? 10.237  -11.747 1.035   1.00 75.72  ? 224 SER B N   1 
ATOM 1743 C CA  . SER B 2 116 ? 11.283  -11.046 1.786   1.00 73.96  ? 224 SER B CA  1 
ATOM 1744 C C   . SER B 2 116 ? 12.533  -10.758 0.953   1.00 80.95  ? 224 SER B C   1 
ATOM 1745 O O   . SER B 2 116 ? 12.860  -11.486 0.032   1.00 63.55  ? 224 SER B O   1 
ATOM 1746 C CB  . SER B 2 116 ? 11.687  -11.827 3.045   1.00 86.58  ? 224 SER B CB  1 
ATOM 1747 O OG  . SER B 2 116 ? 12.748  -11.171 3.752   1.00 80.98  ? 224 SER B OG  1 
ATOM 1748 N N   . VAL B 2 117 ? 13.193  -9.653  1.237   1.00 62.42  ? 225 VAL B N   1 
ATOM 1749 C CA  . VAL B 2 117 ? 14.469  -9.351  0.632   1.00 38.30  ? 225 VAL B CA  1 
ATOM 1750 C C   . VAL B 2 117 ? 15.302  -9.023  1.872   1.00 37.12  ? 225 VAL B C   1 
ATOM 1751 O O   . VAL B 2 117 ? 14.868  -8.289  2.751   1.00 33.30  ? 225 VAL B O   1 
ATOM 1752 C CB  . VAL B 2 117 ? 14.386  -8.170  -0.368  1.00 25.21  ? 225 VAL B CB  1 
ATOM 1753 C CG1 . VAL B 2 117 ? 15.766  -7.748  -0.803  1.00 25.97  ? 225 VAL B CG1 1 
ATOM 1754 C CG2 . VAL B 2 117 ? 13.604  -8.593  -1.588  1.00 22.94  ? 225 VAL B CG2 1 
ATOM 1755 N N   . THR B 2 118 ? 16.474  -9.619  1.977   1.00 41.38  ? 226 THR B N   1 
ATOM 1756 C CA  . THR B 2 118 ? 17.299  -9.475  3.162   1.00 43.76  ? 226 THR B CA  1 
ATOM 1757 C C   . THR B 2 118 ? 18.703  -9.085  2.753   1.00 36.99  ? 226 THR B C   1 
ATOM 1758 O O   . THR B 2 118 ? 19.427  -9.829  2.086   1.00 38.61  ? 226 THR B O   1 
ATOM 1759 C CB  . THR B 2 118 ? 17.370  -10.803 3.952   1.00 74.77  ? 226 THR B CB  1 
ATOM 1760 O OG1 . THR B 2 118 ? 16.041  -11.288 4.270   1.00 95.40  ? 226 THR B OG1 1 
ATOM 1761 C CG2 . THR B 2 118 ? 18.183  -10.606 5.193   1.00 78.75  ? 226 THR B CG2 1 
ATOM 1762 N N   . VAL B 2 119 ? 19.065  -7.877  3.141   1.00 41.48  ? 227 VAL B N   1 
ATOM 1763 C CA  . VAL B 2 119 ? 20.374  -7.328  2.836   1.00 44.58  ? 227 VAL B CA  1 
ATOM 1764 C C   . VAL B 2 119 ? 21.140  -7.566  4.113   1.00 57.58  ? 227 VAL B C   1 
ATOM 1765 O O   . VAL B 2 119 ? 20.842  -6.995  5.153   1.00 61.79  ? 227 VAL B O   1 
ATOM 1766 C CB  . VAL B 2 119 ? 20.304  -5.780  2.492   1.00 46.76  ? 227 VAL B CB  1 
ATOM 1767 C CG1 . VAL B 2 119 ? 21.719  -5.193  2.322   1.00 52.68  ? 227 VAL B CG1 1 
ATOM 1768 C CG2 . VAL B 2 119 ? 19.477  -5.534  1.205   1.00 39.70  ? 227 VAL B CG2 1 
ATOM 1769 N N   . SER B 2 120 ? 22.034  -8.532  4.056   1.00 69.01  ? 228 SER B N   1 
ATOM 1770 C CA  . SER B 2 120 ? 22.849  -8.820  5.193   1.00 74.94  ? 228 SER B CA  1 
ATOM 1771 C C   . SER B 2 120 ? 24.182  -9.274  4.693   1.00 67.79  ? 228 SER B C   1 
ATOM 1772 O O   . SER B 2 120 ? 24.332  -9.735  3.586   1.00 66.81  ? 228 SER B O   1 
ATOM 1773 C CB  . SER B 2 120 ? 22.199  -9.855  6.086   1.00 90.50  ? 228 SER B CB  1 
ATOM 1774 O OG  . SER B 2 120 ? 22.664  -9.691  7.426   1.00 97.15  ? 228 SER B OG  1 
ATOM 1775 N N   . SER B 2 121 ? 25.171  -9.054  5.506   1.00 76.10  ? 229 SER B N   1 
ATOM 1776 C CA  . SER B 2 121 ? 26.534  -9.277  5.112   1.00 78.30  ? 229 SER B CA  1 
ATOM 1777 C C   . SER B 2 121 ? 26.905  -10.744 5.292   1.00 87.10  ? 229 SER B C   1 
ATOM 1778 O O   . SER B 2 121 ? 27.831  -11.276 4.635   1.00 84.56  ? 229 SER B O   1 
ATOM 1779 C CB  . SER B 2 121 ? 27.392  -8.406  6.021   1.00 88.59  ? 229 SER B CB  1 
ATOM 1780 O OG  . SER B 2 121 ? 26.586  -7.600  6.909   1.00 91.85  ? 229 SER B OG  1 
ATOM 1781 N N   . ALA B 2 122 ? 26.153  -11.364 6.200   1.00 92.89  ? 230 ALA B N   1 
ATOM 1782 C CA  . ALA B 2 122 ? 26.321  -12.735 6.654   1.00 98.87  ? 230 ALA B CA  1 
ATOM 1783 C C   . ALA B 2 122 ? 26.183  -13.828 5.591   1.00 95.92  ? 230 ALA B C   1 
ATOM 1784 O O   . ALA B 2 122 ? 26.280  -13.555 4.389   1.00 88.52  ? 230 ALA B O   1 
ATOM 1785 C CB  . ALA B 2 122 ? 25.324  -12.976 7.760   1.00 99.41  ? 230 ALA B CB  1 
# 
